data_3B8I
#
_entry.id   3B8I
#
_cell.length_a   260.065
_cell.length_b   83.835
_cell.length_c   104.874
_cell.angle_alpha   90.00
_cell.angle_beta   112.14
_cell.angle_gamma   90.00
#
_symmetry.space_group_name_H-M   'C 1 2 1'
#
loop_
_entity.id
_entity.type
_entity.pdbx_description
1 polymer 'PA4872 oxaloacetate decarboxylase'
2 non-polymer 'MAGNESIUM ION'
3 non-polymer 'OXALATE ION'
4 non-polymer GLYCEROL
5 water water
#
_entity_poly.entity_id   1
_entity_poly.type   'polypeptide(L)'
_entity_poly.pdbx_seq_one_letter_code
;MHRASHHELRAMFRALLDSSRCYHTASVFDPMSARIAADLGFECGILGGSVASLQVLAAPDFALITLSEFVEQATRIGRV
ARLPVIADADHGYGNALNVMRTVVELERAGIAALTIEDTLLPAQFGRKSTDLICVEEGVGKIRAALEARVDPALTIIART
NAELIDVDAVIQRTLAYQEAGADGICLVGVRDFAHLEAIAEHLHIPLMLVTYGNPQLRDDARLARLGVRVVVNGHAAYFA
AIKATYDCLREERGAVASDLTASELSKKYTFPEEYQAWARDYMEVKE
;
_entity_poly.pdbx_strand_id   A,B,C,D,E,F
#
loop_
_chem_comp.id
_chem_comp.type
_chem_comp.name
_chem_comp.formula
GOL non-polymer GLYCEROL 'C3 H8 O3'
MG non-polymer 'MAGNESIUM ION' 'Mg 2'
OXL non-polymer 'OXALATE ION' 'C2 O4 -2'
#
# COMPACT_ATOMS: atom_id res chain seq x y z
N ARG A 3 -8.26 9.78 -5.39
CA ARG A 3 -8.82 9.57 -4.01
C ARG A 3 -9.80 8.37 -3.93
N ALA A 4 -10.96 8.41 -4.59
CA ALA A 4 -11.95 7.30 -4.44
C ALA A 4 -11.46 5.96 -5.02
N SER A 5 -11.35 4.95 -4.18
CA SER A 5 -11.07 3.59 -4.65
C SER A 5 -12.25 3.01 -5.45
N HIS A 6 -12.00 1.90 -6.14
CA HIS A 6 -13.03 1.22 -6.93
C HIS A 6 -14.22 0.82 -6.10
N HIS A 7 -13.93 0.37 -4.88
CA HIS A 7 -14.93 0.07 -3.87
C HIS A 7 -15.75 1.30 -3.40
N GLU A 8 -15.05 2.38 -3.07
CA GLU A 8 -15.68 3.66 -2.75
C GLU A 8 -16.56 4.19 -3.88
N LEU A 9 -16.14 4.01 -5.11
CA LEU A 9 -17.00 4.42 -6.23
C LEU A 9 -18.32 3.64 -6.25
N ARG A 10 -18.30 2.39 -5.77
CA ARG A 10 -19.47 1.54 -5.85
C ARG A 10 -20.49 1.95 -4.82
N ALA A 11 -19.99 2.34 -3.64
CA ALA A 11 -20.84 2.92 -2.60
C ALA A 11 -21.51 4.22 -3.05
N MET A 12 -20.79 5.05 -3.82
CA MET A 12 -21.35 6.28 -4.35
C MET A 12 -22.47 5.98 -5.34
N PHE A 13 -22.23 5.00 -6.22
CA PHE A 13 -23.30 4.53 -7.12
C PHE A 13 -24.51 4.04 -6.34
N ARG A 14 -24.29 3.16 -5.41
CA ARG A 14 -25.35 2.68 -4.56
C ARG A 14 -26.12 3.84 -3.88
N ALA A 15 -25.41 4.87 -3.42
CA ALA A 15 -26.13 6.01 -2.81
C ALA A 15 -27.04 6.78 -3.80
N LEU A 16 -26.61 6.92 -5.08
CA LEU A 16 -27.56 7.40 -6.13
C LEU A 16 -28.84 6.59 -6.24
N LEU A 17 -28.67 5.27 -6.33
CA LEU A 17 -29.75 4.29 -6.40
C LEU A 17 -30.71 4.41 -5.22
N ASP A 18 -30.15 4.67 -4.03
CA ASP A 18 -30.94 4.80 -2.78
C ASP A 18 -31.62 6.12 -2.53
N SER A 19 -31.26 7.12 -3.31
CA SER A 19 -31.85 8.43 -3.18
C SER A 19 -33.23 8.41 -3.87
N SER A 20 -33.88 9.57 -3.93
CA SER A 20 -35.22 9.71 -4.49
C SER A 20 -35.21 10.49 -5.84
N ARG A 21 -34.01 10.60 -6.44
CA ARG A 21 -33.83 11.28 -7.74
C ARG A 21 -33.32 10.34 -8.83
N CYS A 22 -33.54 10.76 -10.09
CA CYS A 22 -33.10 10.16 -11.38
C CYS A 22 -31.81 10.93 -11.82
N TYR A 23 -30.79 10.27 -12.32
CA TYR A 23 -29.57 10.94 -12.76
C TYR A 23 -29.26 10.65 -14.22
N HIS A 24 -28.69 11.59 -14.92
CA HIS A 24 -28.43 11.38 -16.35
C HIS A 24 -26.95 11.08 -16.50
N THR A 25 -26.63 9.95 -17.15
CA THR A 25 -25.25 9.53 -17.30
C THR A 25 -24.55 10.53 -18.19
N ALA A 26 -23.25 10.75 -17.95
CA ALA A 26 -22.36 11.24 -18.99
C ALA A 26 -21.85 10.03 -19.77
N SER A 27 -21.67 10.18 -21.08
CA SER A 27 -20.96 9.18 -21.90
C SER A 27 -19.43 9.20 -21.55
N VAL A 28 -18.91 8.13 -20.99
CA VAL A 28 -17.54 8.06 -20.52
C VAL A 28 -16.92 6.83 -21.15
N PHE A 29 -16.00 7.07 -22.06
CA PHE A 29 -15.51 6.02 -22.95
C PHE A 29 -13.98 5.89 -22.94
N ASP A 30 -13.28 6.83 -22.28
CA ASP A 30 -11.82 6.80 -22.15
C ASP A 30 -11.41 7.70 -21.00
N PRO A 31 -10.13 7.67 -20.57
CA PRO A 31 -9.76 8.49 -19.42
C PRO A 31 -9.99 10.03 -19.51
N MET A 32 -9.75 10.65 -20.66
CA MET A 32 -10.03 12.08 -20.83
C MET A 32 -11.53 12.41 -20.63
N SER A 33 -12.41 11.60 -21.19
CA SER A 33 -13.85 11.81 -21.03
C SER A 33 -14.26 11.57 -19.54
N ALA A 34 -13.62 10.63 -18.85
CA ALA A 34 -13.97 10.39 -17.44
C ALA A 34 -13.55 11.60 -16.59
N ARG A 35 -12.39 12.17 -16.88
CA ARG A 35 -11.91 13.41 -16.25
C ARG A 35 -12.81 14.62 -16.56
N ILE A 36 -13.27 14.72 -17.79
CA ILE A 36 -14.23 15.78 -18.17
C ILE A 36 -15.56 15.64 -17.40
N ALA A 37 -16.15 14.44 -17.42
CA ALA A 37 -17.43 14.19 -16.71
C ALA A 37 -17.34 14.49 -15.22
N ALA A 38 -16.26 14.06 -14.57
CA ALA A 38 -16.02 14.37 -13.15
C ALA A 38 -15.87 15.86 -12.86
N ASP A 39 -15.04 16.55 -13.63
CA ASP A 39 -14.89 18.02 -13.57
C ASP A 39 -16.22 18.73 -13.73
N LEU A 40 -17.04 18.27 -14.66
CA LEU A 40 -18.38 18.88 -14.85
C LEU A 40 -19.34 18.54 -13.72
N GLY A 41 -18.94 17.63 -12.85
CA GLY A 41 -19.79 17.27 -11.71
C GLY A 41 -20.80 16.16 -11.93
N PHE A 42 -20.72 15.47 -13.09
CA PHE A 42 -21.65 14.32 -13.35
C PHE A 42 -21.63 13.27 -12.21
N GLU A 43 -22.82 12.76 -11.82
CA GLU A 43 -22.92 11.83 -10.70
C GLU A 43 -22.45 10.44 -11.15
N CYS A 44 -22.66 10.09 -12.44
CA CYS A 44 -22.21 8.78 -12.96
C CYS A 44 -21.99 8.85 -14.48
N GLY A 45 -21.26 7.87 -15.03
CA GLY A 45 -20.94 7.77 -16.44
C GLY A 45 -21.30 6.42 -17.00
N ILE A 46 -21.23 6.29 -18.34
CA ILE A 46 -21.56 5.01 -18.97
C ILE A 46 -20.60 4.74 -20.10
N LEU A 47 -20.01 3.54 -20.05
CA LEU A 47 -19.16 3.06 -21.15
C LEU A 47 -20.05 2.18 -22.05
N GLY A 48 -20.36 2.67 -23.25
CA GLY A 48 -21.28 1.93 -24.15
C GLY A 48 -20.46 0.95 -24.99
N GLY A 49 -21.00 -0.25 -25.21
CA GLY A 49 -20.31 -1.19 -26.05
C GLY A 49 -20.19 -0.67 -27.47
N SER A 50 -21.23 0.04 -27.94
CA SER A 50 -21.24 0.67 -29.22
C SER A 50 -20.07 1.62 -29.37
N VAL A 51 -19.81 2.40 -28.31
CA VAL A 51 -18.74 3.41 -28.34
C VAL A 51 -17.38 2.72 -28.29
N ALA A 52 -17.28 1.67 -27.49
CA ALA A 52 -16.06 0.81 -27.53
C ALA A 52 -15.78 0.31 -28.97
N SER A 53 -16.83 -0.13 -29.69
CA SER A 53 -16.63 -0.63 -31.03
C SER A 53 -16.12 0.47 -32.02
N LEU A 54 -16.66 1.69 -31.91
CA LEU A 54 -16.17 2.87 -32.68
C LEU A 54 -14.68 3.13 -32.34
N GLN A 55 -14.33 3.17 -31.06
CA GLN A 55 -12.98 3.48 -30.64
C GLN A 55 -11.95 2.39 -31.01
N VAL A 56 -12.28 1.12 -30.81
CA VAL A 56 -11.32 0.06 -31.06
C VAL A 56 -11.21 -0.34 -32.53
N LEU A 57 -12.36 -0.34 -33.20
CA LEU A 57 -12.49 -0.95 -34.53
C LEU A 57 -13.02 -0.04 -35.66
N ALA A 58 -13.52 1.15 -35.31
CA ALA A 58 -14.39 1.92 -36.24
C ALA A 58 -15.51 1.04 -36.88
N ALA A 59 -16.22 0.28 -36.02
CA ALA A 59 -17.19 -0.72 -36.48
C ALA A 59 -18.52 -0.47 -35.79
N PRO A 60 -19.62 -0.88 -36.45
CA PRO A 60 -20.94 -0.80 -35.88
C PRO A 60 -21.08 -1.72 -34.69
N ASP A 61 -22.22 -1.63 -34.02
CA ASP A 61 -22.46 -2.30 -32.75
C ASP A 61 -22.88 -3.75 -33.01
N PHE A 62 -21.96 -4.53 -33.61
CA PHE A 62 -22.24 -5.91 -34.11
C PHE A 62 -21.55 -7.02 -33.29
N ALA A 63 -21.14 -6.72 -32.05
CA ALA A 63 -20.39 -7.67 -31.22
C ALA A 63 -19.12 -8.18 -31.91
N LEU A 64 -18.35 -7.25 -32.47
CA LEU A 64 -17.09 -7.59 -33.13
C LEU A 64 -15.94 -7.40 -32.15
N ILE A 65 -16.12 -6.51 -31.17
CA ILE A 65 -15.09 -6.32 -30.17
CA ILE A 65 -15.10 -6.29 -30.18
C ILE A 65 -15.04 -7.58 -29.32
N THR A 66 -13.84 -7.94 -28.83
CA THR A 66 -13.65 -9.10 -27.95
C THR A 66 -13.89 -8.60 -26.53
N LEU A 67 -14.20 -9.51 -25.61
CA LEU A 67 -14.27 -9.17 -24.21
C LEU A 67 -12.96 -8.49 -23.73
N SER A 68 -11.79 -8.98 -24.18
CA SER A 68 -10.48 -8.42 -23.74
C SER A 68 -10.31 -6.95 -24.18
N GLU A 69 -10.73 -6.64 -25.42
CA GLU A 69 -10.79 -5.26 -25.91
C GLU A 69 -11.77 -4.35 -25.13
N PHE A 70 -12.98 -4.83 -24.86
CA PHE A 70 -13.91 -4.06 -24.04
C PHE A 70 -13.31 -3.74 -22.67
N VAL A 71 -12.77 -4.76 -22.04
CA VAL A 71 -12.14 -4.70 -20.73
C VAL A 71 -10.92 -3.73 -20.72
N GLU A 72 -10.15 -3.72 -21.80
CA GLU A 72 -9.01 -2.80 -21.87
C GLU A 72 -9.56 -1.33 -21.85
N GLN A 73 -10.66 -1.07 -22.55
CA GLN A 73 -11.29 0.26 -22.54
C GLN A 73 -11.73 0.66 -21.16
N ALA A 74 -12.32 -0.31 -20.47
CA ALA A 74 -12.86 -0.12 -19.12
C ALA A 74 -11.71 0.06 -18.08
N THR A 75 -10.60 -0.61 -18.33
CA THR A 75 -9.37 -0.55 -17.49
C THR A 75 -8.68 0.83 -17.59
N ARG A 76 -8.61 1.37 -18.80
CA ARG A 76 -8.06 2.67 -19.02
C ARG A 76 -8.86 3.68 -18.21
N ILE A 77 -10.18 3.59 -18.28
CA ILE A 77 -11.07 4.47 -17.58
C ILE A 77 -10.88 4.35 -16.07
N GLY A 78 -10.78 3.10 -15.60
CA GLY A 78 -10.64 2.87 -14.18
C GLY A 78 -9.40 3.40 -13.51
N ARG A 79 -8.33 3.66 -14.26
CA ARG A 79 -7.12 4.31 -13.68
C ARG A 79 -7.35 5.78 -13.25
N VAL A 80 -8.40 6.44 -13.77
CA VAL A 80 -8.59 7.88 -13.49
C VAL A 80 -9.98 8.25 -12.95
N ALA A 81 -10.98 7.38 -13.13
CA ALA A 81 -12.38 7.69 -12.77
C ALA A 81 -12.62 8.14 -11.30
N ARG A 82 -13.21 9.34 -11.15
CA ARG A 82 -13.58 9.91 -9.86
C ARG A 82 -15.10 9.91 -9.68
N LEU A 83 -15.80 9.42 -10.69
CA LEU A 83 -17.24 9.21 -10.65
C LEU A 83 -17.49 7.70 -10.95
N PRO A 84 -18.55 7.11 -10.38
CA PRO A 84 -18.89 5.69 -10.74
C PRO A 84 -19.27 5.53 -12.22
N VAL A 85 -18.70 4.53 -12.87
CA VAL A 85 -18.96 4.25 -14.27
C VAL A 85 -19.68 2.90 -14.46
N ILE A 86 -20.80 2.92 -15.19
CA ILE A 86 -21.55 1.73 -15.60
C ILE A 86 -20.97 1.16 -16.88
N ALA A 87 -20.77 -0.16 -16.94
CA ALA A 87 -20.30 -0.80 -18.19
C ALA A 87 -21.45 -1.52 -18.91
N ASP A 88 -21.71 -1.13 -20.15
CA ASP A 88 -22.60 -1.90 -21.00
C ASP A 88 -21.85 -3.19 -21.46
N ALA A 89 -22.14 -4.31 -20.82
CA ALA A 89 -21.39 -5.58 -21.01
C ALA A 89 -22.05 -6.55 -22.06
N ASP A 90 -22.87 -5.96 -22.96
CA ASP A 90 -23.67 -6.74 -23.95
C ASP A 90 -24.32 -8.00 -23.30
N HIS A 91 -24.17 -9.17 -23.91
CA HIS A 91 -24.76 -10.43 -23.40
C HIS A 91 -23.81 -11.22 -22.45
N GLY A 92 -22.70 -10.60 -22.06
CA GLY A 92 -21.70 -11.32 -21.30
C GLY A 92 -20.73 -12.04 -22.19
N TYR A 93 -20.77 -11.73 -23.49
CA TYR A 93 -19.70 -12.26 -24.39
C TYR A 93 -19.64 -13.81 -24.55
N GLY A 94 -20.82 -14.45 -24.50
CA GLY A 94 -20.93 -15.89 -24.71
C GLY A 94 -22.07 -16.37 -23.84
N ASN A 95 -21.97 -17.62 -23.34
CA ASN A 95 -23.01 -18.23 -22.51
C ASN A 95 -22.78 -17.86 -21.05
N ALA A 96 -23.55 -18.42 -20.12
CA ALA A 96 -23.40 -18.11 -18.68
C ALA A 96 -21.94 -18.27 -18.17
N LEU A 97 -21.19 -19.25 -18.68
CA LEU A 97 -19.79 -19.41 -18.26
C LEU A 97 -18.91 -18.23 -18.74
N ASN A 98 -19.13 -17.72 -19.95
CA ASN A 98 -18.46 -16.48 -20.41
C ASN A 98 -18.90 -15.22 -19.61
N VAL A 99 -20.19 -15.16 -19.23
CA VAL A 99 -20.72 -14.09 -18.39
C VAL A 99 -19.86 -13.96 -17.11
N MET A 100 -19.56 -15.10 -16.46
CA MET A 100 -18.72 -15.11 -15.26
C MET A 100 -17.41 -14.39 -15.47
N ARG A 101 -16.74 -14.72 -16.58
CA ARG A 101 -15.51 -14.07 -16.93
C ARG A 101 -15.76 -12.57 -17.22
N THR A 102 -16.82 -12.25 -17.96
CA THR A 102 -17.20 -10.85 -18.14
C THR A 102 -17.22 -10.06 -16.83
N VAL A 103 -17.86 -10.60 -15.80
CA VAL A 103 -18.02 -9.94 -14.50
C VAL A 103 -16.68 -9.82 -13.79
N VAL A 104 -15.90 -10.90 -13.84
CA VAL A 104 -14.56 -10.93 -13.27
C VAL A 104 -13.66 -9.86 -13.85
N GLU A 105 -13.59 -9.77 -15.17
CA GLU A 105 -12.75 -8.81 -15.85
C GLU A 105 -13.13 -7.34 -15.59
N LEU A 106 -14.42 -7.05 -15.60
CA LEU A 106 -14.90 -5.65 -15.51
C LEU A 106 -14.87 -5.17 -14.09
N GLU A 107 -15.16 -6.07 -13.15
CA GLU A 107 -15.00 -5.77 -11.74
C GLU A 107 -13.55 -5.42 -11.38
N ARG A 108 -12.60 -6.16 -11.92
CA ARG A 108 -11.18 -6.02 -11.59
C ARG A 108 -10.71 -4.75 -12.25
N ALA A 109 -11.18 -4.53 -13.49
CA ALA A 109 -11.05 -3.18 -14.19
C ALA A 109 -11.44 -1.94 -13.36
N GLY A 110 -12.37 -2.12 -12.42
CA GLY A 110 -12.80 -1.10 -11.48
C GLY A 110 -14.15 -0.43 -11.73
N ILE A 111 -14.95 -1.02 -12.61
CA ILE A 111 -16.33 -0.56 -12.96
C ILE A 111 -17.27 -0.52 -11.71
N ALA A 112 -18.22 0.42 -11.62
CA ALA A 112 -19.16 0.50 -10.45
C ALA A 112 -20.36 -0.45 -10.60
N ALA A 113 -20.69 -0.73 -11.86
CA ALA A 113 -21.97 -1.38 -12.23
C ALA A 113 -21.86 -1.91 -13.63
N LEU A 114 -22.54 -3.02 -13.94
CA LEU A 114 -22.51 -3.46 -15.31
C LEU A 114 -23.88 -3.99 -15.72
N THR A 115 -24.14 -3.94 -17.03
CA THR A 115 -25.42 -4.50 -17.52
C THR A 115 -25.24 -5.81 -18.30
N ILE A 116 -26.09 -6.81 -18.07
CA ILE A 116 -26.08 -8.02 -18.91
C ILE A 116 -27.42 -8.10 -19.58
N GLU A 117 -27.42 -8.15 -20.90
CA GLU A 117 -28.68 -8.15 -21.67
C GLU A 117 -29.05 -9.56 -22.18
N ASP A 118 -30.33 -9.79 -22.48
CA ASP A 118 -30.80 -11.15 -22.89
C ASP A 118 -30.96 -11.25 -24.40
N THR A 119 -30.31 -10.33 -25.14
CA THR A 119 -30.26 -10.38 -26.58
C THR A 119 -29.42 -11.55 -27.05
N LEU A 120 -29.89 -12.20 -28.12
CA LEU A 120 -29.15 -13.32 -28.70
C LEU A 120 -28.02 -12.76 -29.57
N LEU A 121 -26.78 -12.92 -29.09
CA LEU A 121 -25.62 -12.32 -29.73
C LEU A 121 -24.44 -13.31 -29.81
N PRO A 122 -23.58 -13.20 -30.85
CA PRO A 122 -23.74 -12.26 -31.94
C PRO A 122 -24.96 -12.66 -32.84
N ALA A 123 -25.22 -11.88 -33.90
CA ALA A 123 -26.27 -12.22 -34.89
C ALA A 123 -26.17 -13.64 -35.50
N GLN A 124 -27.33 -14.26 -35.62
CA GLN A 124 -27.49 -15.61 -36.16
C GLN A 124 -27.67 -15.76 -37.65
N PHE A 125 -27.10 -16.83 -38.19
CA PHE A 125 -27.09 -17.09 -39.63
C PHE A 125 -28.58 -17.08 -40.11
N GLY A 126 -28.92 -16.08 -40.94
N GLY A 126 -28.82 -16.35 -41.21
CA GLY A 126 -30.32 -15.73 -41.21
CA GLY A 126 -30.08 -16.37 -41.97
C GLY A 126 -31.27 -15.34 -40.06
C GLY A 126 -31.22 -15.64 -41.27
N ARG A 127 -31.17 -15.99 -38.90
N ARG A 127 -30.85 -14.83 -40.27
CA ARG A 127 -32.19 -15.92 -37.82
CA ARG A 127 -31.83 -14.16 -39.39
C ARG A 127 -32.88 -14.58 -37.40
C ARG A 127 -31.65 -12.66 -39.44
N LYS A 128 -32.13 -13.51 -37.15
N LYS A 128 -32.59 -11.98 -40.11
CA LYS A 128 -32.77 -12.28 -36.62
CA LYS A 128 -32.59 -10.53 -40.18
C LYS A 128 -31.91 -11.61 -35.51
C LYS A 128 -33.05 -9.97 -38.84
N SER A 129 -31.46 -10.39 -35.76
N SER A 129 -34.17 -10.49 -38.34
CA SER A 129 -30.36 -9.81 -34.99
CA SER A 129 -34.74 -10.05 -37.08
C SER A 129 -30.77 -9.34 -33.59
C SER A 129 -33.73 -10.17 -35.94
N THR A 130 -32.07 -9.21 -33.41
N THR A 130 -33.82 -9.27 -34.98
CA THR A 130 -32.67 -8.63 -32.21
CA THR A 130 -33.10 -9.46 -33.71
C THR A 130 -33.49 -9.65 -31.42
C THR A 130 -34.03 -10.16 -32.72
N ASP A 131 -33.40 -10.94 -31.82
CA ASP A 131 -34.01 -11.99 -31.02
C ASP A 131 -33.40 -12.02 -29.63
N LEU A 132 -34.23 -12.39 -28.69
CA LEU A 132 -33.83 -12.62 -27.32
C LEU A 132 -33.62 -14.11 -27.13
N ILE A 133 -32.72 -14.47 -26.21
CA ILE A 133 -32.63 -15.81 -25.69
C ILE A 133 -33.87 -16.09 -24.80
N CYS A 134 -34.16 -17.36 -24.52
CA CYS A 134 -35.28 -17.64 -23.63
C CYS A 134 -35.05 -17.11 -22.23
N VAL A 135 -36.13 -16.91 -21.48
CA VAL A 135 -36.03 -16.31 -20.17
C VAL A 135 -35.22 -17.18 -19.19
N GLU A 136 -35.35 -18.52 -19.32
CA GLU A 136 -34.59 -19.47 -18.51
C GLU A 136 -33.10 -19.30 -18.69
N GLU A 137 -32.61 -19.17 -19.94
CA GLU A 137 -31.20 -18.87 -20.20
C GLU A 137 -30.74 -17.49 -19.63
N GLY A 138 -31.63 -16.52 -19.74
CA GLY A 138 -31.43 -15.18 -19.12
C GLY A 138 -31.27 -15.27 -17.61
N VAL A 139 -32.13 -16.06 -16.97
CA VAL A 139 -32.04 -16.19 -15.51
C VAL A 139 -30.69 -16.84 -15.18
N GLY A 140 -30.30 -17.86 -15.94
CA GLY A 140 -29.03 -18.54 -15.64
C GLY A 140 -27.87 -17.55 -15.79
N LYS A 141 -27.91 -16.70 -16.82
CA LYS A 141 -26.82 -15.70 -17.06
C LYS A 141 -26.71 -14.68 -15.89
N ILE A 142 -27.86 -14.18 -15.45
CA ILE A 142 -27.95 -13.27 -14.27
C ILE A 142 -27.43 -13.93 -13.00
N ARG A 143 -27.86 -15.17 -12.72
CA ARG A 143 -27.39 -15.88 -11.53
C ARG A 143 -25.89 -16.20 -11.62
N ALA A 144 -25.39 -16.49 -12.82
CA ALA A 144 -23.93 -16.65 -13.02
C ALA A 144 -23.14 -15.39 -12.78
N ALA A 145 -23.67 -14.24 -13.23
CA ALA A 145 -22.99 -12.95 -12.97
C ALA A 145 -22.87 -12.69 -11.46
N LEU A 146 -23.97 -12.91 -10.76
CA LEU A 146 -24.06 -12.68 -9.34
C LEU A 146 -23.10 -13.55 -8.53
N GLU A 147 -22.95 -14.82 -8.93
CA GLU A 147 -21.94 -15.76 -8.41
C GLU A 147 -20.46 -15.35 -8.73
N ALA A 148 -20.29 -14.74 -9.88
CA ALA A 148 -18.94 -14.36 -10.32
C ALA A 148 -18.47 -13.10 -9.56
N ARG A 149 -19.41 -12.26 -9.14
CA ARG A 149 -19.13 -11.04 -8.35
C ARG A 149 -18.26 -11.34 -7.08
N VAL A 150 -17.21 -10.57 -6.85
CA VAL A 150 -16.39 -10.70 -5.64
C VAL A 150 -16.79 -9.60 -4.66
N ASP A 151 -16.57 -8.35 -5.02
CA ASP A 151 -16.98 -7.19 -4.20
C ASP A 151 -18.50 -7.04 -4.23
N PRO A 152 -19.14 -7.25 -3.06
CA PRO A 152 -20.60 -7.19 -2.98
C PRO A 152 -21.15 -5.81 -3.40
N ALA A 153 -20.33 -4.76 -3.31
CA ALA A 153 -20.78 -3.38 -3.70
C ALA A 153 -21.00 -3.21 -5.22
N LEU A 154 -20.40 -4.07 -6.03
CA LEU A 154 -20.60 -4.07 -7.48
C LEU A 154 -22.09 -4.24 -7.79
N THR A 155 -22.59 -3.39 -8.68
CA THR A 155 -24.01 -3.38 -9.00
C THR A 155 -24.23 -4.14 -10.32
N ILE A 156 -25.02 -5.21 -10.26
CA ILE A 156 -25.28 -6.05 -11.42
C ILE A 156 -26.72 -5.81 -11.96
N ILE A 157 -26.82 -5.37 -13.23
CA ILE A 157 -28.10 -4.95 -13.80
C ILE A 157 -28.46 -5.84 -14.96
N ALA A 158 -29.70 -6.34 -14.92
CA ALA A 158 -30.24 -7.18 -15.98
C ALA A 158 -30.97 -6.31 -16.96
N ARG A 159 -30.57 -6.41 -18.22
CA ARG A 159 -31.08 -5.53 -19.24
C ARG A 159 -31.98 -6.34 -20.20
N THR A 160 -33.17 -5.81 -20.52
CA THR A 160 -33.95 -6.35 -21.64
C THR A 160 -34.50 -5.27 -22.60
N ASN A 161 -35.06 -5.73 -23.71
CA ASN A 161 -35.47 -4.86 -24.78
C ASN A 161 -36.99 -4.92 -24.89
N ALA A 162 -37.64 -3.85 -24.51
CA ALA A 162 -39.09 -3.77 -24.50
C ALA A 162 -39.66 -3.38 -25.87
N GLU A 163 -38.83 -3.13 -26.87
CA GLU A 163 -39.41 -2.75 -28.17
C GLU A 163 -40.24 -3.84 -28.85
N LEU A 164 -39.70 -5.04 -28.98
CA LEU A 164 -40.33 -6.02 -29.88
C LEU A 164 -41.16 -7.09 -29.21
N ILE A 165 -40.87 -7.40 -27.96
CA ILE A 165 -41.66 -8.34 -27.23
C ILE A 165 -42.83 -7.64 -26.52
N ASP A 166 -43.82 -8.42 -26.11
CA ASP A 166 -45.04 -7.84 -25.59
C ASP A 166 -44.87 -7.54 -24.11
N VAL A 167 -45.72 -6.65 -23.61
CA VAL A 167 -45.57 -6.13 -22.24
C VAL A 167 -45.51 -7.28 -21.26
N ASP A 168 -46.36 -8.29 -21.47
CA ASP A 168 -46.43 -9.41 -20.54
C ASP A 168 -45.14 -10.20 -20.52
N ALA A 169 -44.48 -10.26 -21.67
CA ALA A 169 -43.17 -10.89 -21.81
C ALA A 169 -42.01 -10.09 -21.13
N VAL A 170 -42.06 -8.75 -21.23
CA VAL A 170 -41.09 -7.90 -20.50
C VAL A 170 -41.29 -8.07 -19.00
N ILE A 171 -42.56 -8.08 -18.62
CA ILE A 171 -42.94 -8.26 -17.22
C ILE A 171 -42.46 -9.62 -16.70
N GLN A 172 -42.63 -10.66 -17.51
CA GLN A 172 -42.14 -11.99 -17.13
C GLN A 172 -40.61 -12.01 -16.90
N ARG A 173 -39.88 -11.49 -17.87
CA ARG A 173 -38.41 -11.51 -17.86
C ARG A 173 -37.85 -10.68 -16.73
N THR A 174 -38.38 -9.49 -16.56
CA THR A 174 -37.91 -8.55 -15.52
C THR A 174 -38.21 -9.05 -14.11
N LEU A 175 -39.41 -9.58 -13.90
CA LEU A 175 -39.69 -10.26 -12.63
C LEU A 175 -38.74 -11.43 -12.34
N ALA A 176 -38.44 -12.23 -13.35
CA ALA A 176 -37.60 -13.39 -13.14
C ALA A 176 -36.14 -12.95 -12.88
N TYR A 177 -35.69 -11.85 -13.51
CA TYR A 177 -34.34 -11.33 -13.25
C TYR A 177 -34.28 -10.69 -11.86
N GLN A 178 -35.39 -10.01 -11.46
CA GLN A 178 -35.55 -9.50 -10.09
C GLN A 178 -35.48 -10.65 -9.11
N GLU A 179 -36.21 -11.74 -9.40
CA GLU A 179 -36.22 -12.91 -8.49
C GLU A 179 -34.87 -13.61 -8.46
N ALA A 180 -34.19 -13.62 -9.59
CA ALA A 180 -32.82 -14.16 -9.64
C ALA A 180 -31.80 -13.37 -8.82
N GLY A 181 -32.19 -12.16 -8.37
CA GLY A 181 -31.38 -11.32 -7.54
C GLY A 181 -30.66 -10.15 -8.21
N ALA A 182 -31.02 -9.82 -9.44
CA ALA A 182 -30.48 -8.61 -10.07
C ALA A 182 -30.59 -7.39 -9.14
N ASP A 183 -29.59 -6.50 -9.23
CA ASP A 183 -29.63 -5.29 -8.37
C ASP A 183 -30.48 -4.20 -9.00
N GLY A 184 -30.68 -4.31 -10.30
CA GLY A 184 -31.49 -3.35 -10.99
C GLY A 184 -31.95 -3.98 -12.29
N ILE A 185 -32.79 -3.24 -12.98
CA ILE A 185 -33.33 -3.60 -14.26
C ILE A 185 -33.06 -2.46 -15.23
N CYS A 186 -32.41 -2.76 -16.37
CA CYS A 186 -32.26 -1.76 -17.44
C CYS A 186 -33.21 -2.09 -18.62
N LEU A 187 -33.86 -1.05 -19.14
CA LEU A 187 -34.84 -1.22 -20.19
C LEU A 187 -34.50 -0.35 -21.35
N VAL A 188 -34.40 -0.98 -22.50
CA VAL A 188 -34.27 -0.26 -23.77
C VAL A 188 -35.59 -0.40 -24.56
N GLY A 189 -35.91 0.58 -25.39
CA GLY A 189 -37.11 0.48 -26.23
C GLY A 189 -38.47 0.70 -25.57
N VAL A 190 -38.50 1.32 -24.40
CA VAL A 190 -39.77 1.72 -23.74
C VAL A 190 -40.39 2.88 -24.56
N ARG A 191 -41.68 2.71 -24.88
CA ARG A 191 -42.43 3.69 -25.72
C ARG A 191 -42.71 5.03 -25.02
N ASP A 192 -43.31 4.97 -23.84
CA ASP A 192 -43.85 6.18 -23.22
C ASP A 192 -44.20 5.84 -21.79
N PHE A 193 -44.74 6.81 -21.06
CA PHE A 193 -45.11 6.59 -19.66
C PHE A 193 -46.07 5.45 -19.37
N ALA A 194 -47.10 5.27 -20.21
CA ALA A 194 -47.99 4.10 -20.09
C ALA A 194 -47.21 2.80 -20.24
N HIS A 195 -46.38 2.69 -21.29
CA HIS A 195 -45.50 1.52 -21.42
C HIS A 195 -44.65 1.33 -20.14
N LEU A 196 -44.02 2.43 -19.70
CA LEU A 196 -43.16 2.36 -18.52
C LEU A 196 -43.90 1.93 -17.25
N GLU A 197 -45.10 2.50 -17.06
CA GLU A 197 -45.89 2.26 -15.86
C GLU A 197 -46.27 0.79 -15.68
N ALA A 198 -46.63 0.14 -16.79
CA ALA A 198 -46.94 -1.31 -16.82
C ALA A 198 -45.79 -2.17 -16.33
N ILE A 199 -44.59 -1.93 -16.89
CA ILE A 199 -43.36 -2.65 -16.52
C ILE A 199 -42.86 -2.29 -15.13
N ALA A 200 -42.97 -1.01 -14.75
CA ALA A 200 -42.47 -0.54 -13.44
C ALA A 200 -43.29 -1.10 -12.27
N GLU A 201 -44.56 -1.37 -12.56
CA GLU A 201 -45.58 -1.65 -11.56
C GLU A 201 -45.20 -2.72 -10.55
N HIS A 202 -44.64 -3.84 -11.01
CA HIS A 202 -44.31 -4.93 -10.08
C HIS A 202 -42.82 -5.11 -9.84
N LEU A 203 -42.03 -4.09 -10.16
CA LEU A 203 -40.60 -4.10 -9.81
C LEU A 203 -40.40 -3.25 -8.58
N HIS A 204 -39.52 -3.70 -7.70
CA HIS A 204 -39.13 -2.91 -6.55
C HIS A 204 -37.61 -2.66 -6.52
N ILE A 205 -36.89 -3.00 -7.58
CA ILE A 205 -35.46 -2.67 -7.63
C ILE A 205 -35.29 -1.48 -8.60
N PRO A 206 -34.22 -0.66 -8.40
CA PRO A 206 -34.00 0.54 -9.26
C PRO A 206 -34.05 0.26 -10.77
N LEU A 207 -34.63 1.18 -11.53
CA LEU A 207 -34.65 1.07 -12.98
C LEU A 207 -33.62 1.97 -13.64
N MET A 208 -33.12 1.49 -14.75
CA MET A 208 -32.25 2.25 -15.61
C MET A 208 -32.94 2.22 -16.97
N LEU A 209 -32.98 3.37 -17.60
CA LEU A 209 -33.63 3.48 -18.87
C LEU A 209 -32.62 3.91 -19.89
N VAL A 210 -32.59 3.22 -21.04
CA VAL A 210 -31.82 3.67 -22.19
C VAL A 210 -32.82 4.28 -23.20
N THR A 211 -32.87 5.61 -23.27
CA THR A 211 -33.97 6.31 -23.95
C THR A 211 -33.66 6.76 -25.36
N TYR A 212 -32.37 6.98 -25.66
CA TYR A 212 -32.00 7.49 -26.98
C TYR A 212 -32.76 8.78 -27.32
N GLY A 213 -32.84 9.66 -26.33
CA GLY A 213 -33.53 10.94 -26.46
C GLY A 213 -35.05 10.91 -26.62
N ASN A 214 -35.70 9.77 -26.37
CA ASN A 214 -37.15 9.64 -26.48
C ASN A 214 -37.85 10.82 -25.77
N PRO A 215 -38.56 11.70 -26.53
CA PRO A 215 -39.13 12.89 -25.89
C PRO A 215 -40.37 12.58 -25.07
N GLN A 216 -40.94 11.39 -25.28
CA GLN A 216 -42.10 10.90 -24.50
C GLN A 216 -41.73 10.40 -23.10
N LEU A 217 -40.44 10.44 -22.77
CA LEU A 217 -39.94 10.06 -21.44
C LEU A 217 -39.09 11.14 -20.72
N ARG A 218 -39.31 12.41 -21.03
CA ARG A 218 -38.52 13.45 -20.42
C ARG A 218 -39.22 14.11 -19.24
N ASP A 219 -39.03 13.57 -18.04
CA ASP A 219 -39.61 14.16 -16.83
C ASP A 219 -38.95 13.49 -15.62
N ASP A 220 -37.91 14.10 -15.07
CA ASP A 220 -37.10 13.44 -14.06
C ASP A 220 -37.90 13.01 -12.85
N ALA A 221 -38.66 13.96 -12.30
CA ALA A 221 -39.52 13.68 -11.12
C ALA A 221 -40.49 12.52 -11.34
N ARG A 222 -41.19 12.55 -12.46
CA ARG A 222 -42.13 11.51 -12.80
C ARG A 222 -41.42 10.13 -13.03
N LEU A 223 -40.25 10.12 -13.70
CA LEU A 223 -39.43 8.93 -13.81
C LEU A 223 -39.03 8.39 -12.43
N ALA A 224 -38.51 9.25 -11.56
CA ALA A 224 -37.99 8.82 -10.26
C ALA A 224 -39.09 8.21 -9.39
N ARG A 225 -40.29 8.77 -9.45
CA ARG A 225 -41.47 8.21 -8.79
C ARG A 225 -41.79 6.78 -9.26
N LEU A 226 -41.50 6.43 -10.53
CA LEU A 226 -41.67 5.04 -10.99
C LEU A 226 -40.50 4.08 -10.63
N GLY A 227 -39.49 4.60 -9.94
CA GLY A 227 -38.36 3.75 -9.56
C GLY A 227 -37.14 3.93 -10.46
N VAL A 228 -37.25 4.81 -11.46
CA VAL A 228 -36.09 5.08 -12.32
C VAL A 228 -35.01 5.87 -11.56
N ARG A 229 -33.79 5.32 -11.61
CA ARG A 229 -32.63 6.02 -11.00
C ARG A 229 -31.57 6.56 -11.94
N VAL A 230 -31.51 6.01 -13.16
CA VAL A 230 -30.46 6.28 -14.14
C VAL A 230 -31.12 6.36 -15.50
N VAL A 231 -30.87 7.47 -16.19
CA VAL A 231 -31.23 7.60 -17.62
C VAL A 231 -29.98 7.77 -18.49
N VAL A 232 -29.90 6.98 -19.54
CA VAL A 232 -28.83 7.08 -20.52
C VAL A 232 -29.47 7.69 -21.78
N ASN A 233 -29.14 8.93 -22.08
CA ASN A 233 -29.75 9.58 -23.23
C ASN A 233 -29.06 9.30 -24.55
N GLY A 234 -27.88 8.70 -24.54
CA GLY A 234 -27.21 8.39 -25.81
C GLY A 234 -25.73 8.66 -25.67
N HIS A 235 -25.02 8.66 -26.81
CA HIS A 235 -23.57 8.81 -26.85
C HIS A 235 -23.17 9.90 -27.86
N ALA A 236 -23.96 10.98 -27.86
CA ALA A 236 -23.71 12.16 -28.64
C ALA A 236 -22.31 12.75 -28.46
N ALA A 237 -21.78 12.75 -27.23
CA ALA A 237 -20.44 13.31 -26.90
C ALA A 237 -19.32 12.64 -27.63
N TYR A 238 -19.43 11.34 -27.85
CA TYR A 238 -18.47 10.67 -28.74
C TYR A 238 -18.56 11.10 -30.23
N PHE A 239 -19.78 11.16 -30.74
CA PHE A 239 -20.08 11.62 -32.10
C PHE A 239 -19.54 13.02 -32.30
N ALA A 240 -19.54 13.83 -31.25
CA ALA A 240 -19.15 15.25 -31.32
C ALA A 240 -17.63 15.34 -31.49
N ALA A 241 -16.93 14.43 -30.80
CA ALA A 241 -15.47 14.27 -30.84
C ALA A 241 -15.03 13.83 -32.26
N ILE A 242 -15.69 12.81 -32.84
CA ILE A 242 -15.51 12.45 -34.27
C ILE A 242 -15.75 13.67 -35.23
N LYS A 243 -16.92 14.31 -35.17
CA LYS A 243 -17.16 15.52 -35.99
C LYS A 243 -16.08 16.61 -35.80
N ALA A 244 -15.64 16.85 -34.58
CA ALA A 244 -14.57 17.83 -34.36
C ALA A 244 -13.24 17.47 -35.06
N THR A 245 -12.84 16.19 -34.99
CA THR A 245 -11.64 15.69 -35.71
C THR A 245 -11.79 15.87 -37.22
N TYR A 246 -12.95 15.45 -37.73
CA TYR A 246 -13.28 15.65 -39.11
C TYR A 246 -13.13 17.15 -39.45
N ASP A 247 -13.87 18.00 -38.74
CA ASP A 247 -13.84 19.45 -39.04
C ASP A 247 -12.40 20.03 -39.03
N CYS A 248 -11.59 19.64 -38.06
CA CYS A 248 -10.24 20.15 -37.98
C CYS A 248 -9.30 19.71 -39.18
N LEU A 249 -9.34 18.43 -39.53
CA LEU A 249 -8.48 17.90 -40.61
C LEU A 249 -8.99 18.36 -41.98
N ARG A 250 -10.29 18.43 -42.12
CA ARG A 250 -10.87 18.91 -43.34
C ARG A 250 -10.52 20.40 -43.59
N GLU A 251 -10.50 21.22 -42.55
CA GLU A 251 -10.09 22.59 -42.76
C GLU A 251 -8.57 22.74 -42.93
N GLU A 252 -7.82 21.87 -42.25
CA GLU A 252 -6.38 21.76 -42.48
C GLU A 252 -6.15 21.38 -43.96
N ARG A 253 -6.95 20.46 -44.49
CA ARG A 253 -6.78 20.03 -45.87
C ARG A 253 -7.19 21.09 -46.93
N GLY A 254 -8.08 22.01 -46.56
CA GLY A 254 -8.71 22.91 -47.50
C GLY A 254 -9.89 22.30 -48.21
N ALA A 255 -10.48 21.26 -47.62
CA ALA A 255 -11.69 20.67 -48.18
C ALA A 255 -12.94 21.52 -47.83
N VAL A 256 -14.01 21.36 -48.60
CA VAL A 256 -15.29 21.98 -48.27
C VAL A 256 -15.83 21.46 -46.88
N ALA A 257 -16.65 22.28 -46.20
CA ALA A 257 -17.25 21.86 -44.93
C ALA A 257 -18.24 20.74 -45.18
N SER A 258 -18.34 19.81 -44.22
CA SER A 258 -19.30 18.69 -44.31
C SER A 258 -20.72 19.18 -44.06
N ASP A 259 -21.66 18.57 -44.73
CA ASP A 259 -23.09 18.83 -44.55
C ASP A 259 -23.70 17.92 -43.47
N LEU A 260 -23.04 16.78 -43.22
CA LEU A 260 -23.63 15.70 -42.38
C LEU A 260 -23.62 16.08 -40.91
N THR A 261 -24.66 15.66 -40.17
CA THR A 261 -24.60 15.74 -38.73
C THR A 261 -23.43 14.90 -38.11
N ALA A 262 -23.09 15.21 -36.86
CA ALA A 262 -22.14 14.44 -36.07
C ALA A 262 -22.49 12.93 -36.12
N SER A 263 -23.75 12.53 -35.94
CA SER A 263 -24.03 11.08 -35.96
C SER A 263 -23.99 10.44 -37.34
N GLU A 264 -24.36 11.19 -38.36
CA GLU A 264 -24.32 10.69 -39.74
C GLU A 264 -22.85 10.45 -40.15
N LEU A 265 -21.98 11.36 -39.73
CA LEU A 265 -20.60 11.33 -40.11
C LEU A 265 -19.95 10.18 -39.35
N SER A 266 -20.28 10.05 -38.06
CA SER A 266 -19.77 8.86 -37.34
C SER A 266 -20.19 7.53 -37.98
N LYS A 267 -21.44 7.41 -38.38
CA LYS A 267 -21.89 6.15 -39.01
C LYS A 267 -21.17 5.90 -40.32
N LYS A 268 -20.96 6.96 -41.07
CA LYS A 268 -20.27 6.82 -42.35
C LYS A 268 -18.93 6.09 -42.20
N TYR A 269 -18.16 6.44 -41.17
CA TYR A 269 -16.82 5.87 -41.01
C TYR A 269 -16.82 4.46 -40.36
N THR A 270 -18.00 3.91 -40.13
CA THR A 270 -18.07 2.51 -39.74
C THR A 270 -18.08 1.57 -40.95
N PHE A 271 -18.14 2.17 -42.15
CA PHE A 271 -18.27 1.40 -43.43
C PHE A 271 -19.44 0.42 -43.34
N PRO A 272 -20.66 0.94 -43.02
CA PRO A 272 -21.88 0.13 -42.85
C PRO A 272 -22.22 -0.74 -44.07
N GLU A 273 -22.04 -0.16 -45.27
CA GLU A 273 -22.37 -0.90 -46.52
C GLU A 273 -21.50 -2.19 -46.66
N GLU A 274 -20.22 -2.06 -46.32
CA GLU A 274 -19.25 -3.17 -46.36
C GLU A 274 -19.65 -4.30 -45.40
N TYR A 275 -19.99 -3.94 -44.16
CA TYR A 275 -20.42 -4.92 -43.18
C TYR A 275 -21.72 -5.57 -43.59
N GLN A 276 -22.63 -4.77 -44.15
CA GLN A 276 -23.90 -5.25 -44.69
C GLN A 276 -23.74 -6.20 -45.86
N ALA A 277 -22.88 -5.86 -46.83
CA ALA A 277 -22.57 -6.76 -47.94
C ALA A 277 -22.02 -8.12 -47.46
N TRP A 278 -21.15 -8.07 -46.45
CA TRP A 278 -20.58 -9.28 -45.87
C TRP A 278 -21.65 -10.13 -45.20
N ALA A 279 -22.57 -9.50 -44.47
CA ALA A 279 -23.68 -10.22 -43.85
C ALA A 279 -24.60 -10.92 -44.86
N ARG A 280 -24.86 -10.21 -45.96
CA ARG A 280 -25.61 -10.73 -47.09
C ARG A 280 -24.93 -11.98 -47.71
N ASP A 281 -23.68 -11.81 -48.15
CA ASP A 281 -22.85 -12.82 -48.82
C ASP A 281 -22.55 -14.06 -47.94
N TYR A 282 -22.33 -13.84 -46.63
CA TYR A 282 -21.91 -14.96 -45.77
C TYR A 282 -22.90 -15.46 -44.74
N MET A 283 -23.95 -14.71 -44.44
CA MET A 283 -24.93 -15.13 -43.43
C MET A 283 -26.40 -15.22 -43.85
N GLU A 284 -26.62 -15.35 -45.14
CA GLU A 284 -27.96 -15.67 -45.65
C GLU A 284 -27.86 -16.86 -46.58
N VAL A 285 -28.85 -17.73 -46.53
CA VAL A 285 -28.94 -18.82 -47.51
C VAL A 285 -28.77 -18.27 -48.96
N LYS A 286 -28.03 -19.01 -49.80
CA LYS A 286 -27.66 -18.58 -51.17
C LYS A 286 -28.73 -18.88 -52.23
N ARG B 3 -7.95 -3.02 -48.96
CA ARG B 3 -7.25 -3.47 -50.22
C ARG B 3 -5.70 -3.32 -50.16
N ALA B 4 -5.22 -2.13 -49.80
CA ALA B 4 -3.76 -1.91 -49.70
C ALA B 4 -3.21 -2.62 -48.46
N SER B 5 -2.23 -3.50 -48.67
CA SER B 5 -1.65 -4.32 -47.60
C SER B 5 -0.63 -3.50 -46.83
N HIS B 6 -0.17 -4.01 -45.69
CA HIS B 6 0.83 -3.30 -44.93
C HIS B 6 2.09 -3.01 -45.76
N HIS B 7 2.44 -3.97 -46.63
CA HIS B 7 3.57 -3.81 -47.56
C HIS B 7 3.32 -2.79 -48.67
N GLU B 8 2.14 -2.80 -49.24
CA GLU B 8 1.82 -1.79 -50.23
C GLU B 8 1.76 -0.35 -49.63
N LEU B 9 1.25 -0.20 -48.40
CA LEU B 9 1.30 1.11 -47.73
C LEU B 9 2.73 1.61 -47.59
N ARG B 10 3.67 0.70 -47.33
CA ARG B 10 5.06 1.06 -47.20
C ARG B 10 5.61 1.51 -48.54
N ALA B 11 5.15 0.90 -49.64
CA ALA B 11 5.56 1.33 -50.99
C ALA B 11 5.07 2.76 -51.29
N MET B 12 3.81 3.01 -50.97
CA MET B 12 3.25 4.36 -51.04
C MET B 12 4.08 5.36 -50.24
N PHE B 13 4.42 5.03 -48.99
CA PHE B 13 5.23 5.95 -48.21
C PHE B 13 6.63 6.21 -48.82
N ARG B 14 7.31 5.13 -49.24
CA ARG B 14 8.58 5.24 -49.99
C ARG B 14 8.41 6.14 -51.21
N ALA B 15 7.30 5.94 -51.92
CA ALA B 15 7.03 6.72 -53.12
C ALA B 15 6.81 8.23 -52.84
N LEU B 16 6.43 8.57 -51.60
CA LEU B 16 6.32 9.97 -51.22
C LEU B 16 7.71 10.53 -51.00
N LEU B 17 8.53 9.77 -50.26
CA LEU B 17 9.89 10.16 -49.94
C LEU B 17 10.77 10.33 -51.19
N ASP B 18 10.38 9.67 -52.27
CA ASP B 18 11.07 9.74 -53.59
C ASP B 18 10.44 10.70 -54.57
N SER B 19 9.38 11.39 -54.17
CA SER B 19 8.86 12.48 -54.98
C SER B 19 9.72 13.72 -54.69
N SER B 20 9.52 14.80 -55.43
CA SER B 20 10.25 16.04 -55.14
C SER B 20 9.42 17.02 -54.26
N ARG B 21 8.38 16.47 -53.61
CA ARG B 21 7.34 17.23 -52.92
C ARG B 21 7.39 17.11 -51.40
N CYS B 22 6.73 18.06 -50.75
CA CYS B 22 6.62 18.15 -49.31
C CYS B 22 5.24 17.60 -48.93
N TYR B 23 5.11 16.93 -47.79
CA TYR B 23 3.76 16.46 -47.40
C TYR B 23 3.44 16.80 -45.95
N HIS B 24 2.17 17.15 -45.71
CA HIS B 24 1.76 17.51 -44.36
C HIS B 24 0.91 16.39 -43.82
N THR B 25 1.33 15.85 -42.68
CA THR B 25 0.64 14.75 -42.04
C THR B 25 -0.76 15.15 -41.50
N ALA B 26 -1.69 14.19 -41.53
CA ALA B 26 -2.85 14.25 -40.67
C ALA B 26 -2.49 13.55 -39.39
N SER B 27 -3.05 14.02 -38.28
CA SER B 27 -2.96 13.36 -36.99
C SER B 27 -3.89 12.15 -37.09
N VAL B 28 -3.29 10.95 -37.06
CA VAL B 28 -4.02 9.67 -37.16
C VAL B 28 -3.67 8.90 -35.86
N PHE B 29 -4.66 8.89 -34.97
CA PHE B 29 -4.48 8.38 -33.62
C PHE B 29 -5.41 7.17 -33.32
N ASP B 30 -6.39 6.90 -34.18
CA ASP B 30 -7.29 5.78 -33.94
C ASP B 30 -7.97 5.36 -35.25
N PRO B 31 -8.70 4.23 -35.27
CA PRO B 31 -9.37 3.80 -36.52
C PRO B 31 -10.26 4.87 -37.25
N MET B 32 -11.08 5.57 -36.49
CA MET B 32 -11.97 6.59 -37.05
C MET B 32 -11.18 7.75 -37.69
N SER B 33 -10.15 8.23 -37.03
CA SER B 33 -9.33 9.30 -37.57
C SER B 33 -8.59 8.82 -38.83
N ALA B 34 -8.22 7.52 -38.89
CA ALA B 34 -7.51 6.99 -40.04
C ALA B 34 -8.45 7.01 -41.23
N ARG B 35 -9.72 6.63 -41.02
CA ARG B 35 -10.70 6.52 -42.09
C ARG B 35 -11.07 7.94 -42.59
N ILE B 36 -11.16 8.88 -41.64
CA ILE B 36 -11.35 10.34 -41.94
C ILE B 36 -10.24 10.89 -42.83
N ALA B 37 -9.01 10.71 -42.37
CA ALA B 37 -7.83 11.19 -43.04
C ALA B 37 -7.66 10.62 -44.47
N ALA B 38 -7.87 9.32 -44.64
CA ALA B 38 -7.94 8.73 -46.01
C ALA B 38 -9.07 9.33 -46.86
N ASP B 39 -10.27 9.46 -46.30
CA ASP B 39 -11.40 10.03 -47.04
C ASP B 39 -11.14 11.50 -47.50
N LEU B 40 -10.31 12.22 -46.74
CA LEU B 40 -9.97 13.63 -47.04
C LEU B 40 -8.82 13.76 -48.07
N GLY B 41 -8.23 12.64 -48.42
CA GLY B 41 -7.14 12.59 -49.41
C GLY B 41 -5.77 12.80 -48.82
N PHE B 42 -5.65 12.75 -47.50
CA PHE B 42 -4.30 12.87 -46.94
C PHE B 42 -3.35 11.78 -47.44
N GLU B 43 -2.09 12.14 -47.65
CA GLU B 43 -1.08 11.21 -48.22
C GLU B 43 -0.52 10.28 -47.17
N CYS B 44 -0.35 10.80 -45.95
CA CYS B 44 0.14 10.07 -44.80
C CYS B 44 -0.41 10.63 -43.48
N GLY B 45 -0.35 9.82 -42.42
CA GLY B 45 -0.78 10.21 -41.09
C GLY B 45 0.36 10.04 -40.13
N ILE B 46 0.25 10.60 -38.93
CA ILE B 46 1.20 10.32 -37.87
C ILE B 46 0.50 9.94 -36.58
N LEU B 47 0.98 8.84 -35.97
CA LEU B 47 0.55 8.44 -34.66
C LEU B 47 1.61 8.98 -33.69
N GLY B 48 1.25 10.04 -32.95
CA GLY B 48 2.14 10.69 -31.97
C GLY B 48 2.13 10.03 -30.65
N GLY B 49 3.28 9.98 -30.00
CA GLY B 49 3.32 9.34 -28.68
C GLY B 49 2.61 10.15 -27.61
N SER B 50 2.64 11.46 -27.75
CA SER B 50 1.95 12.35 -26.81
C SER B 50 0.43 12.06 -26.79
N VAL B 51 -0.13 11.84 -27.98
CA VAL B 51 -1.55 11.61 -28.17
C VAL B 51 -1.98 10.20 -27.69
N ALA B 52 -1.18 9.19 -28.02
CA ALA B 52 -1.35 7.84 -27.45
C ALA B 52 -1.41 7.92 -25.94
N SER B 53 -0.58 8.76 -25.35
CA SER B 53 -0.57 8.97 -23.89
C SER B 53 -1.81 9.70 -23.33
N LEU B 54 -2.29 10.70 -24.07
CA LEU B 54 -3.66 11.24 -23.81
C LEU B 54 -4.77 10.14 -23.87
N GLN B 55 -4.81 9.35 -24.93
CA GLN B 55 -5.87 8.36 -25.16
C GLN B 55 -5.80 7.20 -24.16
N VAL B 56 -4.61 6.70 -23.89
CA VAL B 56 -4.49 5.49 -23.06
C VAL B 56 -4.61 5.84 -21.58
N LEU B 57 -4.02 6.97 -21.20
CA LEU B 57 -3.71 7.29 -19.80
C LEU B 57 -4.24 8.65 -19.25
N ALA B 58 -4.67 9.57 -20.15
CA ALA B 58 -4.87 11.03 -19.85
C ALA B 58 -3.63 11.62 -19.16
N ALA B 59 -2.46 11.34 -19.75
CA ALA B 59 -1.21 11.68 -19.10
C ALA B 59 -0.36 12.55 -20.02
N PRO B 60 0.53 13.39 -19.40
CA PRO B 60 1.52 14.12 -20.20
C PRO B 60 2.50 13.19 -20.93
N ASP B 61 3.36 13.80 -21.73
CA ASP B 61 4.17 13.08 -22.69
C ASP B 61 5.48 12.69 -22.01
N PHE B 62 5.36 11.86 -20.97
CA PHE B 62 6.45 11.58 -20.02
C PHE B 62 6.97 10.13 -20.08
N ALA B 63 6.81 9.47 -21.22
CA ALA B 63 7.07 8.04 -21.40
C ALA B 63 6.48 7.16 -20.28
N LEU B 64 5.17 7.33 -20.03
CA LEU B 64 4.47 6.55 -19.02
C LEU B 64 3.77 5.34 -19.66
N ILE B 65 3.34 5.53 -20.88
CA ILE B 65 2.75 4.43 -21.63
CA ILE B 65 2.78 4.48 -21.75
C ILE B 65 3.82 3.35 -21.92
N THR B 66 3.35 2.10 -22.03
CA THR B 66 4.25 0.98 -22.27
C THR B 66 4.38 0.79 -23.77
N LEU B 67 5.44 0.13 -24.24
CA LEU B 67 5.52 -0.29 -25.65
C LEU B 67 4.27 -1.05 -26.11
N SER B 68 3.76 -1.96 -25.28
CA SER B 68 2.56 -2.74 -25.64
C SER B 68 1.35 -1.83 -25.90
N GLU B 69 1.14 -0.88 -24.98
CA GLU B 69 0.03 0.06 -25.10
C GLU B 69 0.16 0.89 -26.37
N PHE B 70 1.36 1.38 -26.62
CA PHE B 70 1.58 2.11 -27.83
C PHE B 70 1.36 1.26 -29.10
N VAL B 71 1.81 0.01 -29.09
CA VAL B 71 1.61 -0.89 -30.22
C VAL B 71 0.14 -1.25 -30.42
N GLU B 72 -0.61 -1.38 -29.32
CA GLU B 72 -2.06 -1.58 -29.38
C GLU B 72 -2.75 -0.42 -30.16
N GLN B 73 -2.35 0.81 -29.88
CA GLN B 73 -2.85 1.95 -30.66
C GLN B 73 -2.52 1.85 -32.13
N ALA B 74 -1.25 1.57 -32.45
CA ALA B 74 -0.84 1.31 -33.84
C ALA B 74 -1.62 0.13 -34.45
N THR B 75 -1.85 -0.94 -33.67
CA THR B 75 -2.56 -2.10 -34.19
C THR B 75 -3.98 -1.76 -34.60
N ARG B 76 -4.69 -1.01 -33.74
CA ARG B 76 -6.10 -0.58 -34.03
C ARG B 76 -6.23 0.14 -35.36
N ILE B 77 -5.25 1.03 -35.60
CA ILE B 77 -5.13 1.84 -36.81
C ILE B 77 -4.81 1.00 -38.04
N GLY B 78 -3.83 0.11 -37.86
CA GLY B 78 -3.49 -0.85 -38.89
C GLY B 78 -4.57 -1.70 -39.50
N ARG B 79 -5.68 -1.90 -38.79
CA ARG B 79 -6.78 -2.73 -39.32
C ARG B 79 -7.59 -2.02 -40.38
N VAL B 80 -7.60 -0.67 -40.34
CA VAL B 80 -8.39 0.15 -41.26
C VAL B 80 -7.59 1.02 -42.28
N ALA B 81 -6.32 1.32 -41.97
CA ALA B 81 -5.55 2.41 -42.63
C ALA B 81 -5.42 2.16 -44.13
N ARG B 82 -5.86 3.13 -44.94
CA ARG B 82 -5.69 3.07 -46.38
C ARG B 82 -4.68 4.11 -46.84
N LEU B 83 -4.06 4.78 -45.88
CA LEU B 83 -2.98 5.71 -46.13
C LEU B 83 -1.86 5.24 -45.21
N PRO B 84 -0.62 5.42 -45.65
CA PRO B 84 0.53 5.11 -44.80
C PRO B 84 0.62 5.95 -43.53
N VAL B 85 1.00 5.30 -42.44
CA VAL B 85 1.06 5.95 -41.13
C VAL B 85 2.46 5.81 -40.46
N ILE B 86 3.00 6.95 -40.00
CA ILE B 86 4.26 7.02 -39.29
C ILE B 86 3.98 6.91 -37.81
N ALA B 87 4.71 6.06 -37.08
CA ALA B 87 4.56 6.01 -35.65
C ALA B 87 5.73 6.71 -35.00
N ASP B 88 5.43 7.60 -34.04
CA ASP B 88 6.44 8.24 -33.21
C ASP B 88 6.80 7.24 -32.13
N ALA B 89 7.93 6.56 -32.30
CA ALA B 89 8.32 5.48 -31.38
C ALA B 89 9.26 5.93 -30.26
N ASP B 90 9.22 7.24 -29.95
CA ASP B 90 10.06 7.79 -28.88
C ASP B 90 11.49 7.25 -28.92
N HIS B 91 12.04 6.84 -27.77
CA HIS B 91 13.42 6.32 -27.71
C HIS B 91 13.58 4.82 -28.04
N GLY B 92 12.53 4.17 -28.52
CA GLY B 92 12.57 2.70 -28.73
C GLY B 92 12.28 1.95 -27.45
N TYR B 93 11.70 2.65 -26.47
CA TYR B 93 11.24 2.03 -25.23
C TYR B 93 12.31 1.27 -24.43
N GLY B 94 13.56 1.73 -24.53
CA GLY B 94 14.66 1.20 -23.74
C GLY B 94 16.00 1.39 -24.45
N ASN B 95 16.91 0.43 -24.32
CA ASN B 95 18.24 0.54 -24.95
C ASN B 95 18.12 -0.05 -26.36
N ALA B 96 19.24 -0.25 -27.04
CA ALA B 96 19.16 -0.80 -28.38
C ALA B 96 18.48 -2.19 -28.46
N LEU B 97 18.55 -2.99 -27.39
CA LEU B 97 17.87 -4.30 -27.32
C LEU B 97 16.33 -4.17 -27.36
N ASN B 98 15.81 -3.25 -26.53
CA ASN B 98 14.41 -2.81 -26.54
C ASN B 98 14.00 -2.16 -27.84
N VAL B 99 14.89 -1.37 -28.44
CA VAL B 99 14.64 -0.76 -29.77
C VAL B 99 14.24 -1.83 -30.75
N MET B 100 14.91 -2.99 -30.68
CA MET B 100 14.65 -4.06 -31.66
C MET B 100 13.21 -4.57 -31.53
N ARG B 101 12.76 -4.76 -30.28
CA ARG B 101 11.38 -5.17 -30.01
C ARG B 101 10.37 -4.12 -30.54
N THR B 102 10.71 -2.84 -30.35
CA THR B 102 9.91 -1.72 -30.78
C THR B 102 9.63 -1.80 -32.27
N VAL B 103 10.66 -2.09 -33.07
CA VAL B 103 10.51 -2.19 -34.51
C VAL B 103 9.71 -3.44 -34.93
N VAL B 104 10.06 -4.60 -34.34
CA VAL B 104 9.29 -5.84 -34.55
C VAL B 104 7.80 -5.65 -34.27
N GLU B 105 7.47 -5.10 -33.10
CA GLU B 105 6.09 -4.87 -32.74
C GLU B 105 5.36 -3.90 -33.66
N LEU B 106 5.96 -2.74 -33.92
CA LEU B 106 5.30 -1.76 -34.81
C LEU B 106 5.20 -2.16 -36.29
N GLU B 107 6.25 -2.77 -36.81
CA GLU B 107 6.15 -3.32 -38.16
C GLU B 107 5.06 -4.41 -38.24
N ARG B 108 4.98 -5.27 -37.22
CA ARG B 108 3.94 -6.30 -37.28
C ARG B 108 2.55 -5.64 -37.18
N ALA B 109 2.41 -4.60 -36.32
CA ALA B 109 1.19 -3.75 -36.23
C ALA B 109 0.73 -3.18 -37.57
N GLY B 110 1.66 -2.95 -38.48
CA GLY B 110 1.33 -2.55 -39.84
C GLY B 110 1.77 -1.15 -40.24
N ILE B 111 2.52 -0.47 -39.39
CA ILE B 111 2.82 0.96 -39.66
C ILE B 111 3.84 1.03 -40.78
N ALA B 112 3.79 2.13 -41.55
CA ALA B 112 4.69 2.31 -42.71
C ALA B 112 6.08 2.85 -42.39
N ALA B 113 6.23 3.56 -41.26
CA ALA B 113 7.47 4.20 -40.88
C ALA B 113 7.45 4.48 -39.40
N LEU B 114 8.64 4.57 -38.80
CA LEU B 114 8.75 4.88 -37.40
C LEU B 114 9.99 5.71 -37.09
N THR B 115 9.90 6.54 -36.03
CA THR B 115 11.01 7.40 -35.63
C THR B 115 11.59 6.91 -34.34
N ILE B 116 12.92 6.83 -34.27
CA ILE B 116 13.57 6.60 -32.98
C ILE B 116 14.34 7.86 -32.72
N GLU B 117 14.23 8.38 -31.50
CA GLU B 117 14.90 9.63 -31.17
C GLU B 117 15.95 9.40 -30.11
N ASP B 118 16.88 10.34 -29.98
CA ASP B 118 18.02 10.13 -29.10
C ASP B 118 17.88 10.86 -27.79
N THR B 119 16.64 11.12 -27.38
CA THR B 119 16.37 11.77 -26.11
C THR B 119 16.60 10.76 -24.99
N LEU B 120 17.20 11.22 -23.90
CA LEU B 120 17.31 10.39 -22.72
C LEU B 120 15.97 10.27 -21.95
N LEU B 121 15.41 9.07 -22.00
CA LEU B 121 14.05 8.76 -21.55
C LEU B 121 14.01 7.39 -20.83
N PRO B 122 13.19 7.27 -19.77
CA PRO B 122 12.39 8.34 -19.21
C PRO B 122 13.27 9.32 -18.42
N ALA B 123 12.71 10.45 -18.01
CA ALA B 123 13.41 11.46 -17.22
C ALA B 123 14.27 10.78 -16.16
N GLN B 124 15.53 11.20 -16.07
CA GLN B 124 16.46 10.62 -15.08
C GLN B 124 16.55 11.45 -13.83
N PHE B 125 16.90 10.80 -12.72
CA PHE B 125 16.90 11.42 -11.38
C PHE B 125 17.77 12.70 -11.28
N GLY B 126 17.34 13.63 -10.43
CA GLY B 126 18.05 14.90 -10.24
C GLY B 126 17.91 15.85 -11.43
N ARG B 127 18.52 15.47 -12.56
CA ARG B 127 18.56 16.29 -13.79
C ARG B 127 17.18 16.76 -14.22
N LYS B 128 16.82 18.00 -13.87
CA LYS B 128 15.49 18.58 -14.21
C LYS B 128 15.24 18.85 -15.70
N SER B 129 16.32 18.93 -16.50
CA SER B 129 16.23 18.98 -17.96
C SER B 129 16.17 17.57 -18.61
N THR B 130 15.76 17.52 -19.88
CA THR B 130 15.74 16.26 -20.63
C THR B 130 16.83 16.26 -21.74
N ASP B 131 17.88 15.51 -21.46
CA ASP B 131 19.11 15.51 -22.24
C ASP B 131 19.10 14.44 -23.32
N LEU B 132 20.14 14.43 -24.13
CA LEU B 132 20.29 13.43 -25.17
C LEU B 132 21.32 12.36 -24.78
N ILE B 133 21.04 11.13 -25.23
CA ILE B 133 22.02 10.05 -25.11
C ILE B 133 23.22 10.46 -25.96
N CYS B 134 24.40 9.93 -25.65
CA CYS B 134 25.60 10.25 -26.46
C CYS B 134 25.38 9.73 -27.87
N VAL B 135 26.05 10.35 -28.84
CA VAL B 135 25.82 10.04 -30.25
C VAL B 135 26.05 8.57 -30.63
N GLU B 136 26.88 7.88 -29.85
CA GLU B 136 27.30 6.52 -30.13
C GLU B 136 26.21 5.54 -29.70
N GLU B 137 25.59 5.80 -28.53
CA GLU B 137 24.41 5.03 -28.11
C GLU B 137 23.32 5.24 -29.16
N GLY B 138 23.30 6.46 -29.72
CA GLY B 138 22.39 6.83 -30.79
C GLY B 138 22.57 6.00 -32.06
N VAL B 139 23.81 5.90 -32.52
CA VAL B 139 24.16 5.09 -33.70
C VAL B 139 23.87 3.60 -33.46
N GLY B 140 24.18 3.10 -32.25
CA GLY B 140 23.86 1.71 -31.89
C GLY B 140 22.35 1.39 -31.90
N LYS B 141 21.56 2.33 -31.38
CA LYS B 141 20.08 2.28 -31.46
C LYS B 141 19.56 2.16 -32.87
N ILE B 142 20.06 3.02 -33.76
CA ILE B 142 19.59 3.09 -35.14
C ILE B 142 19.99 1.85 -35.95
N ARG B 143 21.16 1.32 -35.63
CA ARG B 143 21.65 0.12 -36.31
C ARG B 143 20.81 -1.10 -35.92
N ALA B 144 20.46 -1.20 -34.64
CA ALA B 144 19.64 -2.27 -34.08
C ALA B 144 18.23 -2.27 -34.63
N ALA B 145 17.71 -1.05 -34.93
CA ALA B 145 16.42 -0.86 -35.55
C ALA B 145 16.42 -1.41 -36.95
N LEU B 146 17.45 -1.09 -37.72
CA LEU B 146 17.54 -1.59 -39.08
C LEU B 146 17.74 -3.12 -39.15
N GLU B 147 18.46 -3.66 -38.19
CA GLU B 147 18.67 -5.10 -38.07
C GLU B 147 17.36 -5.85 -37.76
N ALA B 148 16.57 -5.25 -36.87
CA ALA B 148 15.27 -5.79 -36.45
C ALA B 148 14.19 -5.76 -37.56
N ARG B 149 14.35 -4.89 -38.55
CA ARG B 149 13.39 -4.78 -39.63
C ARG B 149 13.34 -6.05 -40.51
N VAL B 150 12.14 -6.45 -40.93
CA VAL B 150 11.96 -7.62 -41.76
C VAL B 150 11.55 -7.23 -43.19
N ASP B 151 10.43 -6.53 -43.32
CA ASP B 151 9.99 -6.01 -44.61
C ASP B 151 10.90 -4.83 -44.97
N PRO B 152 11.71 -4.95 -46.07
CA PRO B 152 12.72 -3.89 -46.25
C PRO B 152 12.06 -2.54 -46.60
N ALA B 153 10.77 -2.60 -47.00
CA ALA B 153 10.00 -1.42 -47.36
C ALA B 153 9.61 -0.57 -46.13
N LEU B 154 9.78 -1.12 -44.92
CA LEU B 154 9.57 -0.32 -43.72
C LEU B 154 10.62 0.82 -43.62
N THR B 155 10.14 2.05 -43.50
CA THR B 155 11.06 3.21 -43.34
C THR B 155 11.43 3.46 -41.88
N ILE B 156 12.72 3.43 -41.59
CA ILE B 156 13.27 3.68 -40.24
C ILE B 156 13.92 5.07 -40.26
N ILE B 157 13.39 5.99 -39.44
CA ILE B 157 13.78 7.43 -39.41
C ILE B 157 14.44 7.82 -38.10
N ALA B 158 15.61 8.44 -38.20
CA ALA B 158 16.32 8.84 -37.01
C ALA B 158 15.96 10.27 -36.65
N ARG B 159 15.49 10.46 -35.43
CA ARG B 159 15.09 11.78 -34.97
C ARG B 159 16.03 12.36 -33.90
N THR B 160 16.27 13.66 -33.99
CA THR B 160 17.00 14.39 -32.92
C THR B 160 16.45 15.82 -32.73
N ASN B 161 16.89 16.47 -31.66
CA ASN B 161 16.37 17.77 -31.20
C ASN B 161 17.37 18.92 -31.49
N ALA B 162 17.05 19.72 -32.50
CA ALA B 162 17.87 20.86 -32.89
C ALA B 162 17.63 22.18 -32.10
N GLU B 163 17.26 22.06 -30.82
CA GLU B 163 16.89 23.25 -30.03
C GLU B 163 17.88 23.65 -28.94
N LEU B 164 18.20 22.71 -28.06
CA LEU B 164 19.09 23.00 -26.95
C LEU B 164 20.54 22.96 -27.46
N ILE B 165 21.03 21.76 -27.79
CA ILE B 165 22.39 21.55 -28.33
C ILE B 165 22.69 22.37 -29.60
N ASP B 166 23.90 22.94 -29.68
CA ASP B 166 24.29 23.83 -30.77
C ASP B 166 24.29 23.11 -32.11
N VAL B 167 24.12 23.87 -33.19
CA VAL B 167 23.98 23.31 -34.52
C VAL B 167 25.06 22.29 -34.87
N ASP B 168 26.29 22.50 -34.40
CA ASP B 168 27.37 21.59 -34.78
C ASP B 168 27.18 20.19 -34.20
N ALA B 169 26.90 20.14 -32.90
CA ALA B 169 26.48 18.92 -32.23
C ALA B 169 25.38 18.22 -33.01
N VAL B 170 24.41 19.01 -33.54
CA VAL B 170 23.32 18.49 -34.40
C VAL B 170 23.87 17.81 -35.65
N ILE B 171 24.57 18.58 -36.49
CA ILE B 171 25.12 18.05 -37.75
C ILE B 171 25.90 16.74 -37.53
N GLN B 172 26.64 16.69 -36.43
CA GLN B 172 27.42 15.55 -35.99
C GLN B 172 26.53 14.30 -35.83
N ARG B 173 25.46 14.46 -35.04
CA ARG B 173 24.49 13.39 -34.78
C ARG B 173 23.85 12.92 -36.08
N THR B 174 23.30 13.86 -36.86
CA THR B 174 22.56 13.50 -38.08
C THR B 174 23.41 12.73 -39.08
N LEU B 175 24.69 13.11 -39.19
CA LEU B 175 25.61 12.47 -40.15
C LEU B 175 25.92 11.03 -39.75
N ALA B 176 26.25 10.83 -38.49
CA ALA B 176 26.40 9.53 -37.87
C ALA B 176 25.16 8.63 -38.02
N TYR B 177 23.96 9.20 -37.83
CA TYR B 177 22.70 8.49 -38.12
C TYR B 177 22.56 8.11 -39.59
N GLN B 178 22.83 9.06 -40.48
CA GLN B 178 22.80 8.82 -41.91
C GLN B 178 23.84 7.73 -42.32
N GLU B 179 25.04 7.85 -41.75
CA GLU B 179 26.10 6.85 -41.84
C GLU B 179 25.54 5.49 -41.42
N ALA B 180 25.02 5.43 -40.20
CA ALA B 180 24.44 4.21 -39.61
C ALA B 180 23.39 3.47 -40.46
N GLY B 181 22.81 4.15 -41.44
CA GLY B 181 21.85 3.55 -42.37
C GLY B 181 20.39 3.98 -42.26
N ALA B 182 20.11 5.07 -41.53
CA ALA B 182 18.72 5.58 -41.44
C ALA B 182 18.12 5.92 -42.81
N ASP B 183 16.84 5.59 -43.02
CA ASP B 183 16.14 5.95 -44.28
C ASP B 183 15.78 7.47 -44.37
N GLY B 184 15.87 8.17 -43.24
CA GLY B 184 15.47 9.58 -43.18
C GLY B 184 15.88 10.15 -41.85
N ILE B 185 15.84 11.48 -41.79
CA ILE B 185 16.06 12.21 -40.56
C ILE B 185 14.82 13.03 -40.17
N CYS B 186 14.48 12.98 -38.89
CA CYS B 186 13.47 13.84 -38.29
C CYS B 186 14.08 14.88 -37.38
N LEU B 187 13.68 16.15 -37.60
CA LEU B 187 14.12 17.24 -36.73
C LEU B 187 13.02 18.00 -36.02
N VAL B 188 13.15 18.04 -34.69
CA VAL B 188 12.38 18.88 -33.82
C VAL B 188 13.22 20.11 -33.34
N GLY B 189 12.57 21.26 -33.30
CA GLY B 189 13.15 22.48 -32.75
C GLY B 189 14.16 23.16 -33.65
N VAL B 190 13.97 23.05 -34.96
CA VAL B 190 14.69 23.87 -35.92
C VAL B 190 14.10 25.26 -35.73
N ARG B 191 14.95 26.27 -35.58
CA ARG B 191 14.48 27.66 -35.38
C ARG B 191 13.89 28.30 -36.65
N ASP B 192 14.62 28.18 -37.76
CA ASP B 192 14.30 28.92 -39.01
C ASP B 192 15.02 28.32 -40.24
N PHE B 193 14.89 28.96 -41.39
CA PHE B 193 15.53 28.42 -42.59
C PHE B 193 17.07 28.48 -42.53
N ALA B 194 17.60 29.52 -41.88
CA ALA B 194 19.07 29.61 -41.65
C ALA B 194 19.54 28.33 -40.99
N HIS B 195 18.83 27.96 -39.93
CA HIS B 195 19.10 26.79 -39.12
C HIS B 195 19.01 25.51 -39.95
N LEU B 196 17.91 25.40 -40.71
CA LEU B 196 17.60 24.22 -41.51
C LEU B 196 18.70 23.94 -42.54
N GLU B 197 19.00 24.92 -43.38
CA GLU B 197 20.08 24.89 -44.42
C GLU B 197 21.44 24.36 -43.94
N ALA B 198 21.91 24.86 -42.80
CA ALA B 198 23.09 24.30 -42.14
C ALA B 198 22.99 22.77 -42.05
N ILE B 199 21.88 22.28 -41.46
CA ILE B 199 21.60 20.84 -41.27
C ILE B 199 21.34 20.08 -42.60
N ALA B 200 20.49 20.63 -43.46
CA ALA B 200 20.15 19.97 -44.72
C ALA B 200 21.36 19.73 -45.62
N GLU B 201 22.41 20.51 -45.41
CA GLU B 201 23.52 20.62 -46.38
C GLU B 201 24.20 19.30 -46.74
N HIS B 202 24.60 18.55 -45.71
CA HIS B 202 25.33 17.30 -45.93
C HIS B 202 24.53 16.02 -45.60
N LEU B 203 23.20 16.12 -45.62
CA LEU B 203 22.33 14.95 -45.66
C LEU B 203 21.86 14.76 -47.10
N HIS B 204 21.68 13.51 -47.53
CA HIS B 204 21.09 13.23 -48.84
C HIS B 204 19.88 12.29 -48.66
N ILE B 205 19.56 11.96 -47.41
CA ILE B 205 18.39 11.13 -47.07
C ILE B 205 17.17 12.00 -46.68
N PRO B 206 15.93 11.57 -47.06
CA PRO B 206 14.70 12.36 -46.82
C PRO B 206 14.63 12.95 -45.42
N LEU B 207 14.09 14.16 -45.33
CA LEU B 207 13.95 14.85 -44.06
C LEU B 207 12.47 15.01 -43.65
N MET B 208 12.26 15.04 -42.36
CA MET B 208 10.95 15.15 -41.80
C MET B 208 11.10 16.20 -40.72
N LEU B 209 10.11 17.08 -40.62
CA LEU B 209 10.14 18.17 -39.66
C LEU B 209 8.95 18.18 -38.72
N VAL B 210 9.22 18.31 -37.42
CA VAL B 210 8.18 18.54 -36.46
C VAL B 210 8.27 20.03 -36.07
N THR B 211 7.47 20.85 -36.75
CA THR B 211 7.54 22.32 -36.61
C THR B 211 6.72 22.91 -35.45
N TYR B 212 5.62 22.26 -35.07
CA TYR B 212 4.65 22.82 -34.10
C TYR B 212 4.07 24.20 -34.54
N GLY B 213 3.86 24.36 -35.84
CA GLY B 213 3.33 25.60 -36.43
C GLY B 213 4.32 26.74 -36.69
N ASN B 214 5.57 26.57 -36.24
CA ASN B 214 6.66 27.55 -36.45
C ASN B 214 6.53 28.41 -37.74
N PRO B 215 6.25 29.72 -37.57
CA PRO B 215 6.01 30.61 -38.70
C PRO B 215 7.26 30.89 -39.55
N GLN B 216 8.42 30.67 -38.94
CA GLN B 216 9.74 30.84 -39.58
C GLN B 216 10.03 29.78 -40.64
N LEU B 217 9.31 28.66 -40.59
CA LEU B 217 9.56 27.56 -41.53
C LEU B 217 8.43 27.38 -42.52
N ARG B 218 7.58 28.40 -42.66
CA ARG B 218 6.39 28.28 -43.52
C ARG B 218 6.76 28.59 -44.95
N ASP B 219 7.21 27.57 -45.68
CA ASP B 219 7.46 27.67 -47.12
C ASP B 219 7.81 26.29 -47.70
N ASP B 220 6.81 25.68 -48.37
CA ASP B 220 6.85 24.26 -48.82
C ASP B 220 7.81 23.94 -49.94
N ALA B 221 7.83 24.78 -50.98
CA ALA B 221 8.73 24.62 -52.12
C ALA B 221 10.17 24.62 -51.63
N ARG B 222 10.48 25.59 -50.78
CA ARG B 222 11.81 25.75 -50.21
C ARG B 222 12.18 24.53 -49.37
N LEU B 223 11.32 24.22 -48.41
CA LEU B 223 11.48 23.02 -47.59
C LEU B 223 11.89 21.77 -48.39
N ALA B 224 11.16 21.49 -49.48
CA ALA B 224 11.39 20.32 -50.34
C ALA B 224 12.74 20.34 -51.06
N ARG B 225 13.09 21.49 -51.62
CA ARG B 225 14.42 21.68 -52.24
C ARG B 225 15.54 21.38 -51.23
N LEU B 226 15.32 21.69 -49.96
CA LEU B 226 16.26 21.32 -48.92
C LEU B 226 16.24 19.80 -48.54
N GLY B 227 15.35 19.03 -49.17
CA GLY B 227 15.20 17.60 -48.83
C GLY B 227 14.10 17.17 -47.84
N VAL B 228 13.44 18.13 -47.17
CA VAL B 228 12.29 17.77 -46.34
C VAL B 228 11.14 17.16 -47.16
N ARG B 229 10.60 16.05 -46.66
CA ARG B 229 9.56 15.32 -47.38
C ARG B 229 8.26 15.27 -46.57
N VAL B 230 8.37 15.36 -45.26
CA VAL B 230 7.21 15.26 -44.35
C VAL B 230 7.26 16.38 -43.32
N VAL B 231 6.11 17.02 -43.11
CA VAL B 231 5.96 18.05 -42.09
C VAL B 231 4.88 17.68 -41.08
N VAL B 232 5.25 17.66 -39.81
CA VAL B 232 4.27 17.43 -38.76
C VAL B 232 3.87 18.76 -38.07
N ASN B 233 2.63 19.18 -38.30
CA ASN B 233 2.20 20.40 -37.63
C ASN B 233 1.65 20.28 -36.21
N GLY B 234 1.28 19.06 -35.83
CA GLY B 234 0.89 18.84 -34.45
C GLY B 234 -0.38 18.05 -34.37
N HIS B 235 -1.11 18.27 -33.27
CA HIS B 235 -2.23 17.38 -32.90
C HIS B 235 -3.53 18.11 -32.54
N ALA B 236 -3.70 19.32 -33.11
CA ALA B 236 -4.91 20.13 -33.01
C ALA B 236 -6.23 19.37 -33.20
N ALA B 237 -6.23 18.42 -34.13
CA ALA B 237 -7.40 17.61 -34.41
C ALA B 237 -7.80 16.71 -33.23
N TYR B 238 -6.83 16.23 -32.45
CA TYR B 238 -7.15 15.54 -31.21
C TYR B 238 -7.69 16.53 -30.18
N PHE B 239 -7.04 17.68 -30.01
CA PHE B 239 -7.54 18.61 -28.98
C PHE B 239 -8.95 19.09 -29.30
N ALA B 240 -9.29 19.19 -30.60
CA ALA B 240 -10.62 19.59 -31.05
C ALA B 240 -11.68 18.57 -30.61
N ALA B 241 -11.33 17.28 -30.65
CA ALA B 241 -12.17 16.17 -30.14
C ALA B 241 -12.38 16.32 -28.64
N ILE B 242 -11.31 16.52 -27.87
CA ILE B 242 -11.43 16.82 -26.42
C ILE B 242 -12.39 17.99 -26.13
N LYS B 243 -12.17 19.12 -26.81
CA LYS B 243 -13.09 20.24 -26.60
C LYS B 243 -14.53 19.90 -26.97
N ALA B 244 -14.76 19.22 -28.09
CA ALA B 244 -16.13 18.87 -28.50
C ALA B 244 -16.86 17.96 -27.51
N THR B 245 -16.14 17.00 -26.94
CA THR B 245 -16.65 16.13 -25.84
C THR B 245 -16.99 16.94 -24.58
N TYR B 246 -16.09 17.84 -24.18
CA TYR B 246 -16.33 18.74 -23.08
C TYR B 246 -17.62 19.56 -23.33
N ASP B 247 -17.75 20.16 -24.52
CA ASP B 247 -18.85 21.11 -24.78
C ASP B 247 -20.17 20.36 -24.89
N CYS B 248 -20.14 19.17 -25.45
CA CYS B 248 -21.38 18.37 -25.54
C CYS B 248 -21.92 17.95 -24.15
N LEU B 249 -21.02 17.47 -23.31
CA LEU B 249 -21.41 17.08 -21.95
C LEU B 249 -21.80 18.29 -21.07
N ARG B 250 -21.04 19.39 -21.16
CA ARG B 250 -21.37 20.67 -20.50
C ARG B 250 -22.82 21.11 -20.81
N GLU B 251 -23.21 21.06 -22.07
CA GLU B 251 -24.56 21.45 -22.51
C GLU B 251 -25.61 20.47 -22.05
N GLU B 252 -25.31 19.17 -22.04
CA GLU B 252 -26.28 18.15 -21.52
C GLU B 252 -26.47 18.40 -20.04
N ARG B 253 -25.39 18.62 -19.31
CA ARG B 253 -25.45 18.96 -17.88
C ARG B 253 -26.20 20.28 -17.52
N GLY B 254 -26.08 21.27 -18.39
CA GLY B 254 -26.63 22.65 -18.21
C GLY B 254 -25.61 23.56 -17.51
N ALA B 255 -24.32 23.21 -17.62
CA ALA B 255 -23.28 23.93 -16.92
C ALA B 255 -22.83 25.13 -17.77
N VAL B 256 -22.19 26.12 -17.12
CA VAL B 256 -21.71 27.37 -17.79
C VAL B 256 -20.48 27.04 -18.65
N ALA B 257 -20.30 27.79 -19.74
CA ALA B 257 -19.20 27.57 -20.69
C ALA B 257 -17.85 27.77 -20.04
N SER B 258 -16.85 27.05 -20.56
CA SER B 258 -15.49 27.22 -20.11
C SER B 258 -14.87 28.21 -21.07
N ASP B 259 -13.93 29.00 -20.60
CA ASP B 259 -13.22 29.85 -21.56
C ASP B 259 -11.79 29.36 -21.95
N LEU B 260 -11.48 28.11 -21.56
CA LEU B 260 -10.20 27.52 -21.93
C LEU B 260 -10.30 27.17 -23.41
N THR B 261 -9.18 27.25 -24.11
CA THR B 261 -9.11 26.77 -25.49
C THR B 261 -9.08 25.23 -25.53
N ALA B 262 -9.18 24.65 -26.72
CA ALA B 262 -9.05 23.21 -26.90
C ALA B 262 -7.70 22.67 -26.36
N SER B 263 -6.56 23.31 -26.69
CA SER B 263 -5.24 22.89 -26.10
C SER B 263 -5.22 23.05 -24.60
N GLU B 264 -5.77 24.17 -24.12
CA GLU B 264 -5.82 24.36 -22.68
C GLU B 264 -6.64 23.28 -21.93
N LEU B 265 -7.82 22.96 -22.45
CA LEU B 265 -8.69 21.94 -21.83
C LEU B 265 -7.99 20.57 -21.82
N SER B 266 -7.32 20.22 -22.90
CA SER B 266 -6.57 18.95 -23.00
C SER B 266 -5.43 18.85 -22.03
N LYS B 267 -4.65 19.93 -21.90
CA LYS B 267 -3.62 19.92 -20.88
C LYS B 267 -4.19 19.78 -19.46
N LYS B 268 -5.23 20.53 -19.15
CA LYS B 268 -5.86 20.47 -17.84
C LYS B 268 -6.19 19.04 -17.42
N TYR B 269 -6.82 18.29 -18.33
CA TYR B 269 -7.21 16.92 -18.03
C TYR B 269 -6.09 15.86 -17.94
N THR B 270 -4.85 16.29 -18.17
CA THR B 270 -3.65 15.48 -17.90
C THR B 270 -3.18 15.62 -16.44
N PHE B 271 -3.83 16.50 -15.68
CA PHE B 271 -3.50 16.69 -14.26
C PHE B 271 -2.01 17.09 -14.09
N PRO B 272 -1.57 18.09 -14.87
CA PRO B 272 -0.12 18.33 -14.96
C PRO B 272 0.49 18.71 -13.59
N GLU B 273 -0.31 19.38 -12.75
CA GLU B 273 0.17 19.81 -11.44
C GLU B 273 0.47 18.63 -10.52
N GLU B 274 -0.39 17.61 -10.59
CA GLU B 274 -0.24 16.35 -9.85
C GLU B 274 1.06 15.62 -10.21
N TYR B 275 1.30 15.46 -11.52
CA TYR B 275 2.50 14.82 -11.99
C TYR B 275 3.77 15.62 -11.60
N GLN B 276 3.68 16.95 -11.68
CA GLN B 276 4.74 17.82 -11.18
C GLN B 276 5.09 17.68 -9.71
N ALA B 277 4.09 17.63 -8.84
CA ALA B 277 4.30 17.42 -7.39
C ALA B 277 4.99 16.08 -7.11
N TRP B 278 4.66 15.08 -7.92
CA TRP B 278 5.23 13.77 -7.71
C TRP B 278 6.69 13.76 -8.14
N ALA B 279 6.99 14.40 -9.27
CA ALA B 279 8.34 14.56 -9.78
C ALA B 279 9.27 15.39 -8.87
N ARG B 280 8.72 16.38 -8.15
CA ARG B 280 9.48 17.12 -7.14
C ARG B 280 9.65 16.31 -5.89
N ASP B 281 8.63 15.57 -5.49
CA ASP B 281 8.64 14.83 -4.27
C ASP B 281 9.53 13.58 -4.36
N TYR B 282 9.59 12.94 -5.55
CA TYR B 282 10.22 11.63 -5.63
C TYR B 282 11.45 11.55 -6.56
N MET B 283 11.70 12.61 -7.31
CA MET B 283 12.74 12.63 -8.31
C MET B 283 13.70 13.82 -8.24
N GLU B 284 13.70 14.50 -7.10
CA GLU B 284 14.66 15.58 -6.83
C GLU B 284 15.29 15.34 -5.46
N VAL B 285 16.57 15.65 -5.29
CA VAL B 285 17.20 15.53 -3.94
C VAL B 285 16.71 16.69 -3.03
N ARG C 3 15.18 -15.85 -39.42
CA ARG C 3 15.30 -15.40 -40.83
C ARG C 3 14.09 -15.70 -41.73
N ALA C 4 13.41 -16.85 -41.56
CA ALA C 4 12.18 -17.06 -42.37
C ALA C 4 11.13 -16.07 -41.89
N SER C 5 10.52 -15.34 -42.82
CA SER C 5 9.45 -14.44 -42.46
C SER C 5 8.15 -15.21 -42.37
N HIS C 6 7.13 -14.55 -41.84
CA HIS C 6 5.77 -15.09 -41.84
C HIS C 6 5.32 -15.61 -43.18
N HIS C 7 5.67 -14.88 -44.24
CA HIS C 7 5.38 -15.31 -45.62
C HIS C 7 6.20 -16.54 -46.10
N GLU C 8 7.47 -16.57 -45.73
CA GLU C 8 8.38 -17.68 -46.08
C GLU C 8 7.94 -18.97 -45.39
N LEU C 9 7.49 -18.85 -44.14
CA LEU C 9 6.95 -19.97 -43.37
C LEU C 9 5.71 -20.56 -44.01
N ARG C 10 4.84 -19.70 -44.53
CA ARG C 10 3.67 -20.12 -45.31
C ARG C 10 4.03 -20.86 -46.63
N ALA C 11 5.11 -20.42 -47.29
CA ALA C 11 5.61 -21.13 -48.45
C ALA C 11 6.12 -22.55 -48.09
N MET C 12 6.81 -22.66 -46.95
CA MET C 12 7.33 -23.95 -46.44
C MET C 12 6.21 -24.93 -46.14
N PHE C 13 5.11 -24.42 -45.56
CA PHE C 13 3.93 -25.21 -45.23
C PHE C 13 3.22 -25.73 -46.47
N ARG C 14 3.01 -24.84 -47.44
CA ARG C 14 2.51 -25.21 -48.77
C ARG C 14 3.37 -26.30 -49.42
N ALA C 15 4.68 -26.25 -49.19
CA ALA C 15 5.58 -27.24 -49.76
C ALA C 15 5.35 -28.61 -49.12
N LEU C 16 5.20 -28.66 -47.79
CA LEU C 16 4.82 -29.90 -47.14
C LEU C 16 3.54 -30.48 -47.74
N LEU C 17 2.58 -29.60 -48.06
CA LEU C 17 1.26 -30.03 -48.55
C LEU C 17 1.34 -30.56 -49.97
N ASP C 18 2.18 -29.96 -50.80
CA ASP C 18 2.42 -30.41 -52.19
C ASP C 18 3.32 -31.63 -52.29
N SER C 19 3.93 -32.04 -51.19
CA SER C 19 4.78 -33.22 -51.20
C SER C 19 3.86 -34.46 -51.24
N SER C 20 4.44 -35.65 -51.25
CA SER C 20 3.58 -36.83 -51.27
C SER C 20 3.70 -37.62 -49.99
N ARG C 21 4.17 -36.93 -48.96
CA ARG C 21 4.32 -37.49 -47.63
C ARG C 21 3.28 -36.87 -46.73
N CYS C 22 3.07 -37.46 -45.56
CA CYS C 22 2.45 -36.73 -44.47
C CYS C 22 3.46 -36.47 -43.34
N TYR C 23 3.11 -35.52 -42.48
CA TYR C 23 4.00 -35.05 -41.43
C TYR C 23 3.23 -35.03 -40.10
N HIS C 24 3.91 -35.41 -39.02
CA HIS C 24 3.32 -35.31 -37.70
C HIS C 24 3.74 -33.98 -37.05
N THR C 25 2.76 -33.25 -36.51
CA THR C 25 3.01 -31.94 -35.94
C THR C 25 3.66 -32.13 -34.59
N ALA C 26 4.51 -31.17 -34.22
CA ALA C 26 4.86 -30.96 -32.82
C ALA C 26 3.81 -30.04 -32.21
N SER C 27 3.46 -30.31 -30.96
CA SER C 27 2.68 -29.37 -30.16
C SER C 27 3.52 -28.15 -29.81
N VAL C 28 3.17 -27.01 -30.41
CA VAL C 28 3.87 -25.71 -30.23
C VAL C 28 2.88 -24.68 -29.64
N PHE C 29 3.13 -24.25 -28.40
CA PHE C 29 2.13 -23.50 -27.66
C PHE C 29 2.68 -22.18 -27.09
N ASP C 30 4.00 -22.02 -27.19
CA ASP C 30 4.70 -20.83 -26.70
C ASP C 30 6.06 -20.75 -27.38
N PRO C 31 6.79 -19.63 -27.14
CA PRO C 31 8.11 -19.45 -27.74
C PRO C 31 9.14 -20.56 -27.38
N MET C 32 9.21 -20.94 -26.11
CA MET C 32 10.13 -22.05 -25.74
C MET C 32 9.84 -23.36 -26.53
N SER C 33 8.59 -23.82 -26.49
CA SER C 33 8.22 -25.01 -27.23
C SER C 33 8.45 -24.84 -28.73
N ALA C 34 8.27 -23.62 -29.27
CA ALA C 34 8.52 -23.41 -30.72
C ALA C 34 9.99 -23.58 -31.06
N ARG C 35 10.86 -23.08 -30.18
CA ARG C 35 12.28 -23.25 -30.37
C ARG C 35 12.69 -24.73 -30.27
N ILE C 36 12.15 -25.43 -29.27
CA ILE C 36 12.39 -26.85 -29.09
C ILE C 36 12.02 -27.63 -30.36
N ALA C 37 10.80 -27.42 -30.87
CA ALA C 37 10.31 -28.13 -32.05
C ALA C 37 11.21 -27.93 -33.26
N ALA C 38 11.65 -26.70 -33.50
CA ALA C 38 12.52 -26.41 -34.63
C ALA C 38 13.90 -27.05 -34.49
N ASP C 39 14.38 -27.12 -33.26
CA ASP C 39 15.68 -27.65 -32.97
C ASP C 39 15.70 -29.16 -33.20
N LEU C 40 14.64 -29.87 -32.80
CA LEU C 40 14.45 -31.29 -33.08
C LEU C 40 14.21 -31.61 -34.57
N GLY C 41 14.10 -30.60 -35.42
CA GLY C 41 13.83 -30.84 -36.83
C GLY C 41 12.39 -31.08 -37.27
N PHE C 42 11.39 -30.88 -36.40
CA PHE C 42 9.96 -30.92 -36.85
C PHE C 42 9.64 -30.02 -38.04
N GLU C 43 8.82 -30.54 -38.95
CA GLU C 43 8.47 -29.81 -40.18
C GLU C 43 7.41 -28.75 -39.94
N CYS C 44 6.47 -29.02 -39.04
CA CYS C 44 5.44 -28.04 -38.72
C CYS C 44 4.96 -28.25 -37.27
N GLY C 45 4.33 -27.23 -36.70
CA GLY C 45 3.75 -27.31 -35.38
C GLY C 45 2.29 -26.90 -35.36
N ILE C 46 1.66 -27.08 -34.20
CA ILE C 46 0.26 -26.72 -34.04
C ILE C 46 0.01 -26.08 -32.68
N LEU C 47 -0.55 -24.86 -32.72
CA LEU C 47 -1.11 -24.22 -31.53
C LEU C 47 -2.58 -24.67 -31.34
N GLY C 48 -2.80 -25.50 -30.32
CA GLY C 48 -4.14 -25.97 -30.02
C GLY C 48 -4.88 -24.98 -29.14
N GLY C 49 -6.18 -24.87 -29.38
CA GLY C 49 -7.07 -24.06 -28.57
C GLY C 49 -7.16 -24.56 -27.14
N SER C 50 -7.09 -25.89 -26.96
CA SER C 50 -7.11 -26.51 -25.64
C SER C 50 -5.88 -26.11 -24.78
N VAL C 51 -4.72 -26.08 -25.41
CA VAL C 51 -3.49 -25.77 -24.67
C VAL C 51 -3.43 -24.27 -24.31
N ALA C 52 -3.84 -23.40 -25.23
CA ALA C 52 -3.99 -21.95 -24.93
C ALA C 52 -4.91 -21.71 -23.75
N SER C 53 -6.00 -22.46 -23.69
CA SER C 53 -6.94 -22.36 -22.58
C SER C 53 -6.33 -22.84 -21.24
N LEU C 54 -5.51 -23.90 -21.28
CA LEU C 54 -4.74 -24.29 -20.06
C LEU C 54 -3.77 -23.22 -19.63
N GLN C 55 -3.09 -22.60 -20.58
CA GLN C 55 -2.02 -21.70 -20.26
C GLN C 55 -2.53 -20.34 -19.77
N VAL C 56 -3.60 -19.83 -20.41
CA VAL C 56 -4.04 -18.46 -20.15
C VAL C 56 -4.89 -18.51 -18.90
N LEU C 57 -5.66 -19.60 -18.79
CA LEU C 57 -6.76 -19.67 -17.84
C LEU C 57 -6.76 -20.87 -16.87
N ALA C 58 -5.93 -21.89 -17.13
CA ALA C 58 -6.11 -23.22 -16.44
C ALA C 58 -7.56 -23.74 -16.58
N ALA C 59 -8.13 -23.64 -17.78
CA ALA C 59 -9.53 -24.00 -17.99
C ALA C 59 -9.69 -25.08 -19.04
N PRO C 60 -10.81 -25.84 -18.92
CA PRO C 60 -11.16 -26.82 -19.96
C PRO C 60 -11.36 -26.14 -21.33
N ASP C 61 -11.44 -26.96 -22.35
CA ASP C 61 -11.52 -26.52 -23.70
C ASP C 61 -12.96 -26.08 -24.09
N PHE C 62 -13.46 -25.02 -23.42
CA PHE C 62 -14.88 -24.60 -23.46
C PHE C 62 -15.16 -23.24 -24.17
N ALA C 63 -14.20 -22.83 -25.00
CA ALA C 63 -14.24 -21.49 -25.63
C ALA C 63 -14.42 -20.37 -24.59
N LEU C 64 -13.55 -20.39 -23.56
CA LEU C 64 -13.59 -19.38 -22.50
C LEU C 64 -12.56 -18.30 -22.79
N ILE C 65 -11.50 -18.70 -23.47
CA ILE C 65 -10.48 -17.79 -23.91
CA ILE C 65 -10.50 -17.74 -23.89
C ILE C 65 -11.17 -16.81 -24.92
N THR C 66 -10.68 -15.58 -24.99
CA THR C 66 -11.22 -14.64 -25.98
C THR C 66 -10.31 -14.71 -27.21
N LEU C 67 -10.80 -14.26 -28.35
CA LEU C 67 -9.98 -14.14 -29.51
C LEU C 67 -8.63 -13.43 -29.20
N SER C 68 -8.66 -12.29 -28.48
CA SER C 68 -7.44 -11.52 -28.14
C SER C 68 -6.38 -12.33 -27.39
N GLU C 69 -6.87 -13.19 -26.51
CA GLU C 69 -6.04 -14.05 -25.68
C GLU C 69 -5.44 -15.17 -26.54
N PHE C 70 -6.26 -15.79 -27.38
CA PHE C 70 -5.69 -16.78 -28.31
C PHE C 70 -4.61 -16.19 -29.23
N VAL C 71 -4.88 -14.98 -29.71
CA VAL C 71 -3.98 -14.25 -30.59
C VAL C 71 -2.69 -13.82 -29.85
N GLU C 72 -2.78 -13.38 -28.61
CA GLU C 72 -1.57 -13.11 -27.86
C GLU C 72 -0.68 -14.36 -27.83
N GLN C 73 -1.28 -15.53 -27.61
CA GLN C 73 -0.49 -16.80 -27.56
C GLN C 73 0.27 -17.05 -28.86
N ALA C 74 -0.47 -16.94 -29.96
CA ALA C 74 0.05 -17.01 -31.34
C ALA C 74 1.09 -15.97 -31.68
N THR C 75 0.85 -14.74 -31.25
CA THR C 75 1.79 -13.65 -31.46
C THR C 75 3.12 -13.93 -30.74
N ARG C 76 3.07 -14.35 -29.48
CA ARG C 76 4.29 -14.73 -28.76
C ARG C 76 5.09 -15.85 -29.48
N ILE C 77 4.40 -16.86 -30.01
CA ILE C 77 5.02 -17.90 -30.83
C ILE C 77 5.61 -17.30 -32.13
N GLY C 78 4.82 -16.44 -32.79
CA GLY C 78 5.25 -15.79 -34.05
C GLY C 78 6.51 -14.98 -33.99
N ARG C 79 6.88 -14.49 -32.82
CA ARG C 79 8.15 -13.75 -32.71
C ARG C 79 9.40 -14.64 -32.87
N VAL C 80 9.27 -15.94 -32.61
CA VAL C 80 10.42 -16.88 -32.56
C VAL C 80 10.31 -18.08 -33.53
N ALA C 81 9.11 -18.37 -34.05
CA ALA C 81 8.88 -19.62 -34.81
C ALA C 81 9.72 -19.72 -36.09
N ARG C 82 10.49 -20.81 -36.19
CA ARG C 82 11.33 -21.09 -37.37
C ARG C 82 10.76 -22.21 -38.21
N LEU C 83 9.67 -22.81 -37.73
CA LEU C 83 8.88 -23.79 -38.51
C LEU C 83 7.48 -23.22 -38.59
N PRO C 84 6.76 -23.52 -39.69
CA PRO C 84 5.33 -23.18 -39.82
C PRO C 84 4.42 -23.72 -38.74
N VAL C 85 3.56 -22.85 -38.22
CA VAL C 85 2.67 -23.21 -37.13
C VAL C 85 1.22 -23.10 -37.61
N ILE C 86 0.43 -24.14 -37.33
CA ILE C 86 -0.98 -24.19 -37.60
C ILE C 86 -1.69 -23.68 -36.36
N ALA C 87 -2.60 -22.73 -36.54
CA ALA C 87 -3.46 -22.34 -35.40
C ALA C 87 -4.78 -23.02 -35.47
N ASP C 88 -5.14 -23.77 -34.42
CA ASP C 88 -6.52 -24.20 -34.21
C ASP C 88 -7.37 -22.99 -33.75
N ALA C 89 -8.19 -22.44 -34.64
CA ALA C 89 -8.93 -21.21 -34.36
C ALA C 89 -10.42 -21.48 -34.04
N ASP C 90 -10.69 -22.67 -33.49
CA ASP C 90 -12.06 -23.08 -33.11
C ASP C 90 -13.12 -22.75 -34.17
N HIS C 91 -14.24 -22.14 -33.78
CA HIS C 91 -15.27 -21.75 -34.74
C HIS C 91 -15.06 -20.34 -35.34
N GLY C 92 -13.93 -19.68 -35.07
CA GLY C 92 -13.68 -18.28 -35.51
C GLY C 92 -14.22 -17.20 -34.57
N TYR C 93 -14.56 -17.61 -33.35
CA TYR C 93 -14.88 -16.69 -32.25
C TYR C 93 -16.19 -15.85 -32.47
N GLY C 94 -17.12 -16.47 -33.21
CA GLY C 94 -18.44 -15.93 -33.44
C GLY C 94 -18.97 -16.38 -34.77
N ASN C 95 -19.69 -15.49 -35.45
CA ASN C 95 -20.38 -15.82 -36.71
C ASN C 95 -19.42 -15.50 -37.79
N ALA C 96 -19.87 -15.49 -39.03
CA ALA C 96 -18.92 -15.32 -40.14
C ALA C 96 -18.16 -13.98 -40.11
N LEU C 97 -18.77 -12.95 -39.51
CA LEU C 97 -18.12 -11.61 -39.36
C LEU C 97 -17.01 -11.67 -38.30
N ASN C 98 -17.27 -12.39 -37.21
CA ASN C 98 -16.19 -12.70 -36.25
C ASN C 98 -15.07 -13.54 -36.87
N VAL C 99 -15.42 -14.45 -37.78
CA VAL C 99 -14.40 -15.27 -38.46
C VAL C 99 -13.43 -14.39 -39.25
N MET C 100 -13.93 -13.36 -39.96
CA MET C 100 -13.03 -12.41 -40.62
C MET C 100 -11.93 -11.83 -39.69
N ARG C 101 -12.33 -11.44 -38.51
CA ARG C 101 -11.46 -10.87 -37.55
C ARG C 101 -10.49 -11.92 -37.06
N THR C 102 -10.98 -13.13 -36.77
CA THR C 102 -10.10 -14.27 -36.43
C THR C 102 -8.96 -14.43 -37.44
N VAL C 103 -9.33 -14.45 -38.71
CA VAL C 103 -8.32 -14.55 -39.78
C VAL C 103 -7.35 -13.35 -39.81
N VAL C 104 -7.87 -12.11 -39.73
CA VAL C 104 -6.95 -10.94 -39.69
C VAL C 104 -5.96 -10.99 -38.53
N GLU C 105 -6.50 -11.26 -37.33
CA GLU C 105 -5.66 -11.30 -36.15
C GLU C 105 -4.55 -12.37 -36.21
N LEU C 106 -4.93 -13.58 -36.64
CA LEU C 106 -3.96 -14.73 -36.69
C LEU C 106 -2.97 -14.61 -37.82
N GLU C 107 -3.42 -14.13 -38.96
CA GLU C 107 -2.46 -13.89 -40.05
C GLU C 107 -1.43 -12.82 -39.65
N ARG C 108 -1.89 -11.76 -38.98
CA ARG C 108 -0.95 -10.75 -38.50
C ARG C 108 0.00 -11.28 -37.43
N ALA C 109 -0.52 -12.14 -36.53
CA ALA C 109 0.27 -12.77 -35.46
C ALA C 109 1.46 -13.61 -36.00
N GLY C 110 1.29 -14.06 -37.23
CA GLY C 110 2.36 -14.65 -38.04
C GLY C 110 2.17 -16.14 -38.32
N ILE C 111 0.95 -16.61 -38.12
CA ILE C 111 0.62 -18.02 -38.19
C ILE C 111 0.64 -18.48 -39.66
N ALA C 112 0.95 -19.75 -39.90
CA ALA C 112 1.15 -20.27 -41.29
C ALA C 112 -0.14 -20.82 -41.87
N ALA C 113 -1.04 -21.24 -40.98
CA ALA C 113 -2.22 -21.94 -41.40
C ALA C 113 -3.15 -21.92 -40.24
N LEU C 114 -4.45 -22.01 -40.50
CA LEU C 114 -5.43 -21.99 -39.42
C LEU C 114 -6.63 -22.87 -39.77
N THR C 115 -7.26 -23.46 -38.76
CA THR C 115 -8.46 -24.21 -38.99
C THR C 115 -9.72 -23.49 -38.48
N ILE C 116 -10.82 -23.58 -39.23
CA ILE C 116 -12.13 -23.16 -38.77
C ILE C 116 -13.07 -24.36 -38.81
N GLU C 117 -13.77 -24.60 -37.72
CA GLU C 117 -14.52 -25.81 -37.60
C GLU C 117 -15.96 -25.37 -37.48
N ASP C 118 -16.87 -26.32 -37.74
CA ASP C 118 -18.32 -26.09 -37.85
C ASP C 118 -19.12 -26.57 -36.64
N THR C 119 -18.41 -26.71 -35.51
CA THR C 119 -19.01 -26.95 -34.20
C THR C 119 -19.72 -25.68 -33.77
N LEU C 120 -20.90 -25.87 -33.19
CA LEU C 120 -21.62 -24.81 -32.59
C LEU C 120 -21.00 -24.49 -31.24
N LEU C 121 -20.34 -23.33 -31.17
CA LEU C 121 -19.61 -22.85 -30.00
C LEU C 121 -20.00 -21.40 -29.69
N PRO C 122 -19.98 -21.01 -28.38
CA PRO C 122 -19.71 -21.87 -27.21
C PRO C 122 -20.90 -22.80 -26.99
N ALA C 123 -20.81 -23.70 -25.99
CA ALA C 123 -21.93 -24.59 -25.63
C ALA C 123 -23.27 -23.83 -25.51
N GLN C 124 -24.29 -24.39 -26.14
CA GLN C 124 -25.65 -23.88 -26.09
C GLN C 124 -26.44 -24.23 -24.83
N PHE C 125 -27.38 -23.35 -24.49
CA PHE C 125 -28.26 -23.58 -23.37
C PHE C 125 -29.03 -24.92 -23.48
N GLY C 126 -28.95 -25.73 -22.41
CA GLY C 126 -29.70 -26.97 -22.27
C GLY C 126 -29.21 -28.14 -23.11
N ARG C 127 -28.45 -27.87 -24.18
CA ARG C 127 -27.91 -28.94 -25.05
C ARG C 127 -26.61 -29.47 -24.51
N LYS C 128 -26.66 -30.61 -23.84
CA LYS C 128 -25.44 -31.29 -23.40
C LYS C 128 -24.79 -32.05 -24.54
N SER C 129 -25.41 -31.99 -25.72
CA SER C 129 -24.78 -32.46 -26.95
C SER C 129 -23.90 -31.35 -27.55
N THR C 130 -22.73 -31.74 -28.05
CA THR C 130 -21.98 -30.91 -28.99
C THR C 130 -22.54 -31.04 -30.40
N ASP C 131 -23.00 -29.93 -30.95
CA ASP C 131 -23.65 -29.93 -32.25
C ASP C 131 -22.86 -29.15 -33.26
N LEU C 132 -23.19 -29.39 -34.52
CA LEU C 132 -22.61 -28.70 -35.64
C LEU C 132 -23.59 -27.66 -36.18
N ILE C 133 -23.02 -26.59 -36.76
CA ILE C 133 -23.80 -25.57 -37.44
C ILE C 133 -24.22 -26.21 -38.76
N CYS C 134 -25.32 -25.70 -39.34
CA CYS C 134 -25.75 -26.19 -40.64
C CYS C 134 -24.65 -25.95 -41.67
N VAL C 135 -24.57 -26.84 -42.65
CA VAL C 135 -23.61 -26.72 -43.73
C VAL C 135 -23.62 -25.35 -44.45
N GLU C 136 -24.80 -24.73 -44.61
CA GLU C 136 -24.92 -23.41 -45.26
C GLU C 136 -24.16 -22.37 -44.45
N GLU C 137 -24.40 -22.32 -43.12
CA GLU C 137 -23.59 -21.46 -42.25
C GLU C 137 -22.11 -21.77 -42.35
N GLY C 138 -21.76 -23.07 -42.38
CA GLY C 138 -20.37 -23.48 -42.42
C GLY C 138 -19.65 -23.01 -43.66
N VAL C 139 -20.32 -23.16 -44.80
CA VAL C 139 -19.83 -22.66 -46.08
C VAL C 139 -19.58 -21.13 -46.05
N GLY C 140 -20.46 -20.39 -45.40
CA GLY C 140 -20.33 -18.92 -45.43
C GLY C 140 -19.13 -18.52 -44.58
N LYS C 141 -18.89 -19.27 -43.51
CA LYS C 141 -17.76 -19.04 -42.61
C LYS C 141 -16.42 -19.29 -43.32
N ILE C 142 -16.37 -20.36 -44.13
CA ILE C 142 -15.16 -20.63 -44.92
C ILE C 142 -14.94 -19.54 -45.98
N ARG C 143 -16.02 -19.19 -46.69
CA ARG C 143 -15.97 -18.12 -47.66
C ARG C 143 -15.57 -16.79 -46.99
N ALA C 144 -16.10 -16.52 -45.80
CA ALA C 144 -15.72 -15.31 -45.03
C ALA C 144 -14.25 -15.30 -44.67
N ALA C 145 -13.72 -16.48 -44.29
CA ALA C 145 -12.31 -16.61 -43.91
C ALA C 145 -11.42 -16.35 -45.13
N LEU C 146 -11.79 -16.91 -46.26
CA LEU C 146 -11.00 -16.74 -47.47
C LEU C 146 -10.97 -15.25 -47.96
N GLU C 147 -12.09 -14.54 -47.81
CA GLU C 147 -12.18 -13.07 -48.06
C GLU C 147 -11.30 -12.23 -47.15
N ALA C 148 -11.14 -12.64 -45.89
CA ALA C 148 -10.41 -11.86 -44.89
C ALA C 148 -8.92 -12.02 -45.07
N ARG C 149 -8.51 -13.12 -45.73
CA ARG C 149 -7.11 -13.38 -45.93
C ARG C 149 -6.49 -12.26 -46.80
N VAL C 150 -5.27 -11.86 -46.45
CA VAL C 150 -4.48 -10.89 -47.18
C VAL C 150 -3.29 -11.58 -47.88
N ASP C 151 -2.35 -12.13 -47.11
CA ASP C 151 -1.28 -12.96 -47.71
C ASP C 151 -1.87 -14.26 -48.35
N PRO C 152 -1.89 -14.35 -49.70
CA PRO C 152 -2.61 -15.52 -50.27
C PRO C 152 -1.93 -16.87 -49.95
N ALA C 153 -0.69 -16.79 -49.48
CA ALA C 153 0.09 -17.95 -49.02
C ALA C 153 -0.44 -18.53 -47.71
N LEU C 154 -1.22 -17.75 -46.94
CA LEU C 154 -1.90 -18.33 -45.77
C LEU C 154 -2.85 -19.48 -46.11
N THR C 155 -2.71 -20.60 -45.39
CA THR C 155 -3.56 -21.78 -45.68
C THR C 155 -4.79 -21.75 -44.77
N ILE C 156 -6.00 -21.83 -45.36
CA ILE C 156 -7.26 -21.87 -44.62
C ILE C 156 -7.91 -23.27 -44.64
N ILE C 157 -7.91 -23.93 -43.50
CA ILE C 157 -8.36 -25.31 -43.45
C ILE C 157 -9.71 -25.38 -42.83
N ALA C 158 -10.67 -25.94 -43.57
CA ALA C 158 -12.00 -26.23 -43.05
C ALA C 158 -11.99 -27.55 -42.26
N ARG C 159 -12.43 -27.48 -41.00
CA ARG C 159 -12.44 -28.64 -40.11
C ARG C 159 -13.85 -29.07 -39.79
N THR C 160 -14.08 -30.39 -39.74
CA THR C 160 -15.33 -30.97 -39.30
C THR C 160 -15.08 -32.21 -38.41
N ASN C 161 -16.15 -32.67 -37.77
CA ASN C 161 -16.13 -33.77 -36.84
C ASN C 161 -16.90 -34.98 -37.38
N ALA C 162 -16.16 -36.01 -37.80
CA ALA C 162 -16.72 -37.23 -38.43
C ALA C 162 -17.23 -38.28 -37.43
N GLU C 163 -17.02 -38.03 -36.14
CA GLU C 163 -17.60 -38.86 -35.07
C GLU C 163 -19.06 -38.49 -34.84
N LEU C 164 -19.39 -37.22 -35.03
CA LEU C 164 -20.73 -36.78 -34.72
C LEU C 164 -21.75 -37.36 -35.71
N ILE C 165 -21.47 -37.12 -36.99
CA ILE C 165 -22.42 -37.33 -38.06
C ILE C 165 -22.04 -38.56 -38.92
N ASP C 166 -22.97 -39.01 -39.75
CA ASP C 166 -22.72 -40.18 -40.61
C ASP C 166 -21.86 -39.84 -41.80
N VAL C 167 -21.25 -40.85 -42.41
CA VAL C 167 -20.23 -40.63 -43.43
C VAL C 167 -20.78 -39.77 -44.58
N ASP C 168 -22.05 -39.99 -44.90
CA ASP C 168 -22.63 -39.28 -46.04
CA ASP C 168 -22.78 -39.30 -45.98
C ASP C 168 -22.82 -37.77 -45.78
N ALA C 169 -22.98 -37.38 -44.52
CA ALA C 169 -23.00 -35.95 -44.08
C ALA C 169 -21.59 -35.34 -44.05
N VAL C 170 -20.59 -36.14 -43.68
CA VAL C 170 -19.21 -35.69 -43.71
C VAL C 170 -18.77 -35.42 -45.16
N ILE C 171 -19.21 -36.28 -46.08
CA ILE C 171 -18.84 -36.16 -47.50
C ILE C 171 -19.50 -34.89 -48.03
N GLN C 172 -20.80 -34.75 -47.78
CA GLN C 172 -21.57 -33.58 -48.15
C GLN C 172 -20.91 -32.27 -47.68
N ARG C 173 -20.61 -32.17 -46.36
CA ARG C 173 -20.00 -30.94 -45.78
C ARG C 173 -18.64 -30.70 -46.32
N THR C 174 -17.78 -31.71 -46.24
CA THR C 174 -16.42 -31.55 -46.77
C THR C 174 -16.35 -31.27 -48.28
N LEU C 175 -17.29 -31.84 -49.05
CA LEU C 175 -17.32 -31.47 -50.48
C LEU C 175 -17.73 -29.98 -50.63
N ALA C 176 -18.72 -29.55 -49.83
CA ALA C 176 -19.21 -28.18 -49.84
C ALA C 176 -18.12 -27.18 -49.48
N TYR C 177 -17.20 -27.58 -48.58
CA TYR C 177 -16.12 -26.72 -48.11
C TYR C 177 -15.00 -26.66 -49.13
N GLN C 178 -14.81 -27.76 -49.84
CA GLN C 178 -13.84 -27.81 -50.93
C GLN C 178 -14.26 -26.87 -52.05
N GLU C 179 -15.55 -26.91 -52.38
CA GLU C 179 -16.15 -26.13 -53.45
C GLU C 179 -16.17 -24.64 -53.06
N ALA C 180 -16.27 -24.37 -51.76
CA ALA C 180 -16.17 -23.01 -51.19
C ALA C 180 -14.77 -22.41 -51.31
N GLY C 181 -13.77 -23.25 -51.53
CA GLY C 181 -12.42 -22.75 -51.72
C GLY C 181 -11.41 -23.08 -50.66
N ALA C 182 -11.77 -23.94 -49.70
CA ALA C 182 -10.83 -24.40 -48.64
C ALA C 182 -9.52 -24.91 -49.23
N ASP C 183 -8.39 -24.54 -48.62
CA ASP C 183 -7.08 -25.02 -49.03
C ASP C 183 -6.85 -26.47 -48.57
N GLY C 184 -7.57 -26.87 -47.53
CA GLY C 184 -7.43 -28.23 -46.95
C GLY C 184 -8.65 -28.58 -46.13
N ILE C 185 -8.79 -29.86 -45.81
CA ILE C 185 -9.90 -30.33 -44.99
C ILE C 185 -9.26 -30.95 -43.78
N CYS C 186 -9.73 -30.58 -42.59
CA CYS C 186 -9.29 -31.22 -41.36
C CYS C 186 -10.41 -32.07 -40.75
N LEU C 187 -10.08 -33.32 -40.36
CA LEU C 187 -11.09 -34.20 -39.76
C LEU C 187 -10.64 -34.71 -38.42
N VAL C 188 -11.56 -34.67 -37.47
CA VAL C 188 -11.36 -35.22 -36.16
C VAL C 188 -12.38 -36.35 -36.11
N GLY C 189 -12.14 -37.37 -35.29
CA GLY C 189 -13.16 -38.39 -35.11
C GLY C 189 -13.23 -39.49 -36.16
N VAL C 190 -12.24 -39.59 -37.04
CA VAL C 190 -12.22 -40.68 -38.06
C VAL C 190 -11.76 -42.03 -37.41
N ARG C 191 -12.51 -43.09 -37.67
CA ARG C 191 -12.27 -44.37 -36.97
C ARG C 191 -11.05 -45.16 -37.46
N ASP C 192 -10.98 -45.38 -38.76
CA ASP C 192 -10.02 -46.32 -39.34
C ASP C 192 -9.90 -45.97 -40.80
N PHE C 193 -9.23 -46.83 -41.56
CA PHE C 193 -9.03 -46.57 -42.99
C PHE C 193 -10.28 -46.67 -43.87
N ALA C 194 -11.21 -47.57 -43.54
CA ALA C 194 -12.46 -47.64 -44.30
C ALA C 194 -13.24 -46.32 -44.18
N HIS C 195 -13.34 -45.80 -42.95
CA HIS C 195 -13.98 -44.51 -42.67
C HIS C 195 -13.29 -43.44 -43.50
N LEU C 196 -11.96 -43.37 -43.42
CA LEU C 196 -11.18 -42.39 -44.16
C LEU C 196 -11.31 -42.46 -45.68
N GLU C 197 -11.20 -43.66 -46.23
CA GLU C 197 -11.36 -43.88 -47.67
C GLU C 197 -12.72 -43.39 -48.17
N ALA C 198 -13.79 -43.63 -47.42
CA ALA C 198 -15.10 -43.10 -47.77
C ALA C 198 -15.16 -41.58 -47.88
N ILE C 199 -14.42 -40.88 -47.02
CA ILE C 199 -14.43 -39.40 -47.00
C ILE C 199 -13.39 -38.83 -47.97
N ALA C 200 -12.22 -39.45 -48.02
CA ALA C 200 -11.14 -39.06 -48.93
C ALA C 200 -11.47 -39.24 -50.43
N GLU C 201 -12.44 -40.11 -50.75
CA GLU C 201 -12.71 -40.54 -52.14
C GLU C 201 -12.93 -39.37 -53.09
N HIS C 202 -13.76 -38.42 -52.65
CA HIS C 202 -14.16 -37.31 -53.50
C HIS C 202 -13.44 -35.97 -53.20
N LEU C 203 -12.37 -36.02 -52.43
CA LEU C 203 -11.62 -34.81 -52.04
C LEU C 203 -10.36 -34.75 -52.87
N HIS C 204 -10.00 -33.56 -53.33
CA HIS C 204 -8.80 -33.43 -54.13
C HIS C 204 -7.86 -32.38 -53.53
N ILE C 205 -8.20 -31.89 -52.34
CA ILE C 205 -7.34 -30.93 -51.62
C ILE C 205 -6.73 -31.65 -50.40
N PRO C 206 -5.54 -31.19 -49.91
CA PRO C 206 -4.88 -31.95 -48.81
C PRO C 206 -5.75 -32.13 -47.57
N LEU C 207 -5.45 -33.19 -46.80
CA LEU C 207 -6.24 -33.57 -45.64
C LEU C 207 -5.40 -33.43 -44.38
N MET C 208 -6.04 -33.01 -43.31
CA MET C 208 -5.39 -32.95 -42.03
C MET C 208 -6.21 -33.80 -41.08
N LEU C 209 -5.51 -34.63 -40.31
CA LEU C 209 -6.14 -35.61 -39.43
C LEU C 209 -5.77 -35.37 -38.00
N VAL C 210 -6.79 -35.25 -37.16
CA VAL C 210 -6.58 -35.13 -35.72
C VAL C 210 -6.97 -36.50 -35.11
N THR C 211 -5.93 -37.31 -34.82
CA THR C 211 -6.11 -38.76 -34.54
C THR C 211 -5.98 -39.10 -33.07
N TYR C 212 -5.30 -38.23 -32.32
CA TYR C 212 -5.12 -38.44 -30.88
C TYR C 212 -4.56 -39.85 -30.66
N GLY C 213 -3.47 -40.14 -31.39
CA GLY C 213 -2.80 -41.45 -31.39
C GLY C 213 -3.61 -42.68 -31.76
N ASN C 214 -4.63 -42.53 -32.61
CA ASN C 214 -5.47 -43.64 -33.11
C ASN C 214 -4.58 -44.81 -33.64
N PRO C 215 -4.59 -45.98 -32.96
CA PRO C 215 -3.71 -47.06 -33.45
C PRO C 215 -4.13 -47.64 -34.83
N GLN C 216 -5.36 -47.38 -35.28
CA GLN C 216 -5.83 -47.91 -36.57
C GLN C 216 -5.58 -46.99 -37.78
N LEU C 217 -4.80 -45.92 -37.57
CA LEU C 217 -4.42 -44.94 -38.58
C LEU C 217 -2.93 -44.66 -38.47
N ARG C 218 -2.12 -45.73 -38.41
CA ARG C 218 -0.65 -45.60 -38.23
C ARG C 218 0.18 -45.88 -39.46
N ASP C 219 -0.51 -46.15 -40.54
CA ASP C 219 0.09 -46.53 -41.83
C ASP C 219 0.27 -45.22 -42.67
N ASP C 220 1.40 -44.57 -42.47
CA ASP C 220 1.65 -43.25 -43.04
C ASP C 220 1.65 -43.23 -44.57
N ALA C 221 2.21 -44.28 -45.18
CA ALA C 221 2.30 -44.41 -46.65
C ALA C 221 0.88 -44.45 -47.18
N ARG C 222 0.04 -45.17 -46.46
CA ARG C 222 -1.36 -45.28 -46.83
C ARG C 222 -2.10 -43.92 -46.62
N LEU C 223 -1.82 -43.25 -45.50
CA LEU C 223 -2.39 -41.91 -45.24
C LEU C 223 -2.06 -41.01 -46.43
N ALA C 224 -0.77 -40.91 -46.75
CA ALA C 224 -0.31 -39.95 -47.76
C ALA C 224 -0.97 -40.24 -49.10
N ARG C 225 -1.13 -41.51 -49.46
CA ARG C 225 -1.67 -41.75 -50.80
C ARG C 225 -3.17 -41.51 -50.86
N LEU C 226 -3.81 -41.44 -49.69
CA LEU C 226 -5.22 -41.00 -49.62
C LEU C 226 -5.41 -39.44 -49.49
N GLY C 227 -4.31 -38.72 -49.62
CA GLY C 227 -4.28 -37.24 -49.58
C GLY C 227 -3.96 -36.57 -48.25
N VAL C 228 -3.71 -37.37 -47.20
CA VAL C 228 -3.37 -36.83 -45.86
C VAL C 228 -1.96 -36.27 -45.92
N ARG C 229 -1.81 -35.00 -45.47
CA ARG C 229 -0.50 -34.36 -45.38
C ARG C 229 -0.12 -34.01 -43.95
N VAL C 230 -1.09 -33.88 -43.07
CA VAL C 230 -0.75 -33.47 -41.73
C VAL C 230 -1.46 -34.38 -40.75
N VAL C 231 -0.69 -34.86 -39.77
CA VAL C 231 -1.26 -35.65 -38.66
C VAL C 231 -0.94 -35.00 -37.33
N VAL C 232 -2.01 -34.82 -36.53
CA VAL C 232 -1.97 -34.22 -35.21
C VAL C 232 -2.32 -35.29 -34.18
N ASN C 233 -1.33 -35.64 -33.35
CA ASN C 233 -1.57 -36.59 -32.26
C ASN C 233 -1.93 -36.03 -30.90
N GLY C 234 -1.81 -34.74 -30.69
CA GLY C 234 -2.30 -34.20 -29.40
C GLY C 234 -1.19 -33.51 -28.64
N HIS C 235 -1.42 -33.23 -27.36
CA HIS C 235 -0.51 -32.29 -26.67
C HIS C 235 0.18 -32.89 -25.42
N ALA C 236 0.53 -34.20 -25.50
CA ALA C 236 1.31 -34.89 -24.45
C ALA C 236 2.48 -34.08 -23.99
N ALA C 237 3.09 -33.33 -24.91
CA ALA C 237 4.26 -32.54 -24.54
C ALA C 237 3.93 -31.41 -23.53
N TYR C 238 2.69 -30.93 -23.56
CA TYR C 238 2.23 -29.95 -22.59
C TYR C 238 1.87 -30.60 -21.24
N PHE C 239 1.18 -31.73 -21.26
CA PHE C 239 0.93 -32.46 -20.00
C PHE C 239 2.20 -32.89 -19.27
N ALA C 240 3.24 -33.24 -20.03
CA ALA C 240 4.56 -33.62 -19.51
C ALA C 240 5.22 -32.45 -18.79
N ALA C 241 5.09 -31.23 -19.34
CA ALA C 241 5.54 -30.04 -18.62
C ALA C 241 4.79 -29.81 -17.32
N ILE C 242 3.47 -30.01 -17.31
CA ILE C 242 2.65 -29.84 -16.09
C ILE C 242 3.07 -30.85 -15.00
N LYS C 243 3.21 -32.14 -15.38
CA LYS C 243 3.71 -33.19 -14.44
C LYS C 243 5.09 -32.81 -13.86
N ALA C 244 6.01 -32.38 -14.73
CA ALA C 244 7.33 -31.99 -14.25
C ALA C 244 7.28 -30.85 -13.23
N THR C 245 6.42 -29.86 -13.47
CA THR C 245 6.29 -28.76 -12.57
C THR C 245 5.77 -29.26 -11.24
N TYR C 246 4.74 -30.10 -11.29
CA TYR C 246 4.16 -30.68 -10.08
C TYR C 246 5.16 -31.52 -9.26
N ASP C 247 5.84 -32.46 -9.92
CA ASP C 247 6.85 -33.34 -9.29
C ASP C 247 7.93 -32.53 -8.58
N CYS C 248 8.35 -31.43 -9.22
CA CYS C 248 9.40 -30.58 -8.65
C CYS C 248 8.90 -29.87 -7.39
N LEU C 249 7.70 -29.31 -7.45
CA LEU C 249 7.17 -28.57 -6.33
C LEU C 249 6.81 -29.54 -5.21
N ARG C 250 6.29 -30.72 -5.58
CA ARG C 250 5.91 -31.74 -4.59
C ARG C 250 7.11 -32.23 -3.79
N GLU C 251 8.24 -32.32 -4.45
CA GLU C 251 9.46 -32.73 -3.81
C GLU C 251 9.96 -31.59 -2.90
N GLU C 252 9.96 -30.35 -3.39
CA GLU C 252 10.41 -29.18 -2.60
C GLU C 252 9.60 -29.04 -1.32
N ARG C 253 8.40 -29.58 -1.35
CA ARG C 253 7.44 -29.40 -0.28
C ARG C 253 7.43 -30.59 0.71
N GLY C 254 7.64 -31.80 0.19
CA GLY C 254 7.49 -33.03 0.97
C GLY C 254 6.03 -33.44 1.07
N ALA C 255 5.22 -33.12 0.06
CA ALA C 255 3.80 -33.52 0.08
C ALA C 255 3.62 -34.97 -0.39
N LEU C 260 -1.84 -40.37 -10.28
CA LEU C 260 -2.20 -39.55 -11.44
C LEU C 260 -1.12 -39.46 -12.51
N THR C 261 -1.50 -39.84 -13.74
CA THR C 261 -0.67 -39.65 -14.94
C THR C 261 -0.55 -38.15 -15.26
N ALA C 262 0.27 -37.82 -16.26
CA ALA C 262 0.43 -36.43 -16.70
C ALA C 262 -0.89 -35.81 -17.26
N SER C 263 -1.65 -36.57 -18.05
CA SER C 263 -2.89 -36.00 -18.60
C SER C 263 -3.97 -35.90 -17.52
N GLU C 264 -3.99 -36.85 -16.57
CA GLU C 264 -4.90 -36.76 -15.42
C GLU C 264 -4.54 -35.56 -14.54
N LEU C 265 -3.24 -35.30 -14.35
CA LEU C 265 -2.80 -34.17 -13.54
C LEU C 265 -3.21 -32.82 -14.20
N SER C 266 -2.95 -32.65 -15.50
CA SER C 266 -3.41 -31.46 -16.22
C SER C 266 -4.92 -31.32 -16.14
N LYS C 267 -5.64 -32.41 -16.37
CA LYS C 267 -7.08 -32.33 -16.24
C LYS C 267 -7.49 -31.84 -14.87
N LYS C 268 -6.88 -32.37 -13.80
CA LYS C 268 -7.27 -32.01 -12.42
C LYS C 268 -7.23 -30.50 -12.13
N TYR C 269 -6.21 -29.83 -12.68
CA TYR C 269 -5.95 -28.42 -12.42
C TYR C 269 -6.79 -27.46 -13.27
N THR C 270 -7.73 -28.02 -14.04
CA THR C 270 -8.69 -27.21 -14.79
C THR C 270 -9.96 -27.01 -13.98
N PHE C 271 -10.00 -27.63 -12.80
CA PHE C 271 -11.15 -27.67 -11.92
C PHE C 271 -12.42 -28.08 -12.68
N PRO C 272 -12.40 -29.26 -13.36
CA PRO C 272 -13.49 -29.70 -14.22
C PRO C 272 -14.79 -29.78 -13.46
N GLU C 273 -14.73 -30.17 -12.19
CA GLU C 273 -15.96 -30.31 -11.40
C GLU C 273 -16.65 -29.00 -11.12
N GLU C 274 -15.85 -27.95 -10.88
CA GLU C 274 -16.36 -26.59 -10.71
C GLU C 274 -17.10 -26.09 -11.98
N TYR C 275 -16.48 -26.25 -13.15
CA TYR C 275 -17.09 -25.88 -14.41
C TYR C 275 -18.31 -26.72 -14.74
N GLN C 276 -18.24 -28.01 -14.41
CA GLN C 276 -19.38 -28.89 -14.55
C GLN C 276 -20.53 -28.48 -13.64
N ALA C 277 -20.24 -28.14 -12.39
CA ALA C 277 -21.31 -27.62 -11.52
C ALA C 277 -21.98 -26.29 -12.03
N TRP C 278 -21.17 -25.38 -12.54
CA TRP C 278 -21.68 -24.14 -13.10
C TRP C 278 -22.62 -24.39 -14.30
N ALA C 279 -22.17 -25.20 -15.28
CA ALA C 279 -22.98 -25.60 -16.43
C ALA C 279 -24.35 -26.23 -16.03
N ARG C 280 -24.32 -27.11 -15.04
CA ARG C 280 -25.55 -27.68 -14.43
C ARG C 280 -26.45 -26.60 -13.81
N ASP C 281 -25.85 -25.72 -13.02
CA ASP C 281 -26.60 -24.74 -12.24
C ASP C 281 -27.13 -23.56 -13.07
N TYR C 282 -26.37 -23.13 -14.08
CA TYR C 282 -26.69 -21.90 -14.83
C TYR C 282 -27.09 -22.13 -16.28
N MET C 283 -26.79 -23.32 -16.81
CA MET C 283 -27.03 -23.67 -18.21
C MET C 283 -27.89 -24.91 -18.54
N GLU C 284 -28.64 -25.44 -17.58
CA GLU C 284 -29.52 -26.57 -17.94
C GLU C 284 -30.94 -26.43 -17.42
N ARG D 3 -12.11 -18.39 -3.73
CA ARG D 3 -13.02 -17.54 -2.91
C ARG D 3 -12.30 -16.44 -2.10
N ALA D 4 -11.04 -16.67 -1.67
CA ALA D 4 -10.27 -15.54 -1.10
C ALA D 4 -10.03 -14.42 -2.14
N SER D 5 -10.47 -13.21 -1.78
CA SER D 5 -10.27 -12.01 -2.61
C SER D 5 -8.80 -11.57 -2.66
N HIS D 6 -8.50 -10.63 -3.54
CA HIS D 6 -7.14 -10.07 -3.61
C HIS D 6 -6.68 -9.42 -2.29
N HIS D 7 -7.62 -8.79 -1.58
CA HIS D 7 -7.40 -8.17 -0.27
C HIS D 7 -7.13 -9.19 0.85
N GLU D 8 -7.94 -10.23 0.90
CA GLU D 8 -7.77 -11.36 1.81
C GLU D 8 -6.43 -12.08 1.70
N LEU D 9 -5.93 -12.21 0.47
CA LEU D 9 -4.60 -12.75 0.20
C LEU D 9 -3.48 -11.82 0.71
N ARG D 10 -3.75 -10.52 0.69
CA ARG D 10 -2.84 -9.57 1.31
C ARG D 10 -2.83 -9.74 2.83
N ALA D 11 -4.02 -9.92 3.43
CA ALA D 11 -4.11 -10.21 4.85
C ALA D 11 -3.36 -11.50 5.24
N MET D 12 -3.56 -12.56 4.45
CA MET D 12 -2.87 -13.85 4.65
C MET D 12 -1.34 -13.76 4.58
N PHE D 13 -0.83 -12.94 3.65
CA PHE D 13 0.60 -12.68 3.51
C PHE D 13 1.24 -11.87 4.66
N ARG D 14 0.51 -10.83 5.11
CA ARG D 14 0.87 -10.04 6.27
C ARG D 14 0.94 -10.93 7.51
N ALA D 15 -0.04 -11.83 7.67
CA ALA D 15 -0.07 -12.85 8.73
C ALA D 15 1.19 -13.74 8.81
N LEU D 16 1.71 -14.15 7.63
CA LEU D 16 2.97 -14.87 7.52
C LEU D 16 4.13 -13.99 7.99
N LEU D 17 4.16 -12.74 7.52
CA LEU D 17 5.21 -11.79 7.93
C LEU D 17 5.20 -11.47 9.46
N ASP D 18 4.03 -11.53 10.09
CA ASP D 18 3.88 -11.28 11.53
C ASP D 18 4.16 -12.52 12.39
N SER D 19 4.14 -13.70 11.76
CA SER D 19 4.42 -14.97 12.45
C SER D 19 5.89 -15.03 12.84
N SER D 20 6.23 -16.06 13.60
CA SER D 20 7.63 -16.23 14.09
C SER D 20 8.50 -17.03 13.11
N ARG D 21 7.86 -17.57 12.06
CA ARG D 21 8.47 -18.49 11.09
C ARG D 21 8.89 -17.79 9.80
N CYS D 22 9.71 -18.48 8.98
CA CYS D 22 9.94 -18.06 7.61
C CYS D 22 9.51 -19.15 6.62
N TYR D 23 9.08 -18.73 5.43
CA TYR D 23 8.43 -19.66 4.51
C TYR D 23 9.17 -19.64 3.19
N HIS D 24 9.10 -20.76 2.49
CA HIS D 24 9.75 -20.99 1.20
C HIS D 24 8.72 -20.91 0.08
N THR D 25 8.93 -19.97 -0.85
CA THR D 25 8.00 -19.73 -1.94
C THR D 25 7.95 -20.96 -2.85
N ALA D 26 6.76 -21.26 -3.38
CA ALA D 26 6.65 -21.97 -4.67
C ALA D 26 6.88 -20.98 -5.82
N SER D 27 7.58 -21.41 -6.86
CA SER D 27 7.61 -20.71 -8.14
C SER D 27 6.24 -20.78 -8.84
N VAL D 28 5.56 -19.62 -8.95
CA VAL D 28 4.20 -19.54 -9.51
C VAL D 28 4.21 -18.52 -10.67
N PHE D 29 4.10 -19.00 -11.90
CA PHE D 29 4.40 -18.23 -13.09
C PHE D 29 3.16 -18.22 -14.00
N ASP D 30 2.20 -19.10 -13.74
CA ASP D 30 0.97 -19.14 -14.51
C ASP D 30 -0.14 -19.77 -13.71
N PRO D 31 -1.38 -19.79 -14.26
CA PRO D 31 -2.52 -20.34 -13.51
C PRO D 31 -2.37 -21.82 -13.08
N MET D 32 -1.93 -22.67 -14.01
CA MET D 32 -1.72 -24.12 -13.73
C MET D 32 -0.73 -24.30 -12.54
N SER D 33 0.40 -23.60 -12.57
CA SER D 33 1.38 -23.65 -11.47
C SER D 33 0.83 -23.08 -10.12
N ALA D 34 -0.09 -22.11 -10.21
CA ALA D 34 -0.65 -21.48 -9.01
C ALA D 34 -1.55 -22.49 -8.36
N ARG D 35 -2.24 -23.24 -9.21
CA ARG D 35 -3.15 -24.25 -8.76
C ARG D 35 -2.38 -25.45 -8.14
N ILE D 36 -1.30 -25.88 -8.79
CA ILE D 36 -0.39 -26.91 -8.24
C ILE D 36 0.21 -26.48 -6.86
N ALA D 37 0.72 -25.24 -6.76
CA ALA D 37 1.30 -24.73 -5.49
C ALA D 37 0.30 -24.75 -4.33
N ALA D 38 -0.93 -24.30 -4.57
CA ALA D 38 -1.94 -24.34 -3.52
C ALA D 38 -2.36 -25.77 -3.16
N ASP D 39 -2.35 -26.65 -4.15
CA ASP D 39 -2.81 -28.03 -3.96
C ASP D 39 -1.81 -28.66 -2.99
N LEU D 40 -0.53 -28.38 -3.26
CA LEU D 40 0.60 -28.89 -2.46
C LEU D 40 0.79 -28.24 -1.09
N GLY D 41 -0.09 -27.31 -0.72
CA GLY D 41 -0.02 -26.69 0.59
C GLY D 41 0.92 -25.52 0.75
N PHE D 42 1.58 -25.05 -0.30
CA PHE D 42 2.42 -23.83 -0.15
C PHE D 42 1.65 -22.60 0.40
N GLU D 43 2.36 -21.81 1.22
CA GLU D 43 1.80 -20.63 1.92
C GLU D 43 1.84 -19.36 1.08
N CYS D 44 2.86 -19.24 0.24
CA CYS D 44 3.02 -18.13 -0.70
C CYS D 44 3.78 -18.59 -1.95
N GLY D 45 3.67 -17.78 -3.01
CA GLY D 45 4.25 -18.07 -4.31
C GLY D 45 5.01 -16.87 -4.79
N ILE D 46 5.75 -17.07 -5.88
CA ILE D 46 6.59 -16.03 -6.44
C ILE D 46 6.60 -16.01 -7.99
N LEU D 47 6.23 -14.87 -8.56
CA LEU D 47 6.30 -14.65 -10.00
C LEU D 47 7.56 -13.88 -10.29
N GLY D 48 8.54 -14.57 -10.85
CA GLY D 48 9.81 -13.94 -11.14
C GLY D 48 9.79 -13.32 -12.51
N GLY D 49 10.43 -12.16 -12.64
CA GLY D 49 10.61 -11.49 -13.92
C GLY D 49 11.31 -12.36 -14.99
N SER D 50 12.28 -13.16 -14.56
CA SER D 50 13.02 -14.04 -15.50
C SER D 50 12.12 -15.11 -16.12
N VAL D 51 11.24 -15.71 -15.33
CA VAL D 51 10.32 -16.73 -15.84
C VAL D 51 9.24 -16.13 -16.75
N ALA D 52 8.78 -14.92 -16.44
CA ALA D 52 7.91 -14.18 -17.35
C ALA D 52 8.63 -13.94 -18.65
N SER D 53 9.89 -13.55 -18.59
CA SER D 53 10.66 -13.34 -19.80
C SER D 53 10.82 -14.59 -20.68
N LEU D 54 11.08 -15.74 -20.07
CA LEU D 54 11.11 -17.00 -20.79
C LEU D 54 9.73 -17.32 -21.36
N GLN D 55 8.68 -17.19 -20.54
CA GLN D 55 7.31 -17.48 -21.01
C GLN D 55 6.83 -16.62 -22.17
N VAL D 56 7.00 -15.31 -22.08
CA VAL D 56 6.42 -14.39 -23.09
C VAL D 56 7.34 -14.32 -24.30
N LEU D 57 8.63 -14.42 -24.05
CA LEU D 57 9.61 -14.10 -25.06
C LEU D 57 10.67 -15.19 -25.40
N ALA D 58 10.75 -16.25 -24.60
CA ALA D 58 11.92 -17.17 -24.64
C ALA D 58 13.22 -16.33 -24.70
N ALA D 59 13.28 -15.34 -23.80
CA ALA D 59 14.35 -14.33 -23.76
C ALA D 59 15.06 -14.35 -22.42
N PRO D 60 16.34 -13.97 -22.39
CA PRO D 60 16.99 -13.90 -21.07
C PRO D 60 16.42 -12.79 -20.17
N ASP D 61 16.82 -12.82 -18.90
CA ASP D 61 16.34 -11.86 -17.90
C ASP D 61 16.89 -10.42 -18.03
N PHE D 62 16.71 -9.83 -19.22
CA PHE D 62 17.31 -8.56 -19.63
C PHE D 62 16.40 -7.32 -19.69
N ALA D 63 15.30 -7.31 -18.94
CA ALA D 63 14.31 -6.20 -19.00
C ALA D 63 13.80 -5.94 -20.45
N LEU D 64 13.49 -7.03 -21.14
CA LEU D 64 12.91 -7.04 -22.49
C LEU D 64 11.36 -7.07 -22.50
N ILE D 65 10.75 -7.76 -21.54
CA ILE D 65 9.30 -7.70 -21.35
CA ILE D 65 9.31 -7.71 -21.27
C ILE D 65 8.90 -6.27 -20.99
N THR D 66 7.78 -5.82 -21.57
CA THR D 66 7.17 -4.54 -21.19
C THR D 66 6.43 -4.75 -19.88
N LEU D 67 6.17 -3.66 -19.17
CA LEU D 67 5.32 -3.69 -18.00
C LEU D 67 3.93 -4.34 -18.30
N SER D 68 3.33 -4.08 -19.46
CA SER D 68 1.98 -4.68 -19.79
C SER D 68 2.02 -6.20 -19.86
N GLU D 69 3.09 -6.71 -20.47
CA GLU D 69 3.32 -8.16 -20.57
C GLU D 69 3.48 -8.80 -19.23
N PHE D 70 4.33 -8.16 -18.44
CA PHE D 70 4.61 -8.71 -17.14
C PHE D 70 3.29 -8.77 -16.35
N VAL D 71 2.49 -7.69 -16.44
CA VAL D 71 1.18 -7.55 -15.77
C VAL D 71 0.15 -8.56 -16.27
N GLU D 72 0.15 -8.82 -17.58
CA GLU D 72 -0.66 -9.90 -18.20
C GLU D 72 -0.41 -11.24 -17.51
N GLN D 73 0.87 -11.58 -17.31
CA GLN D 73 1.22 -12.82 -16.61
C GLN D 73 0.68 -12.83 -15.19
N ALA D 74 0.83 -11.70 -14.50
CA ALA D 74 0.33 -11.59 -13.13
C ALA D 74 -1.20 -11.66 -13.09
N THR D 75 -1.86 -11.09 -14.10
CA THR D 75 -3.34 -11.05 -14.15
C THR D 75 -3.87 -12.45 -14.34
N ARG D 76 -3.25 -13.20 -15.24
CA ARG D 76 -3.65 -14.58 -15.47
C ARG D 76 -3.58 -15.41 -14.18
N ILE D 77 -2.51 -15.26 -13.42
CA ILE D 77 -2.40 -15.84 -12.08
C ILE D 77 -3.47 -15.36 -11.12
N GLY D 78 -3.77 -14.06 -11.14
CA GLY D 78 -4.66 -13.52 -10.12
C GLY D 78 -6.07 -14.06 -10.26
N ARG D 79 -6.38 -14.65 -11.42
CA ARG D 79 -7.75 -15.14 -11.68
C ARG D 79 -7.99 -16.42 -10.96
N VAL D 80 -6.91 -17.12 -10.58
CA VAL D 80 -7.02 -18.42 -9.90
C VAL D 80 -6.40 -18.53 -8.49
N ALA D 81 -5.47 -17.64 -8.14
CA ALA D 81 -4.55 -17.85 -7.01
C ALA D 81 -5.26 -17.94 -5.69
N ARG D 82 -4.98 -19.01 -4.94
CA ARG D 82 -5.54 -19.13 -3.58
C ARG D 82 -4.50 -18.97 -2.47
N LEU D 83 -3.23 -18.84 -2.85
CA LEU D 83 -2.11 -18.52 -1.96
C LEU D 83 -1.67 -17.11 -2.33
N PRO D 84 -1.14 -16.32 -1.36
CA PRO D 84 -0.57 -15.03 -1.78
C PRO D 84 0.62 -15.17 -2.72
N VAL D 85 0.67 -14.28 -3.70
CA VAL D 85 1.76 -14.33 -4.66
C VAL D 85 2.50 -13.03 -4.66
N ILE D 86 3.83 -13.14 -4.65
CA ILE D 86 4.73 -12.00 -4.73
C ILE D 86 5.12 -11.86 -6.16
N ALA D 87 5.09 -10.62 -6.65
CA ALA D 87 5.63 -10.30 -7.98
C ALA D 87 6.99 -9.63 -7.79
N ASP D 88 7.96 -10.16 -8.53
CA ASP D 88 9.22 -9.49 -8.76
C ASP D 88 9.05 -8.45 -9.87
N ALA D 89 9.08 -7.16 -9.50
CA ALA D 89 8.66 -6.07 -10.38
C ALA D 89 9.85 -5.31 -10.93
N ASP D 90 11.00 -6.00 -10.92
CA ASP D 90 12.27 -5.40 -11.32
C ASP D 90 12.40 -4.03 -10.70
N HIS D 91 12.79 -3.06 -11.50
CA HIS D 91 13.09 -1.70 -11.02
C HIS D 91 11.82 -0.80 -11.13
N GLY D 92 10.67 -1.44 -11.31
CA GLY D 92 9.42 -0.74 -11.51
C GLY D 92 9.28 -0.11 -12.90
N TYR D 93 10.03 -0.59 -13.89
CA TYR D 93 9.77 -0.32 -15.32
C TYR D 93 9.97 1.13 -15.78
N GLY D 94 10.85 1.83 -15.07
CA GLY D 94 11.28 3.18 -15.44
C GLY D 94 11.71 3.95 -14.19
N ASN D 95 11.51 5.27 -14.24
CA ASN D 95 11.76 6.10 -13.07
C ASN D 95 10.67 6.01 -12.01
N ALA D 96 10.69 6.89 -11.01
CA ALA D 96 9.72 6.84 -9.89
C ALA D 96 8.27 6.99 -10.36
N LEU D 97 8.06 7.73 -11.45
CA LEU D 97 6.68 7.90 -11.94
C LEU D 97 6.19 6.63 -12.64
N ASN D 98 7.08 5.95 -13.38
CA ASN D 98 6.81 4.56 -13.88
C ASN D 98 6.56 3.54 -12.77
N VAL D 99 7.32 3.63 -11.67
CA VAL D 99 7.09 2.84 -10.48
C VAL D 99 5.64 2.91 -9.99
N MET D 100 5.07 4.12 -9.97
CA MET D 100 3.68 4.31 -9.49
C MET D 100 2.74 3.51 -10.39
N ARG D 101 2.99 3.50 -11.70
CA ARG D 101 2.19 2.69 -12.64
C ARG D 101 2.35 1.19 -12.38
N THR D 102 3.58 0.73 -12.09
CA THR D 102 3.76 -0.71 -11.80
C THR D 102 3.02 -1.15 -10.58
N VAL D 103 2.97 -0.32 -9.54
CA VAL D 103 2.21 -0.66 -8.34
C VAL D 103 0.70 -0.72 -8.72
N VAL D 104 0.20 0.34 -9.34
CA VAL D 104 -1.22 0.36 -9.77
C VAL D 104 -1.60 -0.89 -10.60
N GLU D 105 -0.89 -1.13 -11.70
CA GLU D 105 -1.06 -2.34 -12.49
C GLU D 105 -1.02 -3.65 -11.73
N LEU D 106 -0.04 -3.85 -10.83
CA LEU D 106 0.14 -5.15 -10.18
C LEU D 106 -0.80 -5.33 -9.04
N GLU D 107 -1.16 -4.22 -8.39
CA GLU D 107 -2.13 -4.29 -7.34
C GLU D 107 -3.52 -4.65 -7.93
N ARG D 108 -3.92 -4.01 -9.01
CA ARG D 108 -5.20 -4.37 -9.66
C ARG D 108 -5.23 -5.85 -10.16
N ALA D 109 -4.14 -6.30 -10.82
CA ALA D 109 -3.99 -7.70 -11.27
C ALA D 109 -4.15 -8.72 -10.12
N GLY D 110 -3.84 -8.28 -8.89
CA GLY D 110 -4.32 -8.94 -7.69
C GLY D 110 -3.20 -9.55 -6.85
N ILE D 111 -1.99 -9.12 -7.15
CA ILE D 111 -0.75 -9.55 -6.48
C ILE D 111 -0.80 -9.12 -5.01
N ALA D 112 -0.19 -9.92 -4.13
CA ALA D 112 -0.18 -9.65 -2.66
C ALA D 112 0.96 -8.77 -2.15
N ALA D 113 2.12 -8.84 -2.81
CA ALA D 113 3.30 -8.09 -2.46
C ALA D 113 4.08 -7.96 -3.72
N LEU D 114 4.91 -6.94 -3.81
CA LEU D 114 5.85 -6.75 -4.93
C LEU D 114 7.17 -6.20 -4.43
N THR D 115 8.23 -6.44 -5.18
CA THR D 115 9.56 -5.95 -4.83
C THR D 115 9.97 -4.96 -5.88
N ILE D 116 10.56 -3.85 -5.44
CA ILE D 116 11.19 -2.92 -6.32
C ILE D 116 12.69 -2.90 -5.97
N GLU D 117 13.50 -3.23 -6.97
CA GLU D 117 14.94 -3.29 -6.81
C GLU D 117 15.64 -2.01 -7.28
N ASP D 118 16.84 -1.75 -6.76
CA ASP D 118 17.59 -0.54 -7.14
C ASP D 118 18.59 -0.77 -8.23
N THR D 119 18.50 -1.91 -8.89
CA THR D 119 19.34 -2.14 -10.09
C THR D 119 18.98 -1.14 -11.16
N LEU D 120 20.01 -0.63 -11.80
CA LEU D 120 19.84 0.31 -12.86
C LEU D 120 19.48 -0.50 -14.10
N LEU D 121 18.19 -0.46 -14.47
CA LEU D 121 17.69 -1.23 -15.61
C LEU D 121 17.00 -0.29 -16.60
N PRO D 122 17.04 -0.63 -17.92
CA PRO D 122 17.70 -1.82 -18.47
C PRO D 122 19.21 -1.53 -18.54
N ALA D 123 20.01 -2.51 -18.98
CA ALA D 123 21.48 -2.36 -19.08
C ALA D 123 21.82 -1.04 -19.73
N GLN D 124 22.64 -0.24 -19.05
CA GLN D 124 23.08 1.03 -19.57
C GLN D 124 24.26 0.89 -20.50
N PHE D 125 24.35 1.80 -21.48
CA PHE D 125 25.32 1.74 -22.58
C PHE D 125 26.80 1.79 -22.14
N ARG D 127 28.40 0.43 -20.02
CA ARG D 127 28.66 -0.35 -18.81
C ARG D 127 28.25 -1.82 -19.03
N SER D 129 27.65 -2.16 -16.67
CA SER D 129 27.53 -3.37 -15.85
C SER D 129 26.26 -3.29 -15.01
N THR D 130 25.83 -4.42 -14.50
CA THR D 130 25.00 -4.48 -13.33
C THR D 130 25.21 -3.50 -12.21
N ASP D 131 25.01 -2.23 -12.48
CA ASP D 131 25.11 -1.17 -11.51
C ASP D 131 23.89 -0.97 -10.61
N LEU D 132 24.02 -0.07 -9.66
CA LEU D 132 22.95 0.22 -8.74
C LEU D 132 22.66 1.71 -8.90
N ILE D 133 21.39 2.08 -8.81
CA ILE D 133 21.00 3.50 -8.83
C ILE D 133 21.44 4.10 -7.49
N CYS D 134 21.63 5.42 -7.43
CA CYS D 134 21.98 6.06 -6.15
C CYS D 134 20.91 5.82 -5.07
N VAL D 135 21.32 5.92 -3.80
CA VAL D 135 20.42 5.66 -2.70
C VAL D 135 19.24 6.67 -2.69
N GLU D 136 19.51 7.91 -3.10
CA GLU D 136 18.48 8.95 -3.13
C GLU D 136 17.39 8.59 -4.14
N GLU D 137 17.77 8.22 -5.37
CA GLU D 137 16.79 7.73 -6.34
C GLU D 137 15.97 6.54 -5.84
N GLY D 138 16.63 5.57 -5.22
CA GLY D 138 15.96 4.39 -4.69
C GLY D 138 14.97 4.70 -3.61
N VAL D 139 15.35 5.62 -2.72
CA VAL D 139 14.45 6.09 -1.67
C VAL D 139 13.18 6.71 -2.29
N GLY D 140 13.37 7.53 -3.32
CA GLY D 140 12.28 8.19 -4.00
C GLY D 140 11.37 7.24 -4.80
N LYS D 141 11.92 6.13 -5.29
CA LYS D 141 11.12 5.08 -5.94
C LYS D 141 10.27 4.34 -4.94
N ILE D 142 10.81 4.18 -3.74
CA ILE D 142 10.10 3.47 -2.70
C ILE D 142 8.97 4.33 -2.14
N ARG D 143 9.26 5.60 -1.91
CA ARG D 143 8.23 6.52 -1.44
C ARG D 143 7.10 6.66 -2.50
N ALA D 144 7.49 6.72 -3.78
CA ALA D 144 6.53 6.70 -4.89
C ALA D 144 5.65 5.44 -4.98
N ALA D 145 6.27 4.26 -4.87
CA ALA D 145 5.54 3.00 -4.76
C ALA D 145 4.52 3.02 -3.61
N LEU D 146 4.93 3.54 -2.46
CA LEU D 146 4.05 3.48 -1.27
C LEU D 146 2.82 4.42 -1.41
N GLU D 147 3.07 5.55 -2.07
CA GLU D 147 2.05 6.52 -2.48
C GLU D 147 1.04 5.92 -3.47
N ALA D 148 1.54 5.25 -4.51
CA ALA D 148 0.74 4.62 -5.57
C ALA D 148 -0.20 3.54 -5.04
N ARG D 149 0.18 2.93 -3.91
CA ARG D 149 -0.63 1.91 -3.25
C ARG D 149 -2.02 2.46 -2.88
N VAL D 150 -3.05 1.66 -3.15
CA VAL D 150 -4.41 1.94 -2.74
C VAL D 150 -4.79 1.05 -1.60
N ASP D 151 -4.69 -0.26 -1.79
CA ASP D 151 -5.04 -1.20 -0.73
C ASP D 151 -3.87 -1.19 0.26
N PRO D 152 -4.12 -0.74 1.50
CA PRO D 152 -3.00 -0.62 2.42
C PRO D 152 -2.40 -1.98 2.83
N ALA D 153 -3.19 -3.06 2.70
CA ALA D 153 -2.73 -4.44 2.96
C ALA D 153 -1.67 -4.92 1.96
N LEU D 154 -1.52 -4.20 0.85
CA LEU D 154 -0.50 -4.53 -0.15
C LEU D 154 0.90 -4.28 0.44
N THR D 155 1.77 -5.29 0.35
CA THR D 155 3.14 -5.20 0.87
C THR D 155 4.13 -4.75 -0.21
N ILE D 156 4.80 -3.63 0.06
CA ILE D 156 5.82 -3.05 -0.82
C ILE D 156 7.22 -3.36 -0.23
N ILE D 157 7.98 -4.15 -0.97
CA ILE D 157 9.27 -4.67 -0.51
C ILE D 157 10.40 -4.07 -1.37
N ALA D 158 11.42 -3.54 -0.69
CA ALA D 158 12.54 -2.87 -1.34
C ALA D 158 13.71 -3.86 -1.47
N ARG D 159 14.17 -4.01 -2.71
CA ARG D 159 15.19 -4.99 -3.05
C ARG D 159 16.55 -4.37 -3.36
N THR D 160 17.60 -4.94 -2.79
CA THR D 160 18.94 -4.56 -3.20
C THR D 160 19.83 -5.77 -3.40
N ASN D 161 20.94 -5.55 -4.09
CA ASN D 161 21.94 -6.56 -4.37
C ASN D 161 23.13 -6.48 -3.39
N ALA D 162 23.34 -7.54 -2.58
CA ALA D 162 24.47 -7.57 -1.64
C ALA D 162 25.78 -8.18 -2.18
N GLU D 163 25.70 -8.96 -3.26
CA GLU D 163 26.88 -9.70 -3.75
C GLU D 163 28.04 -8.77 -4.11
N LEU D 164 27.75 -7.66 -4.77
CA LEU D 164 28.80 -6.76 -5.27
C LEU D 164 29.31 -5.76 -4.23
N ILE D 165 28.51 -4.73 -3.96
CA ILE D 165 28.84 -3.67 -3.00
C ILE D 165 29.21 -4.16 -1.59
N ASP D 166 30.02 -3.37 -0.89
CA ASP D 166 30.53 -3.77 0.41
C ASP D 166 29.41 -3.65 1.43
N VAL D 167 29.46 -4.49 2.47
CA VAL D 167 28.35 -4.61 3.41
C VAL D 167 27.93 -3.29 4.07
N ASP D 168 28.87 -2.36 4.22
CA ASP D 168 28.55 -1.04 4.77
C ASP D 168 27.44 -0.39 3.99
N ALA D 169 27.71 -0.22 2.70
CA ALA D 169 26.80 0.29 1.68
C ALA D 169 25.41 -0.41 1.61
N VAL D 170 25.38 -1.74 1.76
CA VAL D 170 24.14 -2.49 1.81
C VAL D 170 23.39 -2.15 3.10
N ILE D 171 24.14 -2.01 4.19
CA ILE D 171 23.55 -1.59 5.46
C ILE D 171 22.98 -0.18 5.27
N GLN D 172 23.74 0.62 4.52
CA GLN D 172 23.44 2.02 4.25
C GLN D 172 22.09 2.13 3.53
N ARG D 173 22.03 1.60 2.30
CA ARG D 173 20.78 1.56 1.52
C ARG D 173 19.59 1.02 2.26
N THR D 174 19.72 -0.19 2.79
CA THR D 174 18.60 -0.91 3.38
C THR D 174 18.02 -0.16 4.57
N LEU D 175 18.87 0.60 5.27
CA LEU D 175 18.40 1.48 6.36
C LEU D 175 17.59 2.65 5.86
N ALA D 176 18.04 3.25 4.76
CA ALA D 176 17.37 4.36 4.12
C ALA D 176 15.97 3.93 3.62
N TYR D 177 15.92 2.79 2.93
CA TYR D 177 14.66 2.21 2.42
C TYR D 177 13.69 1.90 3.58
N GLN D 178 14.23 1.43 4.70
CA GLN D 178 13.45 1.21 5.92
C GLN D 178 12.92 2.55 6.43
N GLU D 179 13.79 3.55 6.42
CA GLU D 179 13.43 4.91 6.78
C GLU D 179 12.28 5.44 5.89
N ALA D 180 12.39 5.23 4.57
CA ALA D 180 11.39 5.69 3.63
C ALA D 180 10.04 4.98 3.73
N GLY D 181 9.93 3.96 4.58
CA GLY D 181 8.65 3.34 4.89
C GLY D 181 8.31 1.98 4.26
N ALA D 182 9.23 1.42 3.46
CA ALA D 182 9.09 0.06 2.87
C ALA D 182 8.57 -0.96 3.87
N ASP D 183 7.73 -1.90 3.43
CA ASP D 183 7.19 -2.88 4.38
C ASP D 183 8.17 -4.01 4.70
N GLY D 184 9.22 -4.14 3.90
CA GLY D 184 10.17 -5.23 4.07
C GLY D 184 11.36 -5.02 3.16
N ILE D 185 12.44 -5.77 3.40
CA ILE D 185 13.67 -5.70 2.57
C ILE D 185 13.98 -7.06 1.92
N CYS D 186 14.27 -7.03 0.62
CA CYS D 186 14.64 -8.21 -0.16
C CYS D 186 16.12 -8.19 -0.51
N LEU D 187 16.79 -9.28 -0.16
CA LEU D 187 18.25 -9.38 -0.35
C LEU D 187 18.60 -10.53 -1.27
N VAL D 188 19.33 -10.20 -2.32
CA VAL D 188 19.97 -11.19 -3.15
C VAL D 188 21.49 -11.05 -2.90
N GLY D 189 22.23 -12.16 -2.98
CA GLY D 189 23.71 -12.11 -2.94
C GLY D 189 24.35 -12.17 -1.56
N VAL D 190 23.56 -12.45 -0.54
CA VAL D 190 24.07 -12.67 0.80
C VAL D 190 24.83 -14.01 0.85
N ARG D 191 26.09 -13.95 1.32
CA ARG D 191 26.99 -15.12 1.43
C ARG D 191 26.64 -16.21 2.44
N ASP D 192 26.44 -15.84 3.70
CA ASP D 192 26.26 -16.79 4.80
C ASP D 192 25.57 -16.12 5.97
N PHE D 193 25.22 -16.91 6.99
CA PHE D 193 24.56 -16.43 8.20
C PHE D 193 25.29 -15.32 8.94
N ALA D 194 26.61 -15.21 8.75
CA ALA D 194 27.39 -14.11 9.27
C ALA D 194 27.11 -12.78 8.54
N HIS D 195 27.07 -12.85 7.21
CA HIS D 195 26.83 -11.70 6.31
C HIS D 195 25.40 -11.17 6.42
N LEU D 196 24.45 -12.11 6.48
CA LEU D 196 23.07 -11.79 6.75
C LEU D 196 23.02 -10.97 8.02
N GLU D 197 23.51 -11.60 9.09
CA GLU D 197 23.57 -11.07 10.46
C GLU D 197 23.93 -9.61 10.56
N ALA D 198 24.93 -9.20 9.79
CA ALA D 198 25.41 -7.83 9.70
C ALA D 198 24.35 -6.84 9.17
N ILE D 199 23.82 -7.14 7.97
CA ILE D 199 22.75 -6.35 7.30
C ILE D 199 21.48 -6.38 8.13
N ALA D 200 21.22 -7.50 8.78
CA ALA D 200 20.03 -7.66 9.57
C ALA D 200 20.04 -6.79 10.82
N GLU D 201 21.22 -6.34 11.27
CA GLU D 201 21.35 -5.84 12.67
C GLU D 201 20.46 -4.62 12.97
N HIS D 202 20.54 -3.63 12.09
CA HIS D 202 19.87 -2.33 12.28
C HIS D 202 18.48 -2.20 11.56
N LEU D 203 17.84 -3.36 11.36
CA LEU D 203 16.59 -3.51 10.59
C LEU D 203 15.52 -4.09 11.48
N HIS D 204 14.32 -3.51 11.45
CA HIS D 204 13.21 -4.01 12.25
C HIS D 204 12.00 -4.43 11.39
N ILE D 205 12.18 -4.43 10.07
CA ILE D 205 11.10 -4.84 9.15
C ILE D 205 11.42 -6.23 8.57
N PRO D 206 10.38 -7.02 8.18
CA PRO D 206 10.61 -8.36 7.60
C PRO D 206 11.58 -8.38 6.42
N LEU D 207 12.30 -9.49 6.31
CA LEU D 207 13.33 -9.71 5.32
C LEU D 207 12.97 -10.85 4.41
N MET D 208 13.45 -10.74 3.18
CA MET D 208 13.15 -11.68 2.13
C MET D 208 14.49 -11.97 1.51
N LEU D 209 14.78 -13.25 1.32
CA LEU D 209 16.05 -13.68 0.75
C LEU D 209 15.82 -14.40 -0.55
N VAL D 210 16.49 -13.95 -1.59
CA VAL D 210 16.61 -14.74 -2.81
C VAL D 210 17.97 -15.43 -2.75
N THR D 211 17.96 -16.66 -2.25
CA THR D 211 19.19 -17.41 -1.94
C THR D 211 19.70 -18.19 -3.15
N TYR D 212 18.79 -18.70 -3.97
CA TYR D 212 19.13 -19.56 -5.12
C TYR D 212 19.74 -20.89 -4.66
N GLY D 213 19.09 -21.49 -3.67
CA GLY D 213 19.57 -22.70 -3.02
C GLY D 213 20.96 -22.61 -2.39
N ASN D 214 21.37 -21.39 -1.99
CA ASN D 214 22.62 -21.15 -1.25
C ASN D 214 22.75 -22.13 -0.06
N PRO D 215 23.78 -23.00 -0.11
CA PRO D 215 23.87 -24.05 0.90
C PRO D 215 24.17 -23.51 2.31
N GLN D 216 24.87 -22.37 2.38
CA GLN D 216 25.27 -21.76 3.65
C GLN D 216 24.18 -20.98 4.41
N LEU D 217 22.94 -21.08 3.95
CA LEU D 217 21.83 -20.36 4.57
C LEU D 217 20.61 -21.24 4.78
N ARG D 218 20.79 -22.44 5.32
CA ARG D 218 19.69 -23.43 5.35
C ARG D 218 18.93 -23.59 6.68
N ASP D 219 19.20 -22.72 7.64
CA ASP D 219 18.59 -22.91 8.93
C ASP D 219 17.39 -22.00 9.04
N ASP D 220 16.19 -22.57 8.89
CA ASP D 220 14.93 -21.81 8.89
C ASP D 220 14.58 -21.19 10.25
N ALA D 221 14.78 -21.95 11.33
CA ALA D 221 14.53 -21.46 12.69
C ALA D 221 15.42 -20.25 12.99
N ARG D 222 16.62 -20.29 12.42
CA ARG D 222 17.64 -19.28 12.61
C ARG D 222 17.48 -18.06 11.69
N LEU D 223 17.03 -18.30 10.46
CA LEU D 223 16.72 -17.20 9.51
C LEU D 223 15.57 -16.38 10.10
N ALA D 224 14.55 -17.07 10.59
CA ALA D 224 13.41 -16.44 11.25
C ALA D 224 13.82 -15.53 12.43
N ARG D 225 14.50 -16.11 13.43
CA ARG D 225 15.07 -15.37 14.54
C ARG D 225 15.73 -14.05 14.10
N LEU D 226 16.43 -14.08 12.96
CA LEU D 226 17.06 -12.87 12.39
C LEU D 226 16.11 -11.89 11.63
N GLY D 227 14.84 -12.27 11.49
CA GLY D 227 13.84 -11.43 10.83
C GLY D 227 13.46 -11.82 9.41
N VAL D 228 13.97 -12.93 8.88
CA VAL D 228 13.54 -13.36 7.56
C VAL D 228 12.21 -14.08 7.69
N ARG D 229 11.32 -13.78 6.73
CA ARG D 229 9.98 -14.36 6.66
C ARG D 229 9.75 -15.15 5.38
N VAL D 230 10.50 -14.82 4.34
CA VAL D 230 10.28 -15.36 3.00
C VAL D 230 11.60 -15.76 2.38
N VAL D 231 11.70 -17.02 1.97
CA VAL D 231 12.90 -17.48 1.22
C VAL D 231 12.56 -17.98 -0.20
N VAL D 232 13.27 -17.44 -1.18
CA VAL D 232 13.07 -17.74 -2.58
C VAL D 232 14.20 -18.60 -3.11
N ASN D 233 13.93 -19.90 -3.23
CA ASN D 233 14.95 -20.85 -3.68
C ASN D 233 15.25 -20.88 -5.20
N GLY D 234 14.36 -20.30 -6.01
CA GLY D 234 14.61 -20.21 -7.44
C GLY D 234 13.43 -20.74 -8.25
N HIS D 235 13.71 -21.15 -9.50
CA HIS D 235 12.67 -21.46 -10.49
C HIS D 235 12.99 -22.76 -11.24
N ALA D 236 13.29 -23.81 -10.47
CA ALA D 236 13.66 -25.13 -11.02
C ALA D 236 12.42 -25.80 -11.56
N ALA D 237 11.30 -25.55 -10.86
CA ALA D 237 10.01 -26.00 -11.27
C ALA D 237 9.68 -25.55 -12.72
N TYR D 238 10.04 -24.32 -13.07
CA TYR D 238 9.90 -23.89 -14.47
C TYR D 238 10.84 -24.65 -15.45
N PHE D 239 12.10 -24.84 -15.07
CA PHE D 239 13.05 -25.61 -15.93
C PHE D 239 12.59 -27.06 -16.09
N ALA D 240 12.05 -27.65 -15.04
CA ALA D 240 11.55 -29.03 -15.11
C ALA D 240 10.56 -29.18 -16.28
N ALA D 241 9.73 -28.15 -16.44
CA ALA D 241 8.64 -28.15 -17.43
C ALA D 241 9.20 -28.10 -18.83
N ILE D 242 10.24 -27.29 -19.03
CA ILE D 242 10.90 -27.13 -20.35
C ILE D 242 11.58 -28.44 -20.78
N LYS D 243 12.39 -28.98 -19.89
CA LYS D 243 12.99 -30.30 -20.06
C LYS D 243 11.95 -31.34 -20.39
N ALA D 244 10.87 -31.40 -19.62
CA ALA D 244 9.82 -32.38 -19.85
C ALA D 244 9.20 -32.26 -21.24
N THR D 245 8.90 -31.03 -21.66
CA THR D 245 8.40 -30.78 -23.02
C THR D 245 9.43 -31.24 -24.04
N TYR D 246 10.67 -30.79 -23.89
CA TYR D 246 11.74 -31.25 -24.77
C TYR D 246 11.86 -32.78 -24.93
N ASP D 247 11.89 -33.49 -23.78
CA ASP D 247 11.99 -34.94 -23.76
C ASP D 247 10.87 -35.60 -24.50
N CYS D 248 9.64 -35.10 -24.33
CA CYS D 248 8.45 -35.72 -24.96
C CYS D 248 8.46 -35.62 -26.51
N LEU D 249 8.79 -34.42 -26.99
CA LEU D 249 8.93 -34.13 -28.41
C LEU D 249 10.15 -34.84 -29.02
N ARG D 250 11.25 -34.88 -28.27
CA ARG D 250 12.45 -35.58 -28.76
C ARG D 250 12.15 -37.06 -28.97
N GLU D 251 11.43 -37.68 -28.02
CA GLU D 251 10.94 -39.07 -28.15
C GLU D 251 9.97 -39.23 -29.32
N GLU D 252 8.98 -38.34 -29.41
CA GLU D 252 8.06 -38.36 -30.55
C GLU D 252 8.79 -38.30 -31.87
N ARG D 253 9.88 -37.56 -31.92
CA ARG D 253 10.61 -37.31 -33.15
C ARG D 253 11.51 -38.52 -33.51
N GLY D 254 12.03 -39.19 -32.47
CA GLY D 254 12.94 -40.29 -32.63
C GLY D 254 14.35 -39.74 -32.73
N ALA D 255 14.48 -38.43 -32.44
CA ALA D 255 15.80 -37.79 -32.36
C ALA D 255 16.49 -38.30 -31.10
N VAL D 256 17.78 -37.99 -31.00
CA VAL D 256 18.58 -38.43 -29.85
C VAL D 256 19.04 -37.23 -29.02
N ALA D 257 18.52 -37.13 -27.80
CA ALA D 257 18.35 -35.85 -27.15
C ALA D 257 19.61 -35.43 -26.39
N SER D 258 19.56 -34.27 -25.76
CA SER D 258 20.76 -33.64 -25.21
C SER D 258 21.27 -34.39 -23.98
N ASP D 259 22.44 -34.00 -23.51
CA ASP D 259 22.86 -34.31 -22.15
C ASP D 259 22.98 -33.02 -21.35
N LEU D 260 22.10 -32.06 -21.68
CA LEU D 260 21.99 -30.83 -20.92
C LEU D 260 21.01 -31.04 -19.78
N THR D 261 21.30 -30.39 -18.66
CA THR D 261 20.37 -30.32 -17.54
C THR D 261 19.11 -29.50 -17.95
N ALA D 262 18.04 -29.58 -17.15
CA ALA D 262 16.83 -28.76 -17.33
C ALA D 262 17.18 -27.28 -17.45
N SER D 263 18.16 -26.84 -16.66
CA SER D 263 18.59 -25.43 -16.68
C SER D 263 19.45 -25.02 -17.90
N GLU D 264 20.42 -25.86 -18.29
CA GLU D 264 21.21 -25.60 -19.50
C GLU D 264 20.33 -25.63 -20.75
N LEU D 265 19.34 -26.50 -20.74
CA LEU D 265 18.34 -26.60 -21.81
C LEU D 265 17.54 -25.30 -21.90
N SER D 266 17.03 -24.84 -20.76
CA SER D 266 16.26 -23.60 -20.66
C SER D 266 17.07 -22.41 -21.16
N LYS D 267 18.29 -22.27 -20.65
CA LYS D 267 19.22 -21.25 -21.14
C LYS D 267 19.48 -21.33 -22.65
N LYS D 268 19.66 -22.53 -23.18
CA LYS D 268 19.93 -22.70 -24.62
C LYS D 268 18.83 -22.07 -25.49
N TYR D 269 17.57 -22.33 -25.13
CA TYR D 269 16.44 -21.92 -25.99
C TYR D 269 16.06 -20.47 -25.80
N THR D 270 16.85 -19.82 -24.96
CA THR D 270 16.81 -18.40 -24.73
C THR D 270 17.70 -17.65 -25.78
N PHE D 271 18.39 -18.45 -26.61
CA PHE D 271 19.36 -17.98 -27.62
C PHE D 271 20.39 -16.97 -27.10
N PRO D 272 21.12 -17.30 -26.01
CA PRO D 272 21.87 -16.22 -25.35
C PRO D 272 22.99 -15.61 -26.17
N GLU D 273 23.50 -16.33 -27.17
CA GLU D 273 24.56 -15.79 -28.04
C GLU D 273 24.10 -14.78 -29.06
N GLU D 274 22.84 -14.89 -29.54
CA GLU D 274 22.23 -13.81 -30.34
C GLU D 274 22.14 -12.52 -29.56
N TYR D 275 21.58 -12.61 -28.36
CA TYR D 275 21.44 -11.46 -27.50
C TYR D 275 22.81 -10.91 -27.10
N GLN D 276 23.78 -11.80 -26.91
CA GLN D 276 25.14 -11.38 -26.53
C GLN D 276 25.81 -10.68 -27.72
N ALA D 277 25.59 -11.22 -28.92
CA ALA D 277 26.07 -10.62 -30.19
C ALA D 277 25.48 -9.24 -30.48
N TRP D 278 24.18 -9.07 -30.22
CA TRP D 278 23.54 -7.78 -30.39
C TRP D 278 24.06 -6.70 -29.41
N ALA D 279 24.18 -7.07 -28.13
CA ALA D 279 24.78 -6.20 -27.12
C ALA D 279 26.20 -5.74 -27.51
N ARG D 280 27.06 -6.69 -27.92
CA ARG D 280 28.43 -6.35 -28.32
C ARG D 280 28.36 -5.41 -29.53
N ASP D 281 27.47 -5.74 -30.47
CA ASP D 281 27.38 -4.95 -31.71
C ASP D 281 26.83 -3.52 -31.49
N TYR D 282 25.70 -3.39 -30.79
CA TYR D 282 24.93 -2.14 -30.77
C TYR D 282 25.08 -1.33 -29.49
N MET D 283 25.63 -1.95 -28.46
CA MET D 283 25.76 -1.32 -27.15
C MET D 283 27.19 -1.33 -26.59
N GLU D 284 28.16 -1.16 -27.48
CA GLU D 284 29.57 -1.02 -27.12
C GLU D 284 30.24 0.09 -27.95
N ALA E 4 -3.92 30.13 61.60
CA ALA E 4 -2.70 30.86 62.09
C ALA E 4 -1.78 31.25 60.91
N SER E 5 -1.25 32.46 60.98
CA SER E 5 -0.23 32.92 60.03
C SER E 5 1.14 32.35 60.45
N HIS E 6 2.12 32.45 59.58
CA HIS E 6 3.45 32.03 59.95
C HIS E 6 3.94 32.75 61.20
N HIS E 7 3.64 34.06 61.31
CA HIS E 7 3.99 34.83 62.49
C HIS E 7 3.29 34.26 63.74
N GLU E 8 2.01 33.92 63.60
CA GLU E 8 1.26 33.40 64.77
C GLU E 8 1.78 32.04 65.25
N LEU E 9 2.23 31.19 64.33
CA LEU E 9 2.82 29.92 64.71
C LEU E 9 4.13 30.10 65.44
N ARG E 10 4.88 31.15 65.10
CA ARG E 10 6.11 31.50 65.84
C ARG E 10 5.81 31.91 67.30
N ALA E 11 4.79 32.73 67.46
CA ALA E 11 4.35 33.13 68.79
C ALA E 11 3.94 31.90 69.63
N MET E 12 3.24 30.96 68.97
CA MET E 12 2.86 29.67 69.54
C MET E 12 4.06 28.85 70.02
N PHE E 13 5.08 28.75 69.16
CA PHE E 13 6.32 28.07 69.52
C PHE E 13 7.09 28.73 70.67
N ARG E 14 7.24 30.05 70.61
CA ARG E 14 7.84 30.76 71.76
C ARG E 14 7.11 30.49 73.07
N ALA E 15 5.80 30.41 73.00
CA ALA E 15 4.98 30.19 74.17
C ALA E 15 5.16 28.75 74.64
N LEU E 16 5.37 27.77 73.74
CA LEU E 16 5.79 26.40 74.21
C LEU E 16 7.15 26.50 74.94
N LEU E 17 8.10 27.25 74.40
CA LEU E 17 9.45 27.37 75.01
C LEU E 17 9.43 28.08 76.36
N ASP E 18 8.47 29.00 76.52
CA ASP E 18 8.24 29.73 77.78
C ASP E 18 7.60 28.98 78.92
N SER E 19 6.95 27.88 78.58
CA SER E 19 6.29 27.02 79.52
C SER E 19 7.29 26.27 80.43
N SER E 20 6.77 25.41 81.29
CA SER E 20 7.61 24.65 82.21
C SER E 20 7.60 23.17 81.82
N ARG E 21 7.11 22.89 80.62
CA ARG E 21 6.92 21.53 80.09
C ARG E 21 7.90 21.20 78.95
N CYS E 22 8.18 19.90 78.70
CA CYS E 22 8.78 19.53 77.39
C CYS E 22 7.79 18.79 76.47
N TYR E 23 7.97 19.02 75.18
CA TYR E 23 7.07 18.54 74.20
C TYR E 23 7.84 17.64 73.23
N HIS E 24 7.18 16.55 72.80
CA HIS E 24 7.71 15.62 71.81
C HIS E 24 7.20 15.98 70.43
N THR E 25 8.13 16.21 69.52
CA THR E 25 7.76 16.50 68.14
C THR E 25 7.09 15.28 67.47
N ALA E 26 6.20 15.61 66.54
CA ALA E 26 5.84 14.78 65.42
C ALA E 26 6.82 15.08 64.27
N SER E 27 7.24 14.03 63.58
CA SER E 27 8.05 14.11 62.36
C SER E 27 7.06 14.62 61.31
N VAL E 28 7.33 15.82 60.83
CA VAL E 28 6.45 16.49 59.85
C VAL E 28 7.28 16.84 58.61
N PHE E 29 6.95 16.23 57.48
CA PHE E 29 7.82 16.23 56.32
C PHE E 29 7.21 16.58 55.00
N ASP E 30 5.88 16.67 54.96
CA ASP E 30 5.13 17.08 53.77
C ASP E 30 3.75 17.57 54.18
N PRO E 31 2.97 18.14 53.23
CA PRO E 31 1.65 18.62 53.67
C PRO E 31 0.68 17.59 54.36
N MET E 32 0.64 16.36 53.87
CA MET E 32 -0.25 15.34 54.51
C MET E 32 0.15 15.01 55.96
N SER E 33 1.44 14.86 56.22
CA SER E 33 1.89 14.63 57.58
C SER E 33 1.73 15.82 58.53
N ALA E 34 1.83 17.04 58.00
CA ALA E 34 1.59 18.27 58.77
C ALA E 34 0.11 18.29 59.23
N ARG E 35 -0.80 17.98 58.32
CA ARG E 35 -2.25 17.86 58.59
C ARG E 35 -2.63 16.76 59.61
N ILE E 36 -1.99 15.60 59.49
CA ILE E 36 -2.11 14.47 60.42
C ILE E 36 -1.60 14.85 61.82
N ALA E 37 -0.37 15.42 61.91
CA ALA E 37 0.15 15.86 63.21
C ALA E 37 -0.75 16.86 63.95
N ALA E 38 -1.31 17.81 63.23
CA ALA E 38 -2.21 18.81 63.83
C ALA E 38 -3.54 18.14 64.26
N ASP E 39 -4.11 17.35 63.36
CA ASP E 39 -5.30 16.59 63.70
C ASP E 39 -5.16 15.77 65.00
N LEU E 40 -4.00 15.19 65.24
CA LEU E 40 -3.74 14.43 66.46
C LEU E 40 -3.32 15.24 67.71
N GLY E 41 -3.18 16.55 67.58
CA GLY E 41 -2.88 17.41 68.72
C GLY E 41 -1.42 17.70 69.09
N PHE E 42 -0.47 17.32 68.24
CA PHE E 42 0.92 17.68 68.54
C PHE E 42 1.06 19.20 68.65
N GLU E 43 1.76 19.66 69.65
CA GLU E 43 2.09 21.08 69.82
C GLU E 43 3.04 21.56 68.70
N CYS E 44 4.00 20.71 68.30
CA CYS E 44 5.05 21.07 67.33
C CYS E 44 5.60 19.87 66.51
N GLY E 45 6.16 20.20 65.36
CA GLY E 45 6.67 19.22 64.42
C GLY E 45 8.11 19.54 64.05
N ILE E 46 8.79 18.56 63.44
CA ILE E 46 10.16 18.64 62.99
C ILE E 46 10.28 18.10 61.55
N LEU E 47 10.76 18.99 60.65
CA LEU E 47 11.28 18.59 59.37
C LEU E 47 12.77 18.25 59.48
N GLY E 48 13.06 16.94 59.37
CA GLY E 48 14.45 16.50 59.38
C GLY E 48 15.15 16.56 58.01
N GLY E 49 16.40 16.95 58.06
CA GLY E 49 17.26 16.92 56.86
C GLY E 49 17.41 15.50 56.31
N SER E 50 17.47 14.50 57.18
CA SER E 50 17.54 13.10 56.70
C SER E 50 16.27 12.73 55.95
N VAL E 51 15.10 13.16 56.43
CA VAL E 51 13.87 12.79 55.80
C VAL E 51 13.69 13.46 54.44
N ALA E 52 14.06 14.74 54.36
CA ALA E 52 13.96 15.45 53.10
C ALA E 52 14.87 14.72 52.06
N SER E 53 16.02 14.24 52.52
CA SER E 53 16.96 13.51 51.67
C SER E 53 16.38 12.16 51.10
N LEU E 54 15.69 11.42 51.95
CA LEU E 54 14.94 10.23 51.51
C LEU E 54 13.87 10.60 50.50
N GLN E 55 13.08 11.67 50.78
CA GLN E 55 11.89 11.99 49.97
C GLN E 55 12.32 12.53 48.62
N VAL E 56 13.36 13.38 48.63
CA VAL E 56 13.78 14.13 47.41
C VAL E 56 14.67 13.21 46.55
N LEU E 57 15.56 12.48 47.20
CA LEU E 57 16.68 11.75 46.54
C LEU E 57 16.73 10.23 46.70
N ALA E 58 16.00 9.68 47.67
CA ALA E 58 16.22 8.29 48.20
C ALA E 58 17.69 8.14 48.57
N ALA E 59 18.20 9.11 49.30
CA ALA E 59 19.62 9.16 49.61
C ALA E 59 19.89 9.21 51.12
N PRO E 60 21.11 8.76 51.55
CA PRO E 60 21.44 8.89 52.95
C PRO E 60 21.66 10.35 53.36
N ASP E 61 21.85 10.56 54.64
CA ASP E 61 21.87 11.89 55.26
C ASP E 61 23.26 12.51 55.07
N PHE E 62 23.65 12.69 53.80
CA PHE E 62 25.02 13.07 53.46
C PHE E 62 25.17 14.49 52.91
N ALA E 63 24.14 15.32 53.10
CA ALA E 63 24.15 16.74 52.69
C ALA E 63 24.28 16.80 51.12
N LEU E 64 23.48 15.95 50.48
CA LEU E 64 23.38 15.82 49.07
C LEU E 64 22.24 16.69 48.56
N ILE E 65 21.17 16.83 49.34
CA ILE E 65 20.11 17.81 49.00
CA ILE E 65 20.10 17.78 49.05
C ILE E 65 20.65 19.24 49.01
N THR E 66 20.11 20.07 48.14
CA THR E 66 20.54 21.48 48.04
C THR E 66 19.66 22.26 49.02
N LEU E 67 20.09 23.42 49.49
CA LEU E 67 19.18 24.36 50.18
C LEU E 67 17.80 24.58 49.45
N SER E 68 17.82 24.79 48.14
CA SER E 68 16.59 24.94 47.37
C SER E 68 15.63 23.74 47.51
N GLU E 69 16.16 22.52 47.50
CA GLU E 69 15.30 21.32 47.70
C GLU E 69 14.72 21.22 49.09
N PHE E 70 15.60 21.42 50.08
CA PHE E 70 15.13 21.51 51.47
C PHE E 70 14.03 22.55 51.72
N VAL E 71 14.27 23.75 51.19
CA VAL E 71 13.30 24.84 51.28
C VAL E 71 11.97 24.51 50.54
N GLU E 72 12.05 23.79 49.42
CA GLU E 72 10.86 23.40 48.73
C GLU E 72 10.02 22.45 49.58
N GLN E 73 10.67 21.55 50.34
CA GLN E 73 9.96 20.64 51.31
C GLN E 73 9.35 21.45 52.45
N ALA E 74 10.11 22.44 52.91
CA ALA E 74 9.62 23.35 53.93
C ALA E 74 8.42 24.16 53.46
N THR E 75 8.47 24.68 52.21
CA THR E 75 7.43 25.51 51.61
C THR E 75 6.10 24.75 51.46
N ARG E 76 6.16 23.52 50.95
CA ARG E 76 5.01 22.64 50.81
C ARG E 76 4.25 22.49 52.13
N ILE E 77 5.02 22.25 53.17
CA ILE E 77 4.52 22.11 54.56
C ILE E 77 3.91 23.45 55.05
N GLY E 78 4.59 24.57 54.75
CA GLY E 78 4.13 25.87 55.20
C GLY E 78 2.81 26.33 54.62
N ARG E 79 2.38 25.79 53.46
CA ARG E 79 1.03 26.12 52.92
C ARG E 79 -0.11 25.60 53.81
N VAL E 80 0.14 24.55 54.59
CA VAL E 80 -0.95 23.93 55.35
C VAL E 80 -0.80 23.95 56.87
N ALA E 81 0.41 24.18 57.39
CA ALA E 81 0.71 23.83 58.78
C ALA E 81 -0.12 24.67 59.77
N ARG E 82 -0.71 24.03 60.77
CA ARG E 82 -1.49 24.71 61.81
C ARG E 82 -0.79 24.45 63.13
N LEU E 83 0.40 23.87 63.11
CA LEU E 83 1.21 23.70 64.32
C LEU E 83 2.57 24.23 63.89
N PRO E 84 3.35 24.81 64.84
CA PRO E 84 4.68 25.31 64.51
C PRO E 84 5.64 24.17 64.11
N VAL E 85 6.38 24.39 63.02
CA VAL E 85 7.33 23.35 62.54
C VAL E 85 8.79 23.85 62.68
N ILE E 86 9.65 22.98 63.21
CA ILE E 86 11.08 23.27 63.33
C ILE E 86 11.72 22.66 62.11
N ALA E 87 12.61 23.42 61.46
CA ALA E 87 13.44 22.92 60.38
C ALA E 87 14.87 22.60 60.84
N ASP E 88 15.26 21.35 60.66
CA ASP E 88 16.66 20.93 60.77
C ASP E 88 17.38 21.48 59.53
N ALA E 89 18.06 22.62 59.68
CA ALA E 89 18.80 23.28 58.60
C ALA E 89 20.28 22.84 58.44
N ASP E 90 20.66 21.70 59.03
CA ASP E 90 22.05 21.23 58.94
C ASP E 90 23.06 22.33 59.35
N HIS E 91 24.14 22.53 58.55
CA HIS E 91 25.22 23.47 58.85
C HIS E 91 24.88 24.84 58.24
N GLY E 92 23.67 24.98 57.67
CA GLY E 92 23.30 26.20 56.97
C GLY E 92 23.78 26.26 55.55
N TYR E 93 24.18 25.12 54.98
CA TYR E 93 24.36 24.96 53.50
C TYR E 93 25.52 25.76 53.00
N GLY E 94 26.54 25.92 53.87
CA GLY E 94 27.81 26.55 53.48
C GLY E 94 28.37 27.28 54.68
N ASN E 95 29.01 28.45 54.46
CA ASN E 95 29.64 29.20 55.54
C ASN E 95 28.62 30.18 56.15
N ALA E 96 29.06 31.08 57.03
CA ALA E 96 28.16 32.12 57.64
C ALA E 96 27.35 32.95 56.60
N LEU E 97 27.91 33.17 55.40
CA LEU E 97 27.17 33.89 54.36
C LEU E 97 26.06 32.99 53.76
N ASN E 98 26.30 31.70 53.63
CA ASN E 98 25.21 30.80 53.23
C ASN E 98 24.14 30.56 54.34
N VAL E 99 24.59 30.61 55.60
CA VAL E 99 23.64 30.48 56.72
C VAL E 99 22.58 31.60 56.62
N MET E 100 23.02 32.79 56.21
CA MET E 100 22.13 33.89 56.12
C MET E 100 21.07 33.63 55.09
N ARG E 101 21.48 33.12 53.92
CA ARG E 101 20.46 32.70 52.95
C ARG E 101 19.52 31.63 53.54
N THR E 102 20.09 30.61 54.18
CA THR E 102 19.30 29.51 54.76
C THR E 102 18.18 30.05 55.66
N VAL E 103 18.50 31.06 56.47
CA VAL E 103 17.52 31.76 57.36
C VAL E 103 16.51 32.55 56.52
N VAL E 104 16.98 33.31 55.53
CA VAL E 104 15.98 34.00 54.69
C VAL E 104 14.97 33.07 53.98
N GLU E 105 15.45 31.99 53.36
CA GLU E 105 14.62 31.04 52.64
C GLU E 105 13.59 30.33 53.58
N LEU E 106 14.09 29.84 54.69
CA LEU E 106 13.27 29.05 55.62
C LEU E 106 12.25 29.91 56.38
N GLU E 107 12.68 31.10 56.80
CA GLU E 107 11.72 32.09 57.35
C GLU E 107 10.59 32.36 56.38
N ARG E 108 10.92 32.70 55.11
CA ARG E 108 9.88 32.95 54.06
C ARG E 108 8.97 31.73 53.80
N ALA E 109 9.58 30.54 53.77
CA ALA E 109 8.85 29.24 53.63
C ALA E 109 7.75 29.13 54.68
N GLY E 110 8.01 29.70 55.88
CA GLY E 110 7.01 29.86 56.91
C GLY E 110 7.25 29.06 58.18
N ILE E 111 8.45 28.53 58.31
CA ILE E 111 8.94 27.67 59.40
C ILE E 111 8.98 28.45 60.75
N ALA E 112 8.74 27.78 61.89
CA ALA E 112 8.67 28.49 63.19
C ALA E 112 9.98 28.64 63.92
N ALA E 113 10.89 27.71 63.66
CA ALA E 113 12.17 27.67 64.32
C ALA E 113 13.10 26.92 63.40
N LEU E 114 14.40 27.15 63.54
CA LEU E 114 15.38 26.43 62.75
C LEU E 114 16.58 26.01 63.61
N THR E 115 17.25 24.95 63.21
CA THR E 115 18.55 24.60 63.80
C THR E 115 19.74 24.79 62.86
N ILE E 116 20.85 25.31 63.40
CA ILE E 116 22.14 25.39 62.68
C ILE E 116 23.15 24.64 63.56
N GLU E 117 23.72 23.56 63.01
CA GLU E 117 24.72 22.77 63.71
C GLU E 117 26.13 23.13 63.31
N ASP E 118 27.09 22.79 64.19
CA ASP E 118 28.50 23.11 63.97
C ASP E 118 29.32 21.97 63.38
N THR E 119 28.64 20.96 62.84
CA THR E 119 29.25 19.88 62.03
C THR E 119 29.91 20.46 60.76
N LEU E 120 31.10 19.97 60.49
CA LEU E 120 31.82 20.34 59.33
C LEU E 120 31.20 19.51 58.15
N LEU E 121 30.44 20.19 57.30
CA LEU E 121 29.69 19.52 56.23
C LEU E 121 29.96 20.21 54.90
N PRO E 122 29.94 19.44 53.76
CA PRO E 122 29.75 17.99 53.69
C PRO E 122 31.03 17.27 54.12
N ALA E 123 31.02 15.92 54.15
CA ALA E 123 32.21 15.12 54.51
C ALA E 123 33.49 15.55 53.76
N GLN E 124 34.61 15.55 54.46
CA GLN E 124 35.84 16.01 53.87
C GLN E 124 36.66 14.89 53.35
N PHE E 125 37.36 15.18 52.26
CA PHE E 125 38.23 14.25 51.61
C PHE E 125 39.25 13.61 52.60
N GLY E 126 39.44 12.30 52.48
CA GLY E 126 40.43 11.55 53.23
C GLY E 126 40.18 11.43 54.74
N ARG E 127 39.06 12.00 55.22
CA ARG E 127 38.62 11.93 56.64
C ARG E 127 37.38 11.03 56.70
N LYS E 128 37.51 9.81 57.25
CA LYS E 128 36.33 8.93 57.47
C LYS E 128 35.45 9.41 58.66
N SER E 129 36.06 10.17 59.57
CA SER E 129 35.36 10.72 60.76
C SER E 129 34.50 11.95 60.46
N THR E 130 33.50 12.19 61.33
CA THR E 130 32.71 13.44 61.33
C THR E 130 33.34 14.43 62.34
N ASP E 131 33.59 15.64 61.86
CA ASP E 131 34.28 16.65 62.60
C ASP E 131 33.40 17.88 62.73
N LEU E 132 33.74 18.70 63.70
CA LEU E 132 33.06 19.94 63.98
C LEU E 132 33.95 21.07 63.51
N ILE E 133 33.32 22.17 63.14
CA ILE E 133 34.02 23.43 62.89
C ILE E 133 34.52 24.02 64.24
N CYS E 134 35.51 24.92 64.18
CA CYS E 134 35.99 25.55 65.38
C CYS E 134 34.88 26.40 66.07
N VAL E 135 34.97 26.60 67.39
CA VAL E 135 33.88 27.33 68.11
C VAL E 135 33.64 28.78 67.59
N GLU E 136 34.73 29.51 67.31
CA GLU E 136 34.70 30.85 66.71
C GLU E 136 33.91 30.86 65.37
N GLU E 137 34.14 29.88 64.49
CA GLU E 137 33.30 29.80 63.27
C GLU E 137 31.82 29.51 63.60
N GLY E 138 31.58 28.57 64.52
CA GLY E 138 30.22 28.41 64.99
C GLY E 138 29.49 29.65 65.57
N VAL E 139 30.18 30.43 66.40
CA VAL E 139 29.68 31.70 66.96
C VAL E 139 29.33 32.66 65.81
N GLY E 140 30.19 32.72 64.78
CA GLY E 140 29.89 33.61 63.62
C GLY E 140 28.65 33.18 62.81
N LYS E 141 28.46 31.86 62.63
CA LYS E 141 27.27 31.32 62.02
C LYS E 141 26.00 31.65 62.78
N ILE E 142 26.05 31.49 64.09
CA ILE E 142 24.87 31.81 64.87
C ILE E 142 24.56 33.32 64.82
N ARG E 143 25.53 34.18 65.08
CA ARG E 143 25.34 35.65 64.87
C ARG E 143 24.87 36.05 63.43
N ALA E 144 25.44 35.45 62.39
CA ALA E 144 24.96 35.62 61.02
C ALA E 144 23.49 35.24 60.88
N ALA E 145 23.10 34.09 61.41
CA ALA E 145 21.67 33.68 61.37
C ALA E 145 20.75 34.70 62.10
N LEU E 146 21.22 35.18 63.25
CA LEU E 146 20.43 36.13 64.05
C LEU E 146 20.25 37.50 63.34
N GLU E 147 21.26 37.88 62.53
CA GLU E 147 21.22 39.09 61.69
C GLU E 147 20.22 38.94 60.53
N ALA E 148 20.23 37.78 59.86
CA ALA E 148 19.38 37.57 58.72
C ALA E 148 17.92 37.44 59.05
N ARG E 149 17.59 37.13 60.30
CA ARG E 149 16.18 37.00 60.70
C ARG E 149 15.44 38.32 60.45
N VAL E 150 14.22 38.27 59.91
CA VAL E 150 13.43 39.50 59.80
C VAL E 150 12.35 39.54 60.89
N ASP E 151 11.43 38.58 60.84
CA ASP E 151 10.43 38.38 61.92
C ASP E 151 11.11 37.93 63.24
N PRO E 152 11.10 38.81 64.29
CA PRO E 152 11.92 38.52 65.48
C PRO E 152 11.35 37.34 66.30
N ALA E 153 10.08 37.01 66.04
CA ALA E 153 9.45 35.80 66.60
C ALA E 153 10.06 34.46 66.08
N LEU E 154 10.68 34.44 64.89
CA LEU E 154 11.36 33.21 64.49
C LEU E 154 12.45 32.76 65.50
N THR E 155 12.53 31.47 65.85
CA THR E 155 13.51 30.98 66.84
C THR E 155 14.72 30.37 66.14
N ILE E 156 15.90 30.79 66.59
CA ILE E 156 17.14 30.32 66.03
C ILE E 156 17.82 29.48 67.10
N ILE E 157 17.98 28.20 66.82
CA ILE E 157 18.57 27.23 67.74
C ILE E 157 19.92 26.80 67.21
N ALA E 158 20.95 26.91 68.06
CA ALA E 158 22.32 26.43 67.80
C ALA E 158 22.40 24.96 68.27
N ARG E 159 22.86 24.08 67.37
CA ARG E 159 22.95 22.65 67.60
C ARG E 159 24.43 22.21 67.65
N THR E 160 24.71 21.32 68.60
CA THR E 160 26.01 20.70 68.59
C THR E 160 25.86 19.19 68.91
N ASN E 161 26.95 18.46 68.80
CA ASN E 161 27.01 16.98 68.89
C ASN E 161 27.85 16.64 70.12
N ALA E 162 27.18 16.16 71.17
CA ALA E 162 27.81 15.87 72.46
C ALA E 162 28.49 14.50 72.49
N GLU E 163 28.35 13.73 71.41
CA GLU E 163 29.03 12.45 71.25
C GLU E 163 30.47 12.56 70.77
N LEU E 164 30.75 13.49 69.86
CA LEU E 164 32.08 13.63 69.25
C LEU E 164 33.14 14.27 70.16
N ILE E 165 32.72 14.97 71.19
CA ILE E 165 33.65 15.81 71.95
C ILE E 165 33.41 15.64 73.45
N ASP E 166 34.45 15.93 74.22
CA ASP E 166 34.33 15.80 75.67
C ASP E 166 33.45 16.87 76.25
N VAL E 167 32.88 16.61 77.43
CA VAL E 167 31.87 17.48 78.04
C VAL E 167 32.32 18.94 78.24
N ASP E 168 33.63 19.14 78.48
CA ASP E 168 34.21 20.48 78.65
C ASP E 168 34.05 21.32 77.37
N ALA E 169 34.35 20.69 76.23
CA ALA E 169 34.16 21.27 74.90
C ALA E 169 32.69 21.51 74.54
N VAL E 170 31.79 20.59 74.88
CA VAL E 170 30.34 20.81 74.76
C VAL E 170 29.87 22.07 75.56
N ILE E 171 30.26 22.14 76.82
CA ILE E 171 30.00 23.33 77.64
C ILE E 171 30.62 24.60 77.01
N GLN E 172 31.88 24.57 76.60
CA GLN E 172 32.47 25.76 75.97
C GLN E 172 31.64 26.23 74.76
N ARG E 173 31.25 25.27 73.92
CA ARG E 173 30.55 25.57 72.66
C ARG E 173 29.18 26.12 72.92
N THR E 174 28.41 25.44 73.77
CA THR E 174 27.06 25.87 74.07
C THR E 174 26.99 27.23 74.81
N LEU E 175 27.91 27.46 75.75
CA LEU E 175 28.02 28.77 76.41
C LEU E 175 28.27 29.89 75.41
N ALA E 176 29.15 29.62 74.44
CA ALA E 176 29.48 30.59 73.42
C ALA E 176 28.31 30.92 72.53
N TYR E 177 27.52 29.90 72.17
CA TYR E 177 26.39 30.06 71.30
C TYR E 177 25.29 30.81 72.05
N GLN E 178 25.22 30.52 73.35
CA GLN E 178 24.31 31.21 74.22
C GLN E 178 24.70 32.72 74.32
N GLU E 179 25.97 33.01 74.63
CA GLU E 179 26.46 34.37 74.63
C GLU E 179 26.26 35.09 73.26
N ALA E 180 26.21 34.29 72.21
CA ALA E 180 26.12 34.81 70.83
C ALA E 180 24.67 35.28 70.57
N GLY E 181 23.76 34.90 71.49
CA GLY E 181 22.30 35.19 71.33
C GLY E 181 21.36 34.14 70.75
N ALA E 182 21.83 32.88 70.70
CA ALA E 182 20.99 31.76 70.24
C ALA E 182 19.73 31.76 71.07
N ASP E 183 18.59 31.51 70.45
CA ASP E 183 17.33 31.39 71.21
C ASP E 183 17.19 30.07 72.00
N GLY E 184 17.96 29.07 71.65
CA GLY E 184 17.87 27.74 72.28
C GLY E 184 19.10 26.95 71.85
N ILE E 185 19.35 25.83 72.53
CA ILE E 185 20.47 24.96 72.20
C ILE E 185 19.90 23.59 71.91
N CYS E 186 20.26 23.04 70.74
CA CYS E 186 19.99 21.64 70.42
C CYS E 186 21.19 20.67 70.60
N LEU E 187 20.90 19.50 71.19
CA LEU E 187 21.97 18.55 71.53
C LEU E 187 21.61 17.17 70.94
N VAL E 188 22.51 16.65 70.11
CA VAL E 188 22.47 15.25 69.75
C VAL E 188 23.61 14.48 70.51
N GLY E 189 23.45 13.18 70.75
CA GLY E 189 24.54 12.38 71.40
C GLY E 189 24.68 12.47 72.93
N VAL E 190 23.65 12.96 73.61
CA VAL E 190 23.64 13.00 75.11
C VAL E 190 23.32 11.55 75.60
N ARG E 191 24.24 11.00 76.41
CA ARG E 191 24.22 9.60 76.87
C ARG E 191 23.15 9.36 77.89
N ASP E 192 23.10 10.22 78.89
CA ASP E 192 22.12 10.00 79.95
C ASP E 192 21.91 11.30 80.72
N PHE E 193 21.27 11.18 81.88
CA PHE E 193 21.04 12.38 82.71
C PHE E 193 22.25 13.01 83.36
N ALA E 194 23.24 12.21 83.75
CA ALA E 194 24.45 12.78 84.33
C ALA E 194 25.15 13.63 83.26
N HIS E 195 25.14 13.12 82.03
CA HIS E 195 25.70 13.89 80.90
C HIS E 195 24.95 15.23 80.66
N LEU E 196 23.64 15.10 80.47
CA LEU E 196 22.74 16.24 80.36
C LEU E 196 22.93 17.30 81.48
N GLU E 197 23.10 16.83 82.72
CA GLU E 197 23.26 17.77 83.85
C GLU E 197 24.49 18.63 83.74
N ALA E 198 25.61 18.00 83.45
CA ALA E 198 26.85 18.70 83.23
C ALA E 198 26.69 19.83 82.17
N ILE E 199 25.87 19.56 81.13
CA ILE E 199 25.72 20.51 80.01
C ILE E 199 24.66 21.53 80.40
N ALA E 200 23.62 21.07 81.08
CA ALA E 200 22.49 21.96 81.34
C ALA E 200 22.84 23.02 82.42
N GLU E 201 23.87 22.75 83.21
CA GLU E 201 24.19 23.54 84.42
C GLU E 201 24.33 25.06 84.21
N HIS E 202 25.09 25.42 83.17
CA HIS E 202 25.35 26.83 82.86
C HIS E 202 24.53 27.41 81.72
N LEU E 203 23.53 26.67 81.31
CA LEU E 203 22.63 27.08 80.25
C LEU E 203 21.34 27.60 80.78
N HIS E 204 20.82 28.68 80.16
CA HIS E 204 19.60 29.26 80.68
C HIS E 204 18.68 29.65 79.54
N ILE E 205 18.94 29.10 78.35
CA ILE E 205 18.02 29.26 77.24
C ILE E 205 17.42 27.88 76.89
N PRO E 206 16.24 27.85 76.30
CA PRO E 206 15.55 26.54 76.09
C PRO E 206 16.39 25.42 75.42
N LEU E 207 16.28 24.18 75.92
CA LEU E 207 17.04 23.07 75.29
C LEU E 207 16.14 22.22 74.43
N MET E 208 16.73 21.75 73.33
CA MET E 208 16.16 20.78 72.43
C MET E 208 17.08 19.55 72.39
N LEU E 209 16.48 18.37 72.50
CA LEU E 209 17.25 17.11 72.49
C LEU E 209 16.84 16.14 71.38
N VAL E 210 17.81 15.68 70.60
CA VAL E 210 17.64 14.68 69.54
C VAL E 210 18.14 13.36 70.13
N THR E 211 17.22 12.56 70.63
CA THR E 211 17.52 11.43 71.50
C THR E 211 17.53 10.11 70.73
N TYR E 212 16.83 10.03 69.58
CA TYR E 212 16.72 8.75 68.84
C TYR E 212 16.39 7.60 69.81
N GLY E 213 15.30 7.76 70.54
CA GLY E 213 14.78 6.73 71.46
C GLY E 213 15.60 6.40 72.68
N ASN E 214 16.60 7.24 73.01
CA ASN E 214 17.48 6.99 74.16
C ASN E 214 16.69 6.54 75.40
N PRO E 215 16.89 5.26 75.81
CA PRO E 215 16.12 4.72 76.91
C PRO E 215 16.49 5.27 78.27
N GLN E 216 17.67 5.87 78.41
CA GLN E 216 18.01 6.58 79.63
C GLN E 216 17.64 8.12 79.73
N LEU E 217 16.81 8.59 78.84
CA LEU E 217 16.41 10.01 78.84
C LEU E 217 14.92 10.08 78.63
N ARG E 218 14.19 9.33 79.45
CA ARG E 218 12.77 9.10 79.27
C ARG E 218 11.94 9.69 80.43
N ASP E 219 12.60 10.38 81.35
CA ASP E 219 11.86 11.08 82.42
C ASP E 219 11.61 12.55 82.02
N ASP E 220 10.43 12.83 81.50
CA ASP E 220 10.15 14.16 80.96
C ASP E 220 10.14 15.30 81.99
N ALA E 221 9.73 14.99 83.23
CA ALA E 221 9.65 15.98 84.29
C ALA E 221 11.05 16.42 84.68
N ARG E 222 11.98 15.47 84.72
CA ARG E 222 13.36 15.80 84.98
C ARG E 222 13.99 16.60 83.77
N LEU E 223 13.66 16.18 82.54
CA LEU E 223 14.10 16.90 81.33
C LEU E 223 13.71 18.39 81.43
N ALA E 224 12.41 18.67 81.62
CA ALA E 224 11.87 20.02 81.79
C ALA E 224 12.59 20.81 82.88
N ARG E 225 12.87 20.17 84.01
CA ARG E 225 13.60 20.82 85.10
C ARG E 225 14.99 21.27 84.68
N LEU E 226 15.62 20.50 83.78
CA LEU E 226 16.94 20.80 83.32
C LEU E 226 16.91 21.82 82.14
N GLY E 227 15.73 22.30 81.81
CA GLY E 227 15.60 23.31 80.75
C GLY E 227 15.14 22.79 79.38
N VAL E 228 15.03 21.47 79.25
CA VAL E 228 14.55 20.86 77.98
C VAL E 228 13.11 21.22 77.72
N ARG E 229 12.84 21.68 76.51
CA ARG E 229 11.47 22.05 76.14
C ARG E 229 11.02 21.22 74.92
N VAL E 230 12.00 20.66 74.20
CA VAL E 230 11.70 20.00 72.92
C VAL E 230 12.49 18.72 72.86
N VAL E 231 11.77 17.60 72.62
CA VAL E 231 12.41 16.29 72.46
C VAL E 231 12.07 15.66 71.12
N VAL E 232 13.11 15.31 70.37
CA VAL E 232 12.99 14.73 69.03
C VAL E 232 13.40 13.24 69.10
N ASN E 233 12.40 12.36 68.98
CA ASN E 233 12.62 10.92 69.09
C ASN E 233 13.13 10.28 67.79
N GLY E 234 12.84 10.93 66.68
CA GLY E 234 13.32 10.45 65.41
C GLY E 234 12.20 10.48 64.41
N HIS E 235 12.38 9.68 63.35
CA HIS E 235 11.54 9.71 62.17
C HIS E 235 10.91 8.33 61.80
N ALA E 236 10.61 7.54 62.82
CA ALA E 236 9.79 6.31 62.68
C ALA E 236 8.56 6.45 61.76
N ALA E 237 7.83 7.56 61.92
CA ALA E 237 6.59 7.79 61.16
C ALA E 237 6.81 7.83 59.67
N TYR E 238 8.03 8.17 59.27
CA TYR E 238 8.34 8.19 57.84
C TYR E 238 8.79 6.79 57.33
N PHE E 239 9.59 6.06 58.12
CA PHE E 239 9.96 4.69 57.78
C PHE E 239 8.71 3.82 57.75
N ALA E 240 7.75 4.07 58.63
CA ALA E 240 6.48 3.32 58.60
C ALA E 240 5.83 3.47 57.23
N ALA E 241 5.79 4.71 56.69
CA ALA E 241 5.27 5.01 55.33
C ALA E 241 5.95 4.22 54.21
N ILE E 242 7.29 4.24 54.17
CA ILE E 242 8.10 3.40 53.25
C ILE E 242 7.73 1.91 53.38
N LYS E 243 7.61 1.40 54.61
CA LYS E 243 7.34 -0.03 54.76
C LYS E 243 5.97 -0.37 54.19
N ALA E 244 5.00 0.54 54.31
CA ALA E 244 3.62 0.30 53.91
C ALA E 244 3.49 0.30 52.39
N THR E 245 4.14 1.27 51.74
CA THR E 245 4.35 1.21 50.29
C THR E 245 4.98 -0.12 49.84
N TYR E 246 6.05 -0.56 50.49
CA TYR E 246 6.71 -1.81 50.12
C TYR E 246 5.71 -3.02 50.22
N ASP E 247 5.01 -3.09 51.35
CA ASP E 247 4.06 -4.17 51.65
C ASP E 247 2.94 -4.22 50.66
N CYS E 248 2.38 -3.05 50.36
CA CYS E 248 1.29 -2.99 49.41
C CYS E 248 1.72 -3.46 48.03
N LEU E 249 2.87 -2.95 47.56
CA LEU E 249 3.34 -3.28 46.22
C LEU E 249 3.78 -4.75 46.12
N ARG E 250 4.46 -5.23 47.14
CA ARG E 250 4.95 -6.60 47.29
C ARG E 250 3.76 -7.59 47.25
N GLU E 251 2.65 -7.22 47.91
CA GLU E 251 1.42 -8.00 47.92
C GLU E 251 0.80 -7.98 46.56
N GLU E 252 0.70 -6.81 45.95
CA GLU E 252 0.19 -6.69 44.58
C GLU E 252 0.92 -7.56 43.56
N ARG E 253 2.25 -7.64 43.70
CA ARG E 253 3.11 -8.41 42.81
C ARG E 253 3.08 -9.94 43.03
N GLY E 254 2.78 -10.38 44.25
CA GLY E 254 2.81 -11.80 44.57
C GLY E 254 4.08 -12.27 45.24
N ALA E 255 4.96 -11.33 45.57
CA ALA E 255 6.23 -11.63 46.21
C ALA E 255 6.08 -12.12 47.67
N VAL E 256 7.13 -12.71 48.19
CA VAL E 256 7.16 -13.16 49.58
C VAL E 256 7.25 -11.90 50.51
N ALA E 257 6.68 -11.98 51.72
CA ALA E 257 6.79 -10.87 52.69
C ALA E 257 8.24 -10.59 53.08
N SER E 258 8.58 -9.31 53.29
CA SER E 258 9.94 -8.95 53.72
C SER E 258 10.12 -9.28 55.19
N ASP E 259 11.31 -9.68 55.61
CA ASP E 259 11.60 -9.80 57.03
C ASP E 259 12.25 -8.53 57.58
N LEU E 260 12.49 -7.54 56.72
CA LEU E 260 13.19 -6.32 57.17
C LEU E 260 12.30 -5.45 58.02
N THR E 261 12.87 -4.87 59.07
CA THR E 261 12.16 -3.80 59.78
C THR E 261 11.93 -2.60 58.81
N ALA E 262 10.96 -1.75 59.17
CA ALA E 262 10.72 -0.47 58.46
C ALA E 262 11.97 0.43 58.30
N SER E 263 12.83 0.54 59.35
CA SER E 263 14.10 1.28 59.21
C SER E 263 15.16 0.56 58.37
N GLU E 264 15.15 -0.77 58.39
CA GLU E 264 16.09 -1.54 57.61
C GLU E 264 15.75 -1.45 56.15
N LEU E 265 14.46 -1.52 55.88
CA LEU E 265 13.93 -1.39 54.51
C LEU E 265 14.23 -0.01 53.93
N SER E 266 13.92 1.03 54.72
CA SER E 266 14.20 2.42 54.35
C SER E 266 15.67 2.54 53.98
N LYS E 267 16.54 2.10 54.87
CA LYS E 267 17.94 2.16 54.61
C LYS E 267 18.30 1.50 53.30
N LYS E 268 17.77 0.30 53.04
CA LYS E 268 18.09 -0.46 51.84
C LYS E 268 17.98 0.35 50.54
N TYR E 269 16.88 1.11 50.41
CA TYR E 269 16.57 1.81 49.19
C TYR E 269 17.27 3.17 49.04
N THR E 270 18.18 3.48 49.99
CA THR E 270 19.10 4.60 49.89
C THR E 270 20.36 4.13 49.15
N PHE E 271 20.42 2.81 48.84
CA PHE E 271 21.52 2.17 48.15
C PHE E 271 22.82 2.52 48.85
N PRO E 272 22.94 2.20 50.16
CA PRO E 272 24.07 2.73 50.90
C PRO E 272 25.40 2.17 50.44
N GLU E 273 25.40 0.94 49.90
CA GLU E 273 26.68 0.37 49.43
C GLU E 273 27.24 1.08 48.20
N GLU E 274 26.35 1.54 47.32
CA GLU E 274 26.76 2.28 46.13
C GLU E 274 27.42 3.65 46.54
N TYR E 275 26.82 4.39 47.48
CA TYR E 275 27.40 5.62 47.98
C TYR E 275 28.73 5.36 48.74
N GLN E 276 28.82 4.24 49.44
CA GLN E 276 30.05 3.94 50.15
C GLN E 276 31.16 3.59 49.15
N ALA E 277 30.82 2.85 48.08
CA ALA E 277 31.79 2.49 47.05
C ALA E 277 32.28 3.80 46.39
N TRP E 278 31.39 4.77 46.20
CA TRP E 278 31.83 6.11 45.64
C TRP E 278 32.82 6.89 46.54
N ALA E 279 32.48 6.98 47.82
CA ALA E 279 33.34 7.58 48.82
C ALA E 279 34.67 6.88 48.84
N ARG E 280 34.68 5.55 48.68
CA ARG E 280 35.95 4.81 48.64
C ARG E 280 36.77 5.15 47.43
N ASP E 281 36.11 5.19 46.27
CA ASP E 281 36.77 5.40 44.99
C ASP E 281 37.24 6.84 44.78
N TYR E 282 36.43 7.81 45.21
CA TYR E 282 36.66 9.23 44.88
C TYR E 282 37.04 10.12 46.05
N MET E 283 36.96 9.63 47.28
CA MET E 283 37.23 10.44 48.48
C MET E 283 38.26 9.88 49.47
N GLU E 284 39.03 8.90 49.02
CA GLU E 284 40.15 8.40 49.83
C GLU E 284 41.42 8.43 48.99
N VAL E 285 42.54 8.88 49.58
CA VAL E 285 43.89 8.77 48.96
C VAL E 285 44.14 7.39 48.29
N LYS E 286 44.71 7.37 47.07
CA LYS E 286 45.09 6.08 46.41
C LYS E 286 46.50 5.67 46.84
N ARG F 3 21.81 2.30 35.67
CA ARG F 3 22.34 1.66 34.41
C ARG F 3 21.57 1.95 33.11
N ALA F 4 20.26 1.69 33.06
CA ALA F 4 19.51 2.07 31.86
C ALA F 4 19.33 3.59 31.88
N SER F 5 19.64 4.19 30.74
CA SER F 5 19.40 5.61 30.51
C SER F 5 17.90 5.83 30.30
N HIS F 6 17.51 7.09 30.15
CA HIS F 6 16.10 7.47 29.90
C HIS F 6 15.58 6.90 28.58
N HIS F 7 16.45 6.95 27.56
CA HIS F 7 16.23 6.32 26.27
C HIS F 7 16.06 4.77 26.32
N GLU F 8 16.86 4.08 27.12
CA GLU F 8 16.80 2.64 27.23
C GLU F 8 15.54 2.24 27.95
N LEU F 9 15.08 3.06 28.91
CA LEU F 9 13.82 2.77 29.58
C LEU F 9 12.64 2.91 28.62
N ARG F 10 12.74 3.84 27.67
CA ARG F 10 11.76 3.97 26.63
C ARG F 10 11.74 2.75 25.70
N ALA F 11 12.90 2.22 25.32
CA ALA F 11 12.94 0.96 24.51
C ALA F 11 12.33 -0.20 25.28
N MET F 12 12.58 -0.26 26.59
CA MET F 12 11.96 -1.28 27.44
C MET F 12 10.44 -1.19 27.44
N PHE F 13 9.89 0.03 27.47
CA PHE F 13 8.45 0.21 27.50
C PHE F 13 7.80 -0.24 26.18
N ARG F 14 8.45 0.15 25.07
CA ARG F 14 8.05 -0.23 23.71
C ARG F 14 8.03 -1.74 23.56
N ALA F 15 9.08 -2.43 24.05
CA ALA F 15 9.16 -3.90 24.10
C ALA F 15 7.91 -4.45 24.76
N LEU F 16 7.57 -3.92 25.92
CA LEU F 16 6.35 -4.32 26.63
C LEU F 16 5.10 -4.16 25.75
N LEU F 17 5.04 -3.07 24.98
CA LEU F 17 3.88 -2.77 24.17
C LEU F 17 3.90 -3.64 22.92
N ASP F 18 5.09 -4.13 22.57
CA ASP F 18 5.29 -5.01 21.44
C ASP F 18 5.12 -6.48 21.76
N SER F 19 4.95 -6.82 23.03
CA SER F 19 4.73 -8.21 23.41
C SER F 19 3.24 -8.56 23.23
N SER F 20 2.88 -9.80 23.56
CA SER F 20 1.50 -10.28 23.41
C SER F 20 0.86 -10.40 24.78
N ARG F 21 1.40 -9.66 25.75
CA ARG F 21 0.98 -9.73 27.13
C ARG F 21 0.54 -8.36 27.56
N CYS F 22 -0.24 -8.30 28.62
CA CYS F 22 -0.44 -7.04 29.31
C CYS F 22 0.19 -7.06 30.71
N TYR F 23 0.32 -5.88 31.28
CA TYR F 23 1.14 -5.68 32.49
C TYR F 23 0.43 -4.69 33.40
N HIS F 24 0.45 -5.01 34.68
CA HIS F 24 -0.09 -4.15 35.72
C HIS F 24 0.95 -3.20 36.33
N THR F 25 0.64 -1.91 36.35
CA THR F 25 1.59 -0.89 36.81
C THR F 25 1.78 -0.98 38.31
N ALA F 26 2.99 -0.67 38.80
CA ALA F 26 3.15 -0.18 40.14
C ALA F 26 2.93 1.35 40.21
N SER F 27 2.32 1.78 41.30
CA SER F 27 2.29 3.19 41.69
C SER F 27 3.71 3.67 42.17
N VAL F 28 4.31 4.53 41.34
CA VAL F 28 5.68 5.06 41.51
C VAL F 28 5.53 6.61 41.51
N PHE F 29 5.66 7.20 42.70
CA PHE F 29 5.34 8.61 42.93
C PHE F 29 6.54 9.40 43.45
N ASP F 30 7.60 8.69 43.85
CA ASP F 30 8.84 9.29 44.36
C ASP F 30 10.02 8.34 44.20
N PRO F 31 11.26 8.79 44.49
CA PRO F 31 12.45 7.92 44.33
C PRO F 31 12.41 6.59 45.13
N MET F 32 11.98 6.64 46.37
CA MET F 32 11.88 5.46 47.18
C MET F 32 10.86 4.44 46.60
N SER F 33 9.71 4.92 46.12
CA SER F 33 8.73 4.01 45.45
C SER F 33 9.20 3.42 44.10
N ALA F 34 9.96 4.21 43.35
CA ALA F 34 10.64 3.70 42.14
C ALA F 34 11.61 2.58 42.43
N ARG F 35 12.43 2.75 43.46
CA ARG F 35 13.39 1.74 43.80
C ARG F 35 12.73 0.44 44.34
N ILE F 36 11.67 0.58 45.14
CA ILE F 36 10.88 -0.56 45.60
C ILE F 36 10.25 -1.35 44.42
N ALA F 37 9.60 -0.64 43.50
CA ALA F 37 8.95 -1.23 42.33
C ALA F 37 9.92 -2.00 41.48
N ALA F 38 11.07 -1.40 41.18
CA ALA F 38 12.11 -2.09 40.43
C ALA F 38 12.68 -3.33 41.17
N ASP F 39 12.91 -3.22 42.48
CA ASP F 39 13.37 -4.36 43.31
C ASP F 39 12.37 -5.55 43.24
N LEU F 40 11.08 -5.24 43.24
CA LEU F 40 9.99 -6.21 43.20
C LEU F 40 9.78 -6.86 41.80
N GLY F 41 10.34 -6.24 40.77
CA GLY F 41 10.43 -6.84 39.46
C GLY F 41 9.31 -6.32 38.64
N PHE F 42 8.65 -5.25 39.08
CA PHE F 42 7.62 -4.65 38.23
C PHE F 42 8.20 -4.21 36.89
N GLU F 43 7.47 -4.42 35.79
CA GLU F 43 7.90 -4.05 34.45
C GLU F 43 7.74 -2.55 34.22
N CYS F 44 6.70 -1.97 34.82
CA CYS F 44 6.49 -0.53 34.69
C CYS F 44 5.79 0.08 35.89
N GLY F 45 5.81 1.40 35.94
CA GLY F 45 5.24 2.20 37.03
C GLY F 45 4.47 3.37 36.46
N ILE F 46 3.64 3.97 37.29
CA ILE F 46 2.76 5.09 36.90
C ILE F 46 2.88 6.17 37.98
N LEU F 47 3.21 7.38 37.54
CA LEU F 47 3.13 8.60 38.36
C LEU F 47 1.77 9.28 38.09
N GLY F 48 0.83 9.20 39.04
CA GLY F 48 -0.48 9.83 38.87
C GLY F 48 -0.56 11.27 39.33
N GLY F 49 -1.30 12.11 38.58
CA GLY F 49 -1.53 13.52 38.91
C GLY F 49 -2.19 13.72 40.28
N SER F 50 -3.09 12.79 40.64
CA SER F 50 -3.82 12.87 41.92
C SER F 50 -2.87 12.63 43.08
N VAL F 51 -1.90 11.73 42.87
CA VAL F 51 -0.95 11.40 43.94
C VAL F 51 0.04 12.60 44.09
N ALA F 52 0.49 13.15 42.96
CA ALA F 52 1.35 14.37 43.00
C ALA F 52 0.70 15.51 43.81
N SER F 53 -0.59 15.76 43.55
CA SER F 53 -1.39 16.74 44.25
C SER F 53 -1.46 16.49 45.76
N LEU F 54 -1.54 15.23 46.16
CA LEU F 54 -1.44 14.87 47.62
C LEU F 54 -0.06 15.17 48.19
N GLN F 55 1.00 14.72 47.50
CA GLN F 55 2.34 14.92 48.04
C GLN F 55 2.72 16.41 48.05
N VAL F 56 2.31 17.19 47.06
CA VAL F 56 2.86 18.56 46.91
C VAL F 56 2.03 19.49 47.77
N LEU F 57 0.72 19.24 47.72
CA LEU F 57 -0.27 20.18 48.24
C LEU F 57 -1.25 19.68 49.35
N ALA F 58 -1.30 18.37 49.62
CA ALA F 58 -2.44 17.77 50.39
C ALA F 58 -3.79 18.24 49.79
N ALA F 59 -3.88 18.24 48.46
CA ALA F 59 -5.06 18.77 47.75
C ALA F 59 -5.74 17.66 46.93
N PRO F 60 -7.04 17.83 46.64
CA PRO F 60 -7.67 16.84 45.72
C PRO F 60 -7.18 16.98 44.27
N ASP F 61 -7.67 16.10 43.42
CA ASP F 61 -7.20 16.03 42.05
C ASP F 61 -7.99 17.06 41.23
N PHE F 62 -7.78 18.34 41.55
CA PHE F 62 -8.49 19.46 40.89
C PHE F 62 -7.63 20.30 39.99
N ALA F 63 -6.47 19.79 39.54
CA ALA F 63 -5.53 20.57 38.72
C ALA F 63 -5.06 21.89 39.42
N LEU F 64 -4.70 21.79 40.70
CA LEU F 64 -4.15 22.92 41.43
C LEU F 64 -2.59 22.92 41.44
N ILE F 65 -2.01 21.75 41.23
CA ILE F 65 -0.57 21.60 41.04
CA ILE F 65 -0.58 21.56 40.98
C ILE F 65 -0.18 22.31 39.73
N THR F 66 0.98 22.94 39.74
CA THR F 66 1.46 23.60 38.51
C THR F 66 2.25 22.57 37.69
N LEU F 67 2.46 22.85 36.41
CA LEU F 67 3.20 21.91 35.58
C LEU F 67 4.63 21.70 36.16
N SER F 68 5.23 22.78 36.66
CA SER F 68 6.59 22.74 37.28
C SER F 68 6.59 21.82 38.53
N GLU F 69 5.54 21.91 39.33
CA GLU F 69 5.45 21.03 40.48
C GLU F 69 5.36 19.54 40.11
N PHE F 70 4.51 19.23 39.14
CA PHE F 70 4.45 17.87 38.56
C PHE F 70 5.73 17.33 37.96
N VAL F 71 6.40 18.16 37.17
CA VAL F 71 7.71 17.88 36.60
C VAL F 71 8.79 17.67 37.68
N GLU F 72 8.71 18.42 38.79
CA GLU F 72 9.64 18.25 39.93
C GLU F 72 9.49 16.85 40.49
N GLN F 73 8.26 16.45 40.67
CA GLN F 73 7.97 15.05 41.11
C GLN F 73 8.52 13.97 40.23
N ALA F 74 8.33 14.13 38.90
CA ALA F 74 8.89 13.20 37.90
C ALA F 74 10.41 13.28 37.79
N THR F 75 10.94 14.50 37.87
CA THR F 75 12.35 14.67 37.94
C THR F 75 12.95 13.87 39.11
N ARG F 76 12.36 13.96 40.31
CA ARG F 76 12.89 13.21 41.42
C ARG F 76 12.91 11.69 41.08
N ILE F 77 11.88 11.19 40.44
CA ILE F 77 11.79 9.77 40.06
C ILE F 77 12.81 9.39 38.96
N GLY F 78 13.02 10.29 38.02
CA GLY F 78 13.90 10.00 36.86
C GLY F 78 15.37 9.84 37.29
N ARG F 79 15.72 10.34 38.48
CA ARG F 79 17.11 10.25 38.95
C ARG F 79 17.49 8.80 39.33
N VAL F 80 16.48 8.03 39.75
CA VAL F 80 16.71 6.67 40.28
C VAL F 80 16.07 5.49 39.43
N ALA F 81 15.04 5.79 38.66
CA ALA F 81 14.22 4.75 38.01
C ALA F 81 15.02 3.75 37.16
N ARG F 82 14.83 2.47 37.49
CA ARG F 82 15.31 1.34 36.70
C ARG F 82 14.17 0.62 35.94
N LEU F 83 12.94 1.10 36.07
CA LEU F 83 11.82 0.61 35.29
C LEU F 83 11.21 1.79 34.56
N PRO F 84 10.62 1.53 33.39
CA PRO F 84 9.93 2.62 32.74
C PRO F 84 8.70 3.12 33.54
N VAL F 85 8.54 4.46 33.54
CA VAL F 85 7.48 5.11 34.30
C VAL F 85 6.62 5.94 33.36
N ILE F 86 5.31 5.78 33.52
CA ILE F 86 4.33 6.55 32.77
C ILE F 86 3.90 7.75 33.59
N ALA F 87 3.87 8.91 32.95
CA ALA F 87 3.39 10.09 33.63
C ALA F 87 1.97 10.42 33.20
N ASP F 88 1.08 10.54 34.18
CA ASP F 88 -0.24 11.12 33.92
C ASP F 88 -0.18 12.67 33.89
N ALA F 89 -0.17 13.21 32.66
CA ALA F 89 0.03 14.62 32.41
C ALA F 89 -1.27 15.42 32.18
N ASP F 90 -2.36 14.91 32.74
CA ASP F 90 -3.70 15.49 32.74
C ASP F 90 -4.04 15.97 31.32
N HIS F 91 -4.49 17.20 31.22
CA HIS F 91 -4.83 17.84 29.96
C HIS F 91 -3.64 18.52 29.29
N GLY F 92 -2.43 18.30 29.81
CA GLY F 92 -1.26 19.01 29.26
C GLY F 92 -1.11 20.42 29.80
N TYR F 93 -1.81 20.71 30.89
CA TYR F 93 -1.63 21.97 31.63
C TYR F 93 -1.94 23.26 30.86
N GLY F 94 -3.00 23.22 30.05
CA GLY F 94 -3.44 24.39 29.30
C GLY F 94 -3.88 23.93 27.92
N ASN F 95 -3.54 24.71 26.91
CA ASN F 95 -3.96 24.44 25.55
C ASN F 95 -2.93 23.62 24.81
N ALA F 96 -3.08 23.50 23.49
CA ALA F 96 -2.14 22.73 22.65
C ALA F 96 -0.70 23.22 22.75
N LEU F 97 -0.50 24.54 22.93
CA LEU F 97 0.86 25.13 23.00
C LEU F 97 1.49 24.86 24.36
N ASN F 98 0.65 24.85 25.41
CA ASN F 98 1.02 24.35 26.74
C ASN F 98 1.31 22.88 26.82
N VAL F 99 0.62 22.08 26.00
CA VAL F 99 0.88 20.64 25.82
C VAL F 99 2.31 20.44 25.34
N MET F 100 2.78 21.21 24.37
CA MET F 100 4.16 21.09 23.92
C MET F 100 5.16 21.22 25.10
N ARG F 101 4.90 22.18 25.99
CA ARG F 101 5.72 22.39 27.20
C ARG F 101 5.66 21.19 28.12
N THR F 102 4.46 20.65 28.31
CA THR F 102 4.29 19.45 29.15
C THR F 102 5.18 18.29 28.67
N VAL F 103 5.17 18.03 27.36
CA VAL F 103 5.99 16.97 26.74
C VAL F 103 7.49 17.25 26.91
N VAL F 104 7.93 18.47 26.57
CA VAL F 104 9.34 18.81 26.72
C VAL F 104 9.78 18.61 28.18
N GLU F 105 9.07 19.24 29.10
CA GLU F 105 9.41 19.12 30.55
C GLU F 105 9.51 17.67 31.04
N LEU F 106 8.52 16.86 30.71
CA LEU F 106 8.43 15.50 31.21
C LEU F 106 9.38 14.54 30.51
N GLU F 107 9.60 14.72 29.20
CA GLU F 107 10.61 13.96 28.48
C GLU F 107 12.02 14.29 29.03
N ARG F 108 12.27 15.57 29.28
CA ARG F 108 13.55 15.94 29.88
C ARG F 108 13.67 15.31 31.29
N ALA F 109 12.61 15.40 32.11
CA ALA F 109 12.65 14.76 33.45
C ALA F 109 12.94 13.25 33.43
N GLY F 110 12.64 12.59 32.31
CA GLY F 110 13.15 11.27 32.03
C GLY F 110 12.05 10.21 31.97
N ILE F 111 10.83 10.68 31.86
CA ILE F 111 9.64 9.81 31.72
C ILE F 111 9.70 8.90 30.44
N ALA F 112 9.15 7.67 30.52
CA ALA F 112 9.12 6.73 29.37
C ALA F 112 7.89 6.90 28.44
N ALA F 113 6.79 7.36 29.01
CA ALA F 113 5.53 7.53 28.31
C ALA F 113 4.70 8.50 29.15
N LEU F 114 3.83 9.27 28.48
CA LEU F 114 2.93 10.14 29.16
C LEU F 114 1.48 10.07 28.60
N THR F 115 0.50 10.44 29.39
CA THR F 115 -0.87 10.50 28.85
C THR F 115 -1.36 11.94 28.74
N ILE F 116 -2.05 12.24 27.63
CA ILE F 116 -2.82 13.48 27.54
C ILE F 116 -4.33 13.13 27.39
N GLU F 117 -5.12 13.55 28.37
CA GLU F 117 -6.56 13.32 28.32
C GLU F 117 -7.29 14.50 27.68
N ASP F 118 -8.52 14.24 27.26
CA ASP F 118 -9.31 15.27 26.59
C ASP F 118 -10.28 15.99 27.51
N THR F 119 -10.21 15.72 28.81
CA THR F 119 -11.02 16.44 29.78
C THR F 119 -10.75 17.95 29.71
N LEU F 120 -11.81 18.73 29.94
CA LEU F 120 -11.68 20.17 30.03
C LEU F 120 -11.29 20.58 31.44
N LEU F 121 -10.09 21.15 31.58
CA LEU F 121 -9.51 21.40 32.91
C LEU F 121 -8.91 22.79 32.92
N PRO F 122 -8.94 23.50 34.08
CA PRO F 122 -9.61 23.08 35.31
C PRO F 122 -11.15 23.22 35.21
N ALA F 123 -11.86 22.78 36.25
CA ALA F 123 -13.29 23.03 36.40
C ALA F 123 -13.66 24.46 35.93
N GLN F 124 -14.61 24.51 34.98
CA GLN F 124 -15.21 25.74 34.47
C GLN F 124 -16.26 26.35 35.43
N PHE F 125 -16.34 27.68 35.44
CA PHE F 125 -17.33 28.39 36.26
C PHE F 125 -18.77 28.04 35.81
N GLY F 126 -19.66 27.84 36.78
CA GLY F 126 -21.08 27.53 36.51
C GLY F 126 -21.37 26.19 35.86
N ARG F 127 -20.37 25.32 35.78
CA ARG F 127 -20.56 23.96 35.28
C ARG F 127 -20.19 22.94 36.35
N LYS F 128 -21.23 22.42 37.02
CA LYS F 128 -21.08 21.41 38.09
C LYS F 128 -20.50 20.09 37.58
N SER F 129 -20.53 19.90 36.27
CA SER F 129 -20.20 18.61 35.62
C SER F 129 -18.76 18.52 35.07
N THR F 130 -18.37 17.30 34.67
CA THR F 130 -17.07 17.01 34.03
C THR F 130 -17.21 16.87 32.51
N ASP F 131 -16.61 17.79 31.78
CA ASP F 131 -16.82 17.86 30.34
C ASP F 131 -15.58 17.55 29.52
N LEU F 132 -15.77 17.15 28.27
CA LEU F 132 -14.64 16.97 27.37
C LEU F 132 -14.55 18.15 26.43
N ILE F 133 -13.32 18.45 26.03
CA ILE F 133 -13.05 19.37 24.95
C ILE F 133 -13.48 18.68 23.64
N CYS F 134 -13.78 19.45 22.61
CA CYS F 134 -14.15 18.87 21.33
C CYS F 134 -13.02 18.00 20.76
N VAL F 135 -13.41 17.01 19.95
CA VAL F 135 -12.49 16.06 19.33
C VAL F 135 -11.42 16.73 18.45
N GLU F 136 -11.78 17.86 17.83
CA GLU F 136 -10.88 18.65 17.00
C GLU F 136 -9.77 19.25 17.87
N GLU F 137 -10.16 19.78 19.04
CA GLU F 137 -9.20 20.34 19.98
C GLU F 137 -8.31 19.20 20.51
N GLY F 138 -8.94 18.07 20.85
CA GLY F 138 -8.27 16.85 21.26
C GLY F 138 -7.21 16.36 20.29
N VAL F 139 -7.54 16.37 19.00
CA VAL F 139 -6.63 15.98 17.92
C VAL F 139 -5.47 16.95 17.80
N GLY F 140 -5.76 18.23 17.96
CA GLY F 140 -4.74 19.26 17.91
C GLY F 140 -3.72 19.11 19.04
N LYS F 141 -4.19 18.70 20.23
CA LYS F 141 -3.34 18.52 21.41
C LYS F 141 -2.44 17.28 21.28
N ILE F 142 -2.99 16.17 20.79
CA ILE F 142 -2.19 14.95 20.46
C ILE F 142 -1.14 15.22 19.41
N ARG F 143 -1.51 15.99 18.40
CA ARG F 143 -0.60 16.34 17.33
C ARG F 143 0.52 17.28 17.82
N ALA F 144 0.15 18.27 18.66
CA ALA F 144 1.07 19.17 19.38
C ALA F 144 2.11 18.38 20.18
N ALA F 145 1.61 17.42 20.95
CA ALA F 145 2.44 16.53 21.80
C ALA F 145 3.47 15.76 20.95
N LEU F 146 3.00 15.25 19.81
CA LEU F 146 3.83 14.45 18.93
C LEU F 146 4.91 15.29 18.28
N GLU F 147 4.55 16.53 17.96
CA GLU F 147 5.53 17.51 17.48
C GLU F 147 6.62 17.85 18.52
N ALA F 148 6.21 18.02 19.77
CA ALA F 148 7.11 18.43 20.86
C ALA F 148 8.11 17.33 21.31
N ARG F 149 7.82 16.07 20.99
CA ARG F 149 8.72 14.96 21.33
C ARG F 149 10.07 15.09 20.61
N VAL F 150 11.16 14.91 21.35
CA VAL F 150 12.49 14.86 20.75
C VAL F 150 12.91 13.42 20.48
N ASP F 151 12.98 12.62 21.56
CA ASP F 151 13.38 11.23 21.52
C ASP F 151 12.16 10.50 20.96
N PRO F 152 12.26 9.90 19.75
CA PRO F 152 11.09 9.21 19.16
C PRO F 152 10.62 7.96 19.95
N ALA F 153 11.44 7.45 20.86
CA ALA F 153 11.10 6.30 21.71
C ALA F 153 10.09 6.66 22.85
N LEU F 154 9.99 7.96 23.20
CA LEU F 154 8.96 8.41 24.16
C LEU F 154 7.57 8.04 23.62
N THR F 155 6.77 7.38 24.44
CA THR F 155 5.44 6.95 24.01
C THR F 155 4.37 7.98 24.41
N ILE F 156 3.68 8.54 23.42
CA ILE F 156 2.58 9.47 23.71
C ILE F 156 1.23 8.73 23.67
N ILE F 157 0.46 8.85 24.73
CA ILE F 157 -0.82 8.16 24.83
C ILE F 157 -1.98 9.16 24.99
N ALA F 158 -2.92 9.08 24.05
CA ALA F 158 -4.16 9.83 24.10
C ALA F 158 -5.16 9.12 25.01
N ARG F 159 -5.65 9.83 26.01
CA ARG F 159 -6.55 9.28 26.98
C ARG F 159 -7.96 9.90 26.80
N THR F 160 -9.00 9.08 26.97
CA THR F 160 -10.38 9.59 26.95
C THR F 160 -11.23 8.92 28.02
N ASN F 161 -12.41 9.47 28.29
CA ASN F 161 -13.32 8.96 29.31
C ASN F 161 -14.57 8.26 28.74
N ALA F 162 -14.53 6.93 28.66
CA ALA F 162 -15.62 6.10 28.09
C ALA F 162 -16.98 6.22 28.82
N GLU F 163 -16.97 6.85 29.99
CA GLU F 163 -18.14 6.93 30.85
C GLU F 163 -18.87 8.28 30.78
N LEU F 164 -18.16 9.34 30.38
CA LEU F 164 -18.79 10.63 30.17
C LEU F 164 -19.73 10.57 28.96
N ILE F 165 -19.23 9.97 27.88
CA ILE F 165 -19.86 10.02 26.55
C ILE F 165 -20.33 8.62 26.09
N ASP F 166 -20.99 8.56 24.93
CA ASP F 166 -21.49 7.29 24.39
C ASP F 166 -20.48 6.58 23.47
N VAL F 167 -20.62 5.26 23.37
CA VAL F 167 -19.59 4.44 22.75
C VAL F 167 -19.23 4.82 21.32
N ASP F 168 -20.19 5.37 20.57
CA ASP F 168 -19.89 5.76 19.19
C ASP F 168 -19.05 7.04 19.14
N ALA F 169 -19.18 7.88 20.18
CA ALA F 169 -18.38 9.09 20.32
C ALA F 169 -16.94 8.73 20.72
N VAL F 170 -16.82 7.82 21.69
CA VAL F 170 -15.53 7.25 22.11
C VAL F 170 -14.76 6.62 20.93
N ILE F 171 -15.46 5.84 20.10
CA ILE F 171 -14.84 5.23 18.90
C ILE F 171 -14.30 6.35 18.00
N GLN F 172 -15.13 7.36 17.81
CA GLN F 172 -14.82 8.54 17.01
C GLN F 172 -13.54 9.18 17.49
N ARG F 173 -13.48 9.54 18.78
CA ARG F 173 -12.29 10.16 19.41
C ARG F 173 -11.04 9.30 19.28
N THR F 174 -11.12 8.06 19.79
CA THR F 174 -10.00 7.12 19.71
C THR F 174 -9.48 6.88 18.29
N LEU F 175 -10.37 6.73 17.29
CA LEU F 175 -9.93 6.63 15.88
C LEU F 175 -9.23 7.90 15.38
N ALA F 176 -9.82 9.03 15.72
CA ALA F 176 -9.24 10.32 15.42
C ALA F 176 -7.83 10.49 16.03
N TYR F 177 -7.65 10.07 17.28
CA TYR F 177 -6.34 10.16 17.98
C TYR F 177 -5.38 9.18 17.40
N GLN F 178 -5.89 8.00 17.04
CA GLN F 178 -5.10 6.99 16.37
C GLN F 178 -4.60 7.58 15.06
N GLU F 179 -5.54 8.19 14.31
CA GLU F 179 -5.24 8.84 13.03
C GLU F 179 -4.24 9.97 13.22
N ALA F 180 -4.37 10.70 14.32
CA ALA F 180 -3.44 11.79 14.67
C ALA F 180 -1.96 11.38 14.90
N GLY F 181 -1.72 10.11 15.19
CA GLY F 181 -0.36 9.58 15.36
C GLY F 181 -0.06 9.04 16.77
N ALA F 182 -1.07 9.07 17.65
CA ALA F 182 -0.92 8.59 19.05
C ALA F 182 -0.29 7.19 19.09
N ASP F 183 0.56 6.95 20.08
CA ASP F 183 1.26 5.68 20.14
C ASP F 183 0.37 4.63 20.80
N GLY F 184 -0.63 5.12 21.49
CA GLY F 184 -1.48 4.28 22.29
C GLY F 184 -2.71 5.03 22.74
N ILE F 185 -3.67 4.26 23.25
CA ILE F 185 -4.91 4.84 23.77
C ILE F 185 -5.05 4.38 25.20
N CYS F 186 -5.43 5.32 26.07
CA CYS F 186 -5.71 5.04 27.46
C CYS F 186 -7.19 5.28 27.70
N LEU F 187 -7.81 4.38 28.42
CA LEU F 187 -9.27 4.44 28.62
C LEU F 187 -9.68 4.40 30.09
N VAL F 188 -10.44 5.42 30.48
CA VAL F 188 -11.02 5.46 31.80
C VAL F 188 -12.51 5.24 31.56
N GLY F 189 -13.13 4.36 32.35
CA GLY F 189 -14.59 4.19 32.31
C GLY F 189 -15.18 3.05 31.51
N VAL F 190 -14.34 2.25 30.87
CA VAL F 190 -14.78 1.03 30.18
C VAL F 190 -15.52 0.11 31.16
N ARG F 191 -16.71 -0.38 30.75
CA ARG F 191 -17.63 -1.09 31.66
C ARG F 191 -17.36 -2.59 31.75
N ASP F 192 -17.17 -3.22 30.60
CA ASP F 192 -16.97 -4.67 30.53
C ASP F 192 -16.32 -5.08 29.23
N PHE F 193 -16.29 -6.39 29.02
CA PHE F 193 -15.67 -6.92 27.82
C PHE F 193 -16.42 -6.63 26.53
N ALA F 194 -17.76 -6.51 26.62
CA ALA F 194 -18.57 -6.07 25.47
C ALA F 194 -18.25 -4.62 25.09
N HIS F 195 -18.18 -3.76 26.10
CA HIS F 195 -17.77 -2.37 25.92
C HIS F 195 -16.36 -2.22 25.29
N LEU F 196 -15.41 -2.97 25.83
CA LEU F 196 -14.03 -2.99 25.33
C LEU F 196 -13.88 -3.43 23.87
N GLU F 197 -14.53 -4.54 23.53
CA GLU F 197 -14.52 -5.15 22.19
C GLU F 197 -14.90 -4.14 21.10
N ALA F 198 -15.90 -3.31 21.42
CA ALA F 198 -16.43 -2.34 20.48
C ALA F 198 -15.49 -1.16 20.31
N ILE F 199 -14.80 -0.76 21.38
CA ILE F 199 -13.82 0.33 21.30
C ILE F 199 -12.54 -0.18 20.61
N ALA F 200 -12.13 -1.39 20.99
CA ALA F 200 -10.93 -2.06 20.49
C ALA F 200 -11.01 -2.55 19.04
N GLU F 201 -12.22 -2.71 18.51
CA GLU F 201 -12.42 -3.25 17.17
C GLU F 201 -11.59 -2.55 16.10
N HIS F 202 -11.67 -1.23 16.05
CA HIS F 202 -11.01 -0.47 15.00
C HIS F 202 -9.67 0.20 15.38
N LEU F 203 -9.12 -0.19 16.52
CA LEU F 203 -7.81 0.31 16.97
C LEU F 203 -6.72 -0.76 16.84
N HIS F 204 -5.57 -0.37 16.30
CA HIS F 204 -4.45 -1.30 16.14
C HIS F 204 -3.16 -0.76 16.82
N ILE F 205 -3.36 0.15 17.77
CA ILE F 205 -2.31 0.67 18.64
C ILE F 205 -2.53 0.09 20.07
N PRO F 206 -1.44 -0.06 20.88
CA PRO F 206 -1.63 -0.66 22.20
C PRO F 206 -2.61 0.14 23.02
N LEU F 207 -3.34 -0.52 23.93
CA LEU F 207 -4.29 0.19 24.78
C LEU F 207 -3.87 0.05 26.23
N MET F 208 -4.32 1.03 27.00
CA MET F 208 -4.00 1.15 28.41
C MET F 208 -5.33 1.37 29.07
N LEU F 209 -5.54 0.66 30.18
CA LEU F 209 -6.79 0.75 30.90
C LEU F 209 -6.58 1.19 32.36
N VAL F 210 -7.30 2.23 32.76
CA VAL F 210 -7.40 2.64 34.15
C VAL F 210 -8.73 2.07 34.64
N THR F 211 -8.63 0.98 35.41
CA THR F 211 -9.79 0.16 35.68
C THR F 211 -10.45 0.38 37.03
N TYR F 212 -9.68 0.89 38.00
CA TYR F 212 -10.16 1.02 39.37
C TYR F 212 -10.73 -0.31 39.89
N GLY F 213 -9.96 -1.38 39.69
CA GLY F 213 -10.31 -2.71 40.18
C GLY F 213 -11.61 -3.31 39.69
N ASN F 214 -12.03 -2.90 38.48
CA ASN F 214 -13.28 -3.35 37.85
C ASN F 214 -13.34 -4.88 37.74
N PRO F 215 -14.30 -5.52 38.46
CA PRO F 215 -14.45 -6.98 38.43
C PRO F 215 -14.87 -7.55 37.08
N GLN F 216 -15.45 -6.70 36.21
CA GLN F 216 -15.94 -7.12 34.90
C GLN F 216 -14.86 -7.14 33.82
N LEU F 217 -13.64 -6.71 34.15
CA LEU F 217 -12.53 -6.65 33.18
C LEU F 217 -11.31 -7.50 33.58
N ARG F 218 -11.56 -8.69 34.11
CA ARG F 218 -10.52 -9.46 34.80
C ARG F 218 -10.00 -10.72 34.13
N ASP F 219 -9.75 -10.69 32.83
CA ASP F 219 -9.00 -11.76 32.20
C ASP F 219 -7.83 -11.14 31.44
N ASP F 220 -6.63 -11.28 31.97
CA ASP F 220 -5.44 -10.68 31.35
C ASP F 220 -5.17 -11.24 29.95
N ALA F 221 -5.50 -12.52 29.76
CA ALA F 221 -5.31 -13.21 28.49
C ALA F 221 -6.24 -12.57 27.48
N ARG F 222 -7.43 -12.22 27.96
CA ARG F 222 -8.50 -11.70 27.13
C ARG F 222 -8.28 -10.24 26.84
N LEU F 223 -7.78 -9.52 27.85
CA LEU F 223 -7.40 -8.12 27.70
C LEU F 223 -6.29 -8.00 26.65
N ALA F 224 -5.31 -8.91 26.70
CA ALA F 224 -4.16 -8.86 25.78
C ALA F 224 -4.48 -9.19 24.32
N ARG F 225 -5.37 -10.16 24.09
CA ARG F 225 -5.90 -10.43 22.74
C ARG F 225 -6.73 -9.26 22.18
N LEU F 226 -7.32 -8.45 23.06
CA LEU F 226 -8.01 -7.24 22.63
C LEU F 226 -7.03 -6.05 22.42
N GLY F 227 -5.76 -6.31 22.69
CA GLY F 227 -4.69 -5.36 22.37
C GLY F 227 -4.29 -4.47 23.52
N VAL F 228 -4.92 -4.63 24.68
CA VAL F 228 -4.45 -3.89 25.87
C VAL F 228 -3.14 -4.45 26.42
N ARG F 229 -2.23 -3.50 26.71
CA ARG F 229 -0.85 -3.79 27.08
C ARG F 229 -0.48 -3.36 28.52
N VAL F 230 -1.26 -2.42 29.06
CA VAL F 230 -0.97 -1.79 30.35
C VAL F 230 -2.26 -1.64 31.12
N VAL F 231 -2.27 -2.20 32.33
CA VAL F 231 -3.39 -1.96 33.24
C VAL F 231 -2.96 -1.21 34.51
N VAL F 232 -3.66 -0.11 34.80
CA VAL F 232 -3.38 0.73 35.96
C VAL F 232 -4.31 0.33 37.11
N ASN F 233 -3.73 -0.32 38.10
CA ASN F 233 -4.48 -0.74 39.29
C ASN F 233 -5.16 0.45 39.98
N GLY F 234 -4.33 1.45 40.32
CA GLY F 234 -4.75 2.57 41.16
C GLY F 234 -3.56 2.93 42.05
N HIS F 235 -3.83 3.55 43.19
CA HIS F 235 -2.78 4.13 44.04
C HIS F 235 -2.89 3.80 45.52
N ALA F 236 -3.41 2.59 45.81
CA ALA F 236 -3.46 2.02 47.14
C ALA F 236 -2.12 2.08 47.88
N ALA F 237 -1.00 1.93 47.16
CA ALA F 237 0.32 1.95 47.82
C ALA F 237 0.67 3.31 48.47
N TYR F 238 0.19 4.39 47.84
CA TYR F 238 0.25 5.73 48.43
C TYR F 238 -0.64 5.92 49.66
N PHE F 239 -1.95 5.60 49.56
CA PHE F 239 -2.84 5.67 50.71
C PHE F 239 -2.32 4.87 51.89
N ALA F 240 -1.63 3.77 51.59
CA ALA F 240 -1.14 2.91 52.67
C ALA F 240 -0.03 3.61 53.49
N ALA F 241 0.81 4.37 52.79
CA ALA F 241 1.89 5.18 53.38
C ALA F 241 1.28 6.20 54.36
N ILE F 242 0.28 6.93 53.86
CA ILE F 242 -0.46 7.93 54.64
C ILE F 242 -1.05 7.34 55.93
N LYS F 243 -1.66 6.15 55.82
CA LYS F 243 -2.24 5.51 57.00
C LYS F 243 -1.19 5.08 58.00
N ALA F 244 -0.05 4.56 57.53
CA ALA F 244 1.04 4.18 58.45
C ALA F 244 1.67 5.36 59.16
N THR F 245 1.87 6.47 58.46
CA THR F 245 2.32 7.72 59.12
C THR F 245 1.28 8.13 60.18
N TYR F 246 -0.01 8.10 59.80
CA TYR F 246 -1.11 8.37 60.76
C TYR F 246 -1.06 7.46 61.98
N ASP F 247 -1.02 6.14 61.76
CA ASP F 247 -0.95 5.16 62.86
C ASP F 247 0.32 5.27 63.69
N CYS F 248 1.45 5.58 63.05
CA CYS F 248 2.70 5.73 63.81
C CYS F 248 2.54 6.95 64.71
N LEU F 249 2.08 8.06 64.14
CA LEU F 249 2.03 9.31 64.92
C LEU F 249 1.02 9.22 66.07
N ARG F 250 -0.15 8.64 65.75
CA ARG F 250 -1.27 8.45 66.69
C ARG F 250 -0.83 7.58 67.88
N GLU F 251 0.05 6.62 67.62
CA GLU F 251 0.53 5.78 68.69
C GLU F 251 1.59 6.46 69.55
N GLU F 252 2.29 7.43 68.97
CA GLU F 252 3.29 8.18 69.71
C GLU F 252 2.57 9.12 70.67
N ARG F 253 1.50 9.69 70.17
CA ARG F 253 0.76 10.67 70.88
C ARG F 253 -0.01 10.04 72.05
N GLY F 254 -0.19 8.71 71.99
CA GLY F 254 -1.10 8.04 72.89
C GLY F 254 -2.56 8.27 72.53
N ALA F 255 -2.83 8.90 71.38
CA ALA F 255 -4.21 9.22 70.95
C ALA F 255 -5.04 8.02 70.48
N VAL F 256 -6.31 8.31 70.15
CA VAL F 256 -7.31 7.27 69.80
C VAL F 256 -7.37 6.93 68.28
N ALA F 257 -7.39 5.63 67.99
CA ALA F 257 -7.39 5.08 66.61
C ALA F 257 -8.61 5.49 65.78
N SER F 258 -8.48 5.34 64.47
CA SER F 258 -9.45 5.93 63.55
C SER F 258 -10.33 4.83 62.96
N ASP F 259 -11.62 5.13 62.82
CA ASP F 259 -12.58 4.21 62.18
C ASP F 259 -12.30 4.13 60.67
N LEU F 260 -11.48 5.08 60.17
CA LEU F 260 -11.26 5.32 58.74
C LEU F 260 -10.31 4.34 58.04
N THR F 261 -10.66 3.99 56.80
CA THR F 261 -9.76 3.25 55.90
C THR F 261 -8.56 4.10 55.39
N ALA F 262 -7.59 3.43 54.76
CA ALA F 262 -6.44 4.11 54.19
C ALA F 262 -6.83 5.14 53.15
N SER F 263 -7.79 4.81 52.27
CA SER F 263 -8.31 5.73 51.27
C SER F 263 -9.10 6.88 51.90
N GLU F 264 -9.81 6.55 52.96
CA GLU F 264 -10.67 7.52 53.64
C GLU F 264 -9.81 8.55 54.36
N LEU F 265 -8.85 8.05 55.11
CA LEU F 265 -7.85 8.84 55.78
C LEU F 265 -7.13 9.83 54.80
N SER F 266 -6.62 9.35 53.66
CA SER F 266 -6.01 10.23 52.66
C SER F 266 -6.95 11.34 52.21
N LYS F 267 -8.19 10.97 51.87
CA LYS F 267 -9.16 11.97 51.39
C LYS F 267 -9.43 13.01 52.48
N LYS F 268 -9.51 12.53 53.72
CA LYS F 268 -9.80 13.43 54.86
C LYS F 268 -8.80 14.60 54.92
N TYR F 269 -7.53 14.28 54.67
CA TYR F 269 -6.43 15.25 54.81
C TYR F 269 -6.22 16.11 53.58
N THR F 270 -7.02 15.88 52.53
CA THR F 270 -7.20 16.90 51.46
C THR F 270 -8.13 18.08 51.84
N PHE F 271 -8.72 18.07 53.04
CA PHE F 271 -9.71 19.11 53.44
C PHE F 271 -10.82 19.29 52.35
N PRO F 272 -11.43 18.19 51.89
CA PRO F 272 -12.40 18.24 50.76
C PRO F 272 -13.56 19.28 50.89
N GLU F 273 -14.07 19.45 52.11
CA GLU F 273 -15.17 20.37 52.45
C GLU F 273 -14.76 21.85 52.37
N GLU F 274 -13.49 22.16 52.65
CA GLU F 274 -13.00 23.52 52.47
C GLU F 274 -12.95 23.89 50.99
N TYR F 275 -12.41 23.01 50.15
CA TYR F 275 -12.37 23.24 48.70
C TYR F 275 -13.77 23.26 48.08
N GLN F 276 -14.66 22.42 48.59
CA GLN F 276 -16.03 22.41 48.10
C GLN F 276 -16.71 23.76 48.37
N ALA F 277 -16.57 24.29 49.59
CA ALA F 277 -17.24 25.54 49.98
C ALA F 277 -16.68 26.71 49.17
N TRP F 278 -15.37 26.65 48.87
CA TRP F 278 -14.73 27.68 48.04
C TRP F 278 -15.29 27.67 46.61
N ALA F 279 -15.45 26.48 46.04
CA ALA F 279 -16.04 26.32 44.71
C ALA F 279 -17.49 26.81 44.70
N ARG F 280 -18.23 26.49 45.76
CA ARG F 280 -19.61 26.93 45.97
C ARG F 280 -19.66 28.48 45.96
N ASP F 281 -18.92 29.08 46.88
CA ASP F 281 -18.84 30.53 47.04
C ASP F 281 -18.34 31.32 45.82
N TYR F 282 -17.39 30.75 45.07
CA TYR F 282 -16.68 31.53 44.03
C TYR F 282 -16.82 31.00 42.61
N MET F 283 -17.44 29.82 42.48
CA MET F 283 -17.60 29.19 41.16
C MET F 283 -19.04 28.76 40.81
N GLU F 284 -20.01 29.28 41.54
CA GLU F 284 -21.43 29.07 41.24
C GLU F 284 -22.10 30.44 41.12
N VAL F 285 -23.02 30.61 40.16
CA VAL F 285 -23.72 31.88 40.03
C VAL F 285 -24.46 32.29 41.33
N LYS F 286 -24.42 33.59 41.63
CA LYS F 286 -25.08 34.19 42.80
C LYS F 286 -24.49 33.66 44.10
MG MG G . -24.70 -1.95 -26.26
C1 OXL H . -24.42 1.07 -26.39
C2 OXL H . -25.51 0.89 -25.39
O1 OXL H . -23.95 0.04 -26.87
O2 OXL H . -25.92 1.81 -24.62
O3 OXL H . -23.98 2.18 -26.74
O4 OXL H . -25.96 -0.27 -25.34
C1 GOL I . -10.57 -8.38 -5.75
O1 GOL I . -10.61 -9.72 -5.36
C2 GOL I . -11.71 -8.24 -6.78
O2 GOL I . -12.67 -7.30 -6.32
C3 GOL I . -11.04 -7.67 -8.01
O3 GOL I . -12.10 -7.23 -8.79
C1 GOL J . -37.98 -14.51 -27.69
O1 GOL J . -37.09 -15.47 -27.12
C2 GOL J . -37.72 -14.17 -29.17
O2 GOL J . -37.38 -12.81 -29.39
C3 GOL J . -36.79 -15.15 -29.91
O3 GOL J . -37.03 -15.03 -31.30
MG MG K . 6.66 12.05 -29.04
C1 OXL L . 4.21 13.68 -30.44
C2 OXL L . 5.30 14.02 -31.34
O1 OXL L . 3.06 14.10 -30.68
O2 OXL L . 6.49 13.86 -30.91
O3 OXL L . 4.48 12.98 -29.44
O4 OXL L . 5.00 14.42 -32.49
C1 GOL M . 6.44 -8.67 -41.69
O1 GOL M . 7.69 -8.15 -42.00
C2 GOL M . 6.59 -9.52 -40.44
O2 GOL M . 5.45 -9.23 -39.66
C3 GOL M . 6.68 -10.99 -40.91
O3 GOL M . 7.85 -11.68 -40.45
C1 GOL N . -1.33 -9.17 -41.98
O1 GOL N . -0.02 -9.03 -41.46
C2 GOL N . -1.28 -8.81 -43.45
O2 GOL N . -0.64 -9.85 -44.14
C3 GOL N . -0.57 -7.49 -43.70
O3 GOL N . -1.10 -6.90 -44.88
MG MG O . -9.50 -27.07 -30.47
C1 OXL P . -7.18 -29.29 -30.88
C2 OXL P . -6.97 -28.70 -29.54
O1 OXL P . -6.17 -29.76 -31.48
O2 OXL P . -7.81 -27.88 -29.11
O3 OXL P . -8.35 -29.29 -31.37
O4 OXL P . -5.95 -28.99 -28.89
MG MG Q . 13.97 -10.54 -11.40
C1 OXL R . 13.62 -13.78 -11.16
C2 OXL R . 13.82 -13.43 -9.73
O1 OXL R . 13.82 -12.92 -12.05
O2 OXL R . 13.32 -14.14 -8.80
O3 OXL R . 13.28 -14.94 -11.49
O4 OXL R . 14.49 -12.40 -9.46
C1 GOL S . -7.50 -1.74 -7.66
O1 GOL S . -6.32 -2.45 -7.41
C2 GOL S . -8.01 -1.26 -6.31
O2 GOL S . -7.01 -1.40 -5.27
C3 GOL S . -8.51 0.17 -6.53
O3 GOL S . -9.41 0.60 -5.55
MG MG T . 19.99 16.30 60.31
C1 OXL U . 17.46 14.51 60.82
C2 OXL U . 17.56 15.19 62.14
O1 OXL U . 16.58 13.67 60.68
O2 OXL U . 18.71 15.66 62.46
O3 OXL U . 18.26 14.77 59.89
O4 OXL U . 16.52 15.27 62.87
C1 GOL V . 9.48 36.89 55.03
O1 GOL V . 10.31 35.85 55.45
C2 GOL V . 9.85 38.02 55.97
O2 GOL V . 9.45 37.66 57.29
C3 GOL V . 9.10 39.27 55.50
O3 GOL V . 9.94 40.40 55.41
C1 GOL W . 36.02 16.33 66.39
O1 GOL W . 34.82 15.66 66.74
C2 GOL W . 35.77 17.77 65.95
O2 GOL W . 36.33 18.67 66.90
C3 GOL W . 36.56 18.06 64.69
O3 GOL W . 37.92 17.67 64.70
MG MG X . -5.01 12.09 36.67
C1 OXL Y . -4.47 8.97 37.28
C2 OXL Y . -4.44 9.72 38.57
O1 OXL Y . -5.13 9.53 36.36
O2 OXL Y . -4.12 9.16 39.64
O3 OXL Y . -3.87 7.85 37.13
O4 OXL Y . -4.77 10.94 38.56
C1 GOL Z . 15.16 14.77 24.67
O1 GOL Z . 15.65 13.56 25.19
C2 GOL Z . 15.73 15.95 25.45
O2 GOL Z . 15.67 15.65 26.83
C3 GOL Z . 17.18 16.17 24.99
O3 GOL Z . 17.25 16.63 23.65
#